data_2L6K
#
_entry.id   2L6K
#
_entity_poly.entity_id   1
_entity_poly.type   'polypeptide(L)'
_entity_poly.pdbx_seq_one_letter_code
;MDTSKFWYKPHLSRDQAIALLKDKDPGAFLIRDSHSFQGAYGLALKVATPPPSAQPWKGDPVEQLVRHFLIETGPKGVKI
KGCPSEPYFGSLSALVSQHSISPISLPCCLRIPSKLEHHHHHH
;
_entity_poly.pdbx_strand_id   A
#
# COMPACT_ATOMS: atom_id res chain seq x y z
N MET A 1 -4.99 -18.80 0.39
CA MET A 1 -6.31 -18.40 0.86
C MET A 1 -6.21 -17.43 2.02
N ASP A 2 -6.33 -16.14 1.73
CA ASP A 2 -6.25 -15.10 2.74
C ASP A 2 -7.49 -14.24 2.74
N THR A 3 -7.90 -13.76 3.92
CA THR A 3 -9.08 -12.93 4.04
C THR A 3 -8.70 -11.50 4.45
N SER A 4 -9.65 -10.58 4.34
CA SER A 4 -9.42 -9.19 4.69
C SER A 4 -9.08 -9.05 6.18
N LYS A 5 -9.62 -9.96 6.98
CA LYS A 5 -9.38 -9.95 8.42
C LYS A 5 -7.90 -10.25 8.72
N PHE A 6 -7.26 -10.99 7.82
CA PHE A 6 -5.86 -11.33 7.99
C PHE A 6 -4.95 -10.27 7.40
N TRP A 7 -5.47 -9.54 6.41
CA TRP A 7 -4.70 -8.49 5.76
C TRP A 7 -4.97 -7.14 6.41
N TYR A 8 -5.92 -7.11 7.34
CA TYR A 8 -6.28 -5.87 8.03
C TYR A 8 -5.92 -5.97 9.52
N LYS A 9 -4.91 -5.20 9.92
CA LYS A 9 -4.47 -5.18 11.31
C LYS A 9 -4.14 -3.77 11.76
N PRO A 10 -4.98 -3.22 12.66
CA PRO A 10 -4.79 -1.87 13.20
C PRO A 10 -3.57 -1.77 14.11
N HIS A 11 -3.32 -2.83 14.88
CA HIS A 11 -2.19 -2.86 15.78
C HIS A 11 -0.89 -3.19 15.04
N LEU A 12 -1.03 -3.83 13.88
CA LEU A 12 0.12 -4.21 13.08
C LEU A 12 1.03 -3.00 12.83
N SER A 13 2.32 -3.18 13.07
CA SER A 13 3.29 -2.11 12.88
C SER A 13 3.79 -2.08 11.43
N ARG A 14 4.33 -0.94 11.03
CA ARG A 14 4.85 -0.78 9.66
C ARG A 14 5.85 -1.88 9.33
N ASP A 15 6.80 -2.10 10.25
CA ASP A 15 7.83 -3.12 10.05
C ASP A 15 7.19 -4.49 9.82
N GLN A 16 6.16 -4.79 10.60
CA GLN A 16 5.47 -6.07 10.48
C GLN A 16 4.81 -6.22 9.10
N ALA A 17 4.22 -5.14 8.63
CA ALA A 17 3.56 -5.13 7.32
C ALA A 17 4.57 -5.37 6.20
N ILE A 18 5.74 -4.75 6.32
CA ILE A 18 6.78 -4.89 5.32
C ILE A 18 7.30 -6.33 5.27
N ALA A 19 7.49 -6.92 6.45
CA ALA A 19 7.98 -8.28 6.54
C ALA A 19 6.97 -9.28 6.00
N LEU A 20 5.69 -9.00 6.23
CA LEU A 20 4.62 -9.87 5.76
C LEU A 20 4.45 -9.75 4.25
N LEU A 21 4.74 -8.56 3.72
CA LEU A 21 4.62 -8.33 2.28
C LEU A 21 5.78 -8.96 1.52
N LYS A 22 6.98 -8.87 2.09
CA LYS A 22 8.17 -9.44 1.48
C LYS A 22 8.18 -10.95 1.61
N ASP A 23 7.24 -11.48 2.39
CA ASP A 23 7.15 -12.92 2.60
C ASP A 23 5.91 -13.49 1.90
N LYS A 24 5.16 -12.62 1.23
CA LYS A 24 3.96 -13.02 0.52
C LYS A 24 4.09 -12.79 -0.97
N ASP A 25 3.19 -13.39 -1.75
CA ASP A 25 3.21 -13.24 -3.20
C ASP A 25 3.13 -11.76 -3.60
N PRO A 26 3.63 -11.45 -4.81
CA PRO A 26 3.63 -10.08 -5.32
C PRO A 26 2.23 -9.60 -5.67
N GLY A 27 1.98 -8.31 -5.44
CA GLY A 27 0.68 -7.74 -5.72
C GLY A 27 -0.21 -7.67 -4.50
N ALA A 28 0.14 -8.43 -3.47
CA ALA A 28 -0.62 -8.45 -2.23
C ALA A 28 -0.48 -7.13 -1.47
N PHE A 29 -1.52 -6.76 -0.74
CA PHE A 29 -1.52 -5.53 0.03
C PHE A 29 -2.15 -5.73 1.41
N LEU A 30 -2.01 -4.75 2.28
CA LEU A 30 -2.56 -4.82 3.62
C LEU A 30 -2.86 -3.43 4.17
N ILE A 31 -3.71 -3.37 5.18
CA ILE A 31 -4.09 -2.10 5.80
C ILE A 31 -3.81 -2.11 7.29
N ARG A 32 -3.32 -0.98 7.80
CA ARG A 32 -3.01 -0.86 9.22
C ARG A 32 -3.36 0.53 9.74
N ASP A 33 -3.43 0.67 11.06
CA ASP A 33 -3.74 1.95 11.68
C ASP A 33 -2.64 2.97 11.41
N SER A 34 -3.01 4.07 10.75
CA SER A 34 -2.05 5.11 10.42
C SER A 34 -1.78 6.00 11.62
N HIS A 35 -0.68 5.75 12.31
CA HIS A 35 -0.30 6.53 13.48
C HIS A 35 0.10 7.94 13.09
N SER A 36 0.29 8.17 11.80
CA SER A 36 0.69 9.47 11.29
C SER A 36 -0.24 10.55 11.82
N PHE A 37 -1.45 10.60 11.25
CA PHE A 37 -2.44 11.60 11.66
C PHE A 37 -3.84 10.98 11.73
N GLN A 38 -4.73 11.62 12.47
CA GLN A 38 -6.09 11.13 12.62
C GLN A 38 -6.81 11.07 11.27
N GLY A 39 -7.68 10.08 11.10
CA GLY A 39 -8.40 9.94 9.86
C GLY A 39 -7.51 9.49 8.72
N ALA A 40 -6.50 8.70 9.03
CA ALA A 40 -5.56 8.20 8.03
C ALA A 40 -5.41 6.69 8.11
N TYR A 41 -5.09 6.06 6.99
CA TYR A 41 -4.92 4.61 6.95
C TYR A 41 -3.63 4.24 6.22
N GLY A 42 -2.85 3.35 6.83
CA GLY A 42 -1.60 2.92 6.24
C GLY A 42 -1.79 1.77 5.25
N LEU A 43 -1.50 2.04 3.98
CA LEU A 43 -1.63 1.02 2.94
C LEU A 43 -0.27 0.52 2.50
N ALA A 44 -0.11 -0.81 2.50
CA ALA A 44 1.15 -1.42 2.10
C ALA A 44 0.94 -2.35 0.91
N LEU A 45 1.88 -2.31 -0.04
CA LEU A 45 1.79 -3.14 -1.23
C LEU A 45 3.15 -3.78 -1.54
N LYS A 46 3.12 -5.02 -1.98
CA LYS A 46 4.35 -5.75 -2.31
C LYS A 46 4.59 -5.74 -3.83
N VAL A 47 5.80 -5.36 -4.23
CA VAL A 47 6.16 -5.32 -5.64
C VAL A 47 6.88 -6.58 -6.07
N ALA A 48 6.93 -6.82 -7.38
CA ALA A 48 7.60 -7.99 -7.92
C ALA A 48 9.11 -7.83 -7.92
N THR A 49 9.56 -6.59 -8.12
CA THR A 49 10.99 -6.30 -8.14
C THR A 49 11.24 -4.80 -8.01
N PRO A 50 12.47 -4.44 -7.60
CA PRO A 50 12.87 -3.03 -7.43
C PRO A 50 12.99 -2.30 -8.76
N PRO A 51 13.10 -0.97 -8.70
CA PRO A 51 13.23 -0.12 -9.90
C PRO A 51 14.58 -0.30 -10.58
N PRO A 52 14.69 0.23 -11.80
CA PRO A 52 15.92 0.15 -12.60
C PRO A 52 17.04 1.00 -12.02
N SER A 53 16.66 1.98 -11.19
CA SER A 53 17.63 2.87 -10.58
C SER A 53 18.11 2.32 -9.24
N ALA A 54 17.17 1.87 -8.42
CA ALA A 54 17.49 1.31 -7.11
C ALA A 54 18.38 2.26 -6.31
N GLN A 55 17.87 3.46 -6.05
CA GLN A 55 18.62 4.45 -5.29
C GLN A 55 17.94 4.75 -3.95
N PRO A 56 18.05 3.79 -3.02
CA PRO A 56 17.46 3.92 -1.68
C PRO A 56 18.16 4.98 -0.83
N TRP A 57 17.39 5.70 -0.04
CA TRP A 57 17.94 6.74 0.83
C TRP A 57 17.82 6.34 2.30
N LYS A 58 18.96 6.05 2.92
CA LYS A 58 18.99 5.67 4.32
C LYS A 58 18.02 4.52 4.59
N GLY A 59 17.95 3.58 3.65
CA GLY A 59 17.06 2.45 3.81
C GLY A 59 17.57 1.21 3.10
N ASP A 60 17.38 0.05 3.73
CA ASP A 60 17.83 -1.21 3.16
C ASP A 60 17.32 -1.38 1.73
N PRO A 61 17.96 -2.26 0.96
CA PRO A 61 17.59 -2.53 -0.43
C PRO A 61 16.26 -3.26 -0.54
N VAL A 62 15.85 -3.91 0.54
CA VAL A 62 14.60 -4.65 0.57
C VAL A 62 13.41 -3.71 0.78
N GLU A 63 13.67 -2.56 1.39
CA GLU A 63 12.63 -1.58 1.65
C GLU A 63 11.91 -1.20 0.36
N GLN A 64 12.64 -1.23 -0.75
CA GLN A 64 12.07 -0.88 -2.05
C GLN A 64 11.08 -1.95 -2.50
N LEU A 65 11.27 -3.17 -2.02
CA LEU A 65 10.40 -4.28 -2.39
C LEU A 65 8.99 -4.06 -1.84
N VAL A 66 8.89 -3.27 -0.78
CA VAL A 66 7.59 -2.97 -0.17
C VAL A 66 7.33 -1.48 -0.14
N ARG A 67 6.21 -1.05 -0.72
CA ARG A 67 5.84 0.36 -0.74
C ARG A 67 4.67 0.63 0.19
N HIS A 68 4.91 1.46 1.20
CA HIS A 68 3.88 1.81 2.17
C HIS A 68 3.60 3.30 2.16
N PHE A 69 2.34 3.67 1.96
CA PHE A 69 1.95 5.07 1.93
C PHE A 69 0.74 5.33 2.83
N LEU A 70 0.66 6.55 3.36
CA LEU A 70 -0.45 6.91 4.24
C LEU A 70 -1.52 7.69 3.48
N ILE A 71 -2.75 7.16 3.51
CA ILE A 71 -3.86 7.80 2.82
C ILE A 71 -4.70 8.62 3.79
N GLU A 72 -5.06 9.83 3.37
CA GLU A 72 -5.87 10.72 4.21
C GLU A 72 -7.25 10.95 3.59
N THR A 73 -8.27 10.97 4.43
CA THR A 73 -9.64 11.16 3.97
C THR A 73 -10.22 12.47 4.50
N GLY A 74 -10.64 13.34 3.60
CA GLY A 74 -11.21 14.62 4.00
C GLY A 74 -12.54 14.90 3.33
N PRO A 75 -13.02 16.14 3.45
CA PRO A 75 -14.30 16.55 2.87
C PRO A 75 -14.25 16.63 1.35
N LYS A 76 -13.05 16.46 0.79
CA LYS A 76 -12.87 16.50 -0.65
C LYS A 76 -12.56 15.11 -1.20
N GLY A 77 -12.56 14.11 -0.32
CA GLY A 77 -12.28 12.75 -0.73
C GLY A 77 -11.05 12.18 -0.06
N VAL A 78 -10.74 10.92 -0.36
CA VAL A 78 -9.58 10.26 0.22
C VAL A 78 -8.51 10.00 -0.84
N LYS A 79 -7.28 10.42 -0.54
CA LYS A 79 -6.17 10.23 -1.47
C LYS A 79 -4.88 9.94 -0.70
N ILE A 80 -3.91 9.35 -1.40
CA ILE A 80 -2.64 9.02 -0.79
C ILE A 80 -1.77 10.26 -0.63
N LYS A 81 -1.42 10.58 0.61
CA LYS A 81 -0.58 11.75 0.90
C LYS A 81 0.90 11.42 0.69
N GLY A 82 1.39 11.67 -0.52
CA GLY A 82 2.78 11.41 -0.83
C GLY A 82 3.17 11.90 -2.20
N CYS A 83 2.24 11.82 -3.15
CA CYS A 83 2.50 12.27 -4.52
C CYS A 83 1.64 13.48 -4.86
N PRO A 84 2.06 14.22 -5.90
CA PRO A 84 1.34 15.41 -6.37
C PRO A 84 0.00 15.07 -7.01
N SER A 85 -0.17 13.80 -7.37
CA SER A 85 -1.41 13.35 -8.00
C SER A 85 -2.63 13.77 -7.19
N GLU A 86 -2.85 13.08 -6.06
CA GLU A 86 -3.98 13.39 -5.19
C GLU A 86 -5.28 13.41 -5.99
N PRO A 87 -5.70 12.23 -6.48
CA PRO A 87 -6.93 12.09 -7.26
C PRO A 87 -8.18 12.30 -6.41
N TYR A 88 -8.07 12.01 -5.12
CA TYR A 88 -9.19 12.15 -4.20
C TYR A 88 -10.38 11.32 -4.66
N PHE A 89 -10.41 10.06 -4.23
CA PHE A 89 -11.49 9.15 -4.60
C PHE A 89 -12.57 9.11 -3.51
N GLY A 90 -13.53 8.23 -3.67
CA GLY A 90 -14.60 8.12 -2.69
C GLY A 90 -14.10 7.70 -1.33
N SER A 91 -13.80 6.40 -1.19
CA SER A 91 -13.30 5.88 0.08
C SER A 91 -12.12 4.94 -0.15
N LEU A 92 -11.59 4.39 0.95
CA LEU A 92 -10.45 3.48 0.87
C LEU A 92 -10.72 2.36 -0.13
N SER A 93 -11.97 1.92 -0.19
CA SER A 93 -12.35 0.84 -1.11
C SER A 93 -12.33 1.33 -2.56
N ALA A 94 -12.67 2.60 -2.76
CA ALA A 94 -12.69 3.18 -4.09
C ALA A 94 -11.28 3.29 -4.66
N LEU A 95 -10.35 3.76 -3.84
CA LEU A 95 -8.96 3.91 -4.26
C LEU A 95 -8.28 2.56 -4.37
N VAL A 96 -8.68 1.62 -3.53
CA VAL A 96 -8.11 0.28 -3.54
C VAL A 96 -8.52 -0.48 -4.80
N SER A 97 -9.78 -0.34 -5.18
CA SER A 97 -10.30 -1.01 -6.37
C SER A 97 -9.74 -0.38 -7.64
N GLN A 98 -9.65 0.94 -7.64
CA GLN A 98 -9.14 1.68 -8.80
C GLN A 98 -7.62 1.49 -8.93
N HIS A 99 -6.95 1.30 -7.79
CA HIS A 99 -5.51 1.11 -7.78
C HIS A 99 -5.12 -0.15 -8.54
N SER A 100 -6.10 -1.03 -8.76
CA SER A 100 -5.86 -2.28 -9.46
C SER A 100 -5.98 -2.09 -10.97
N ILE A 101 -6.29 -0.87 -11.38
CA ILE A 101 -6.44 -0.54 -12.80
C ILE A 101 -5.58 0.64 -13.19
N SER A 102 -5.54 1.66 -12.33
CA SER A 102 -4.76 2.86 -12.58
C SER A 102 -3.90 3.21 -11.38
N PRO A 103 -2.83 2.46 -11.17
CA PRO A 103 -1.91 2.67 -10.04
C PRO A 103 -1.09 3.95 -10.21
N ILE A 104 -1.05 4.75 -9.15
CA ILE A 104 -0.31 6.00 -9.16
C ILE A 104 0.88 5.96 -8.20
N SER A 105 0.57 6.02 -6.90
CA SER A 105 1.60 6.00 -5.88
C SER A 105 2.39 4.69 -5.93
N LEU A 106 1.68 3.58 -6.16
CA LEU A 106 2.31 2.27 -6.24
C LEU A 106 2.93 2.05 -7.61
N PRO A 107 3.95 1.17 -7.66
CA PRO A 107 4.66 0.85 -8.91
C PRO A 107 3.79 0.05 -9.88
N CYS A 108 3.01 -0.88 -9.33
CA CYS A 108 2.13 -1.71 -10.14
C CYS A 108 0.74 -1.78 -9.54
N CYS A 109 -0.25 -2.11 -10.37
CA CYS A 109 -1.63 -2.21 -9.91
C CYS A 109 -1.74 -3.10 -8.69
N LEU A 110 -2.61 -2.73 -7.76
CA LEU A 110 -2.82 -3.51 -6.54
C LEU A 110 -3.70 -4.71 -6.81
N ARG A 111 -3.31 -5.86 -6.25
CA ARG A 111 -4.07 -7.09 -6.41
C ARG A 111 -5.03 -7.31 -5.25
N ILE A 112 -6.30 -7.53 -5.57
CA ILE A 112 -7.31 -7.76 -4.54
C ILE A 112 -7.90 -9.16 -4.64
N PRO A 113 -7.09 -10.17 -4.26
CA PRO A 113 -7.51 -11.57 -4.29
C PRO A 113 -8.58 -11.89 -3.25
N SER A 114 -9.57 -12.67 -3.65
CA SER A 114 -10.66 -13.04 -2.75
C SER A 114 -11.29 -11.82 -2.12
N LYS A 115 -12.04 -11.06 -2.92
CA LYS A 115 -12.69 -9.84 -2.44
C LYS A 115 -13.71 -9.35 -3.45
N MET A 1 -9.19 -18.04 2.65
CA MET A 1 -7.87 -18.02 3.28
C MET A 1 -7.26 -16.62 3.19
N ASP A 2 -7.62 -15.89 2.14
CA ASP A 2 -7.10 -14.54 1.94
C ASP A 2 -8.24 -13.52 1.89
N THR A 3 -8.70 -13.08 3.05
CA THR A 3 -9.78 -12.11 3.14
C THR A 3 -9.28 -10.76 3.63
N SER A 4 -10.13 -9.75 3.56
CA SER A 4 -9.77 -8.42 4.01
C SER A 4 -9.54 -8.39 5.51
N LYS A 5 -10.22 -9.26 6.23
CA LYS A 5 -10.09 -9.35 7.69
C LYS A 5 -8.70 -9.81 8.08
N PHE A 6 -8.05 -10.57 7.18
CA PHE A 6 -6.71 -11.07 7.44
C PHE A 6 -5.65 -10.08 6.96
N TRP A 7 -6.01 -9.26 5.98
CA TRP A 7 -5.10 -8.27 5.45
C TRP A 7 -5.29 -6.92 6.13
N TYR A 8 -6.29 -6.84 7.00
CA TYR A 8 -6.58 -5.61 7.72
C TYR A 8 -6.31 -5.77 9.22
N LYS A 9 -5.28 -5.10 9.69
CA LYS A 9 -4.90 -5.16 11.10
C LYS A 9 -4.48 -3.79 11.62
N PRO A 10 -5.30 -3.21 12.50
CA PRO A 10 -5.04 -1.89 13.08
C PRO A 10 -3.86 -1.93 14.06
N HIS A 11 -3.73 -3.03 14.79
CA HIS A 11 -2.66 -3.18 15.77
C HIS A 11 -1.36 -3.57 15.07
N LEU A 12 -1.42 -3.74 13.76
CA LEU A 12 -0.25 -4.12 12.97
C LEU A 12 0.65 -2.91 12.73
N SER A 13 1.92 -3.05 13.09
CA SER A 13 2.89 -1.97 12.91
C SER A 13 3.41 -1.93 11.47
N ARG A 14 3.94 -0.78 11.08
CA ARG A 14 4.48 -0.61 9.73
C ARG A 14 5.54 -1.68 9.43
N ASP A 15 6.48 -1.84 10.35
CA ASP A 15 7.55 -2.82 10.18
C ASP A 15 6.98 -4.22 9.96
N GLN A 16 5.96 -4.56 10.73
CA GLN A 16 5.32 -5.86 10.62
C GLN A 16 4.69 -6.05 9.24
N ALA A 17 4.06 -4.99 8.73
CA ALA A 17 3.42 -5.04 7.43
C ALA A 17 4.44 -5.26 6.32
N ILE A 18 5.58 -4.58 6.44
CA ILE A 18 6.64 -4.70 5.45
C ILE A 18 7.22 -6.11 5.43
N ALA A 19 7.42 -6.68 6.62
CA ALA A 19 7.97 -8.02 6.74
C ALA A 19 6.99 -9.06 6.20
N LEU A 20 5.71 -8.82 6.41
CA LEU A 20 4.67 -9.74 5.95
C LEU A 20 4.52 -9.66 4.43
N LEU A 21 4.77 -8.48 3.87
CA LEU A 21 4.66 -8.28 2.43
C LEU A 21 5.85 -8.89 1.71
N LYS A 22 7.04 -8.72 2.28
CA LYS A 22 8.27 -9.25 1.70
C LYS A 22 8.33 -10.77 1.85
N ASP A 23 7.39 -11.32 2.62
CA ASP A 23 7.33 -12.76 2.85
C ASP A 23 6.13 -13.37 2.15
N LYS A 24 5.37 -12.55 1.44
CA LYS A 24 4.20 -13.00 0.72
C LYS A 24 4.36 -12.79 -0.78
N ASP A 25 3.40 -13.30 -1.55
CA ASP A 25 3.42 -13.16 -3.00
C ASP A 25 3.33 -11.70 -3.41
N PRO A 26 3.84 -11.38 -4.61
CA PRO A 26 3.81 -10.01 -5.14
C PRO A 26 2.41 -9.54 -5.51
N GLY A 27 2.17 -8.25 -5.40
CA GLY A 27 0.87 -7.70 -5.72
C GLY A 27 -0.04 -7.63 -4.51
N ALA A 28 0.31 -8.36 -3.47
CA ALA A 28 -0.49 -8.38 -2.23
C ALA A 28 -0.38 -7.05 -1.50
N PHE A 29 -1.45 -6.69 -0.79
CA PHE A 29 -1.47 -5.44 -0.03
C PHE A 29 -2.17 -5.62 1.31
N LEU A 30 -1.99 -4.66 2.20
CA LEU A 30 -2.60 -4.72 3.53
C LEU A 30 -2.82 -3.32 4.09
N ILE A 31 -3.67 -3.23 5.11
CA ILE A 31 -3.96 -1.94 5.74
C ILE A 31 -3.76 -2.01 7.25
N ARG A 32 -3.20 -0.95 7.82
CA ARG A 32 -2.96 -0.89 9.25
C ARG A 32 -3.28 0.50 9.80
N ASP A 33 -3.40 0.60 11.12
CA ASP A 33 -3.71 1.86 11.77
C ASP A 33 -2.56 2.86 11.58
N SER A 34 -2.87 3.98 10.95
CA SER A 34 -1.87 5.01 10.70
C SER A 34 -1.77 5.97 11.89
N HIS A 35 -0.85 5.67 12.80
CA HIS A 35 -0.66 6.51 13.99
C HIS A 35 -0.03 7.84 13.60
N SER A 36 0.45 7.94 12.37
CA SER A 36 1.08 9.17 11.89
C SER A 36 0.15 10.36 12.09
N PHE A 37 -1.01 10.32 11.45
CA PHE A 37 -1.98 11.40 11.57
C PHE A 37 -3.39 10.85 11.76
N GLN A 38 -4.26 11.67 12.34
CA GLN A 38 -5.65 11.26 12.58
C GLN A 38 -6.41 11.12 11.26
N GLY A 39 -7.30 10.14 11.21
CA GLY A 39 -8.09 9.91 10.02
C GLY A 39 -7.24 9.44 8.84
N ALA A 40 -6.19 8.69 9.15
CA ALA A 40 -5.30 8.17 8.12
C ALA A 40 -5.10 6.66 8.26
N TYR A 41 -4.82 6.01 7.16
CA TYR A 41 -4.61 4.56 7.16
C TYR A 41 -3.35 4.19 6.39
N GLY A 42 -2.52 3.34 7.00
CA GLY A 42 -1.29 2.92 6.36
C GLY A 42 -1.50 1.79 5.37
N LEU A 43 -1.30 2.08 4.09
CA LEU A 43 -1.47 1.08 3.04
C LEU A 43 -0.12 0.57 2.54
N ALA A 44 0.06 -0.75 2.57
CA ALA A 44 1.30 -1.35 2.11
C ALA A 44 1.06 -2.27 0.92
N LEU A 45 1.94 -2.19 -0.07
CA LEU A 45 1.82 -3.01 -1.27
C LEU A 45 3.16 -3.63 -1.64
N LYS A 46 3.13 -4.86 -2.14
CA LYS A 46 4.34 -5.56 -2.54
C LYS A 46 4.56 -5.48 -4.04
N VAL A 47 5.75 -5.06 -4.45
CA VAL A 47 6.08 -4.94 -5.87
C VAL A 47 7.05 -6.03 -6.31
N ALA A 48 7.06 -6.32 -7.60
CA ALA A 48 7.95 -7.34 -8.14
C ALA A 48 9.39 -7.09 -7.73
N THR A 49 9.96 -5.99 -8.20
CA THR A 49 11.34 -5.63 -7.88
C THR A 49 11.70 -4.27 -8.46
N PRO A 50 12.75 -3.65 -7.88
CA PRO A 50 13.22 -2.33 -8.32
C PRO A 50 13.87 -2.38 -9.70
N PRO A 51 14.10 -1.19 -10.29
CA PRO A 51 14.71 -1.07 -11.61
C PRO A 51 16.18 -1.46 -11.62
N PRO A 52 16.76 -1.63 -12.82
CA PRO A 52 18.16 -2.00 -12.98
C PRO A 52 19.11 -0.88 -12.57
N SER A 53 18.71 0.36 -12.84
CA SER A 53 19.52 1.51 -12.50
C SER A 53 20.79 1.56 -13.36
N ALA A 54 20.75 0.86 -14.48
CA ALA A 54 21.90 0.82 -15.40
C ALA A 54 23.10 0.16 -14.74
N GLN A 55 22.85 -0.92 -14.00
CA GLN A 55 23.92 -1.63 -13.31
C GLN A 55 23.36 -2.82 -12.53
N PRO A 56 24.23 -3.82 -12.29
CA PRO A 56 23.84 -5.03 -11.55
C PRO A 56 23.59 -4.75 -10.07
N TRP A 57 22.80 -5.61 -9.44
CA TRP A 57 22.48 -5.45 -8.02
C TRP A 57 22.67 -6.77 -7.28
N LYS A 58 23.38 -6.72 -6.15
CA LYS A 58 23.62 -7.91 -5.35
C LYS A 58 23.14 -7.70 -3.91
N GLY A 59 21.90 -7.26 -3.76
CA GLY A 59 21.35 -7.04 -2.44
C GLY A 59 19.85 -7.25 -2.39
N ASP A 60 19.29 -7.22 -1.18
CA ASP A 60 17.85 -7.41 -1.01
C ASP A 60 17.22 -6.19 -0.35
N PRO A 61 17.19 -5.07 -1.09
CA PRO A 61 16.61 -3.81 -0.60
C PRO A 61 15.09 -3.89 -0.46
N VAL A 62 14.63 -4.52 0.61
CA VAL A 62 13.20 -4.67 0.86
C VAL A 62 12.51 -3.30 0.83
N GLU A 63 13.25 -2.25 1.16
CA GLU A 63 12.70 -0.90 1.16
C GLU A 63 12.10 -0.55 -0.20
N GLN A 64 12.60 -1.20 -1.25
CA GLN A 64 12.11 -0.96 -2.60
C GLN A 64 11.11 -2.03 -3.01
N LEU A 65 11.22 -3.21 -2.40
CA LEU A 65 10.31 -4.31 -2.71
C LEU A 65 8.94 -4.10 -2.07
N VAL A 66 8.91 -3.22 -1.06
CA VAL A 66 7.65 -2.93 -0.37
C VAL A 66 7.42 -1.43 -0.28
N ARG A 67 6.29 -0.97 -0.81
CA ARG A 67 5.95 0.45 -0.79
C ARG A 67 4.78 0.71 0.17
N HIS A 68 5.05 1.50 1.21
CA HIS A 68 4.03 1.83 2.20
C HIS A 68 3.78 3.33 2.22
N PHE A 69 2.52 3.72 2.05
CA PHE A 69 2.14 5.13 2.05
C PHE A 69 0.95 5.37 2.98
N LEU A 70 0.83 6.60 3.47
CA LEU A 70 -0.27 6.96 4.36
C LEU A 70 -1.39 7.66 3.59
N ILE A 71 -2.59 7.10 3.66
CA ILE A 71 -3.75 7.67 2.98
C ILE A 71 -4.58 8.51 3.93
N GLU A 72 -4.99 9.69 3.46
CA GLU A 72 -5.81 10.60 4.26
C GLU A 72 -7.19 10.77 3.66
N THR A 73 -8.21 10.74 4.51
CA THR A 73 -9.59 10.89 4.05
C THR A 73 -10.25 12.12 4.68
N GLY A 74 -10.70 13.03 3.84
CA GLY A 74 -11.34 14.24 4.32
C GLY A 74 -12.65 14.52 3.61
N PRO A 75 -13.17 15.75 3.80
CA PRO A 75 -14.44 16.17 3.18
C PRO A 75 -14.31 16.34 1.68
N LYS A 76 -13.09 16.25 1.17
CA LYS A 76 -12.84 16.38 -0.26
C LYS A 76 -12.51 15.04 -0.89
N GLY A 77 -12.55 13.98 -0.08
CA GLY A 77 -12.24 12.65 -0.57
C GLY A 77 -11.01 12.06 0.07
N VAL A 78 -10.71 10.80 -0.27
CA VAL A 78 -9.55 10.12 0.28
C VAL A 78 -8.48 9.90 -0.79
N LYS A 79 -7.25 10.30 -0.47
CA LYS A 79 -6.13 10.15 -1.40
C LYS A 79 -4.89 9.64 -0.67
N ILE A 80 -4.00 9.00 -1.43
CA ILE A 80 -2.76 8.47 -0.86
C ILE A 80 -1.64 9.50 -0.92
N LYS A 81 -1.11 9.86 0.24
CA LYS A 81 -0.02 10.83 0.32
C LYS A 81 1.28 10.23 -0.21
N GLY A 82 1.74 10.74 -1.34
CA GLY A 82 2.97 10.24 -1.93
C GLY A 82 3.27 10.88 -3.27
N CYS A 83 2.22 11.23 -4.01
CA CYS A 83 2.37 11.85 -5.32
C CYS A 83 1.56 13.14 -5.41
N PRO A 84 1.97 14.03 -6.32
CA PRO A 84 1.30 15.32 -6.53
C PRO A 84 -0.09 15.16 -7.17
N SER A 85 -0.34 13.96 -7.69
CA SER A 85 -1.63 13.67 -8.33
C SER A 85 -2.79 14.05 -7.41
N GLU A 86 -3.02 13.24 -6.39
CA GLU A 86 -4.10 13.48 -5.44
C GLU A 86 -5.45 13.48 -6.15
N PRO A 87 -5.86 12.30 -6.63
CA PRO A 87 -7.14 12.12 -7.33
C PRO A 87 -8.34 12.27 -6.41
N TYR A 88 -8.13 11.97 -5.13
CA TYR A 88 -9.20 12.07 -4.13
C TYR A 88 -10.42 11.27 -4.57
N PHE A 89 -10.47 10.01 -4.15
CA PHE A 89 -11.58 9.13 -4.50
C PHE A 89 -12.64 9.14 -3.40
N GLY A 90 -13.64 8.27 -3.54
CA GLY A 90 -14.70 8.20 -2.54
C GLY A 90 -14.20 7.72 -1.19
N SER A 91 -13.93 6.42 -1.09
CA SER A 91 -13.45 5.84 0.16
C SER A 91 -12.29 4.89 -0.10
N LEU A 92 -11.82 4.24 0.97
CA LEU A 92 -10.71 3.31 0.85
C LEU A 92 -10.97 2.27 -0.24
N SER A 93 -12.23 1.87 -0.38
CA SER A 93 -12.61 0.90 -1.39
C SER A 93 -12.50 1.49 -2.80
N ALA A 94 -12.81 2.77 -2.90
CA ALA A 94 -12.74 3.47 -4.19
C ALA A 94 -11.31 3.57 -4.69
N LEU A 95 -10.40 3.95 -3.80
CA LEU A 95 -9.00 4.09 -4.15
C LEU A 95 -8.34 2.73 -4.35
N VAL A 96 -8.82 1.73 -3.59
CA VAL A 96 -8.28 0.38 -3.69
C VAL A 96 -8.67 -0.27 -5.02
N SER A 97 -9.91 -0.06 -5.44
CA SER A 97 -10.40 -0.62 -6.69
C SER A 97 -9.78 0.10 -7.89
N GLN A 98 -9.63 1.42 -7.76
CA GLN A 98 -9.05 2.22 -8.84
C GLN A 98 -7.55 1.96 -8.97
N HIS A 99 -6.91 1.63 -7.85
CA HIS A 99 -5.48 1.35 -7.85
C HIS A 99 -5.19 -0.02 -8.46
N SER A 100 -6.24 -0.79 -8.71
CA SER A 100 -6.09 -2.12 -9.28
C SER A 100 -6.27 -2.07 -10.80
N ILE A 101 -6.59 -0.90 -11.32
CA ILE A 101 -6.78 -0.72 -12.75
C ILE A 101 -5.96 0.44 -13.28
N SER A 102 -5.83 1.49 -12.47
CA SER A 102 -5.05 2.67 -12.86
C SER A 102 -4.13 3.10 -11.73
N PRO A 103 -3.00 2.38 -11.58
CA PRO A 103 -2.01 2.68 -10.54
C PRO A 103 -1.26 3.97 -10.81
N ILE A 104 -1.17 4.82 -9.79
CA ILE A 104 -0.47 6.10 -9.93
C ILE A 104 0.85 6.08 -9.15
N SER A 105 0.75 6.13 -7.83
CA SER A 105 1.93 6.13 -6.98
C SER A 105 2.63 4.77 -7.02
N LEU A 106 1.85 3.72 -7.27
CA LEU A 106 2.39 2.37 -7.33
C LEU A 106 2.87 2.04 -8.74
N PRO A 107 3.83 1.10 -8.84
CA PRO A 107 4.40 0.69 -10.13
C PRO A 107 3.40 -0.12 -10.96
N CYS A 108 2.65 -0.99 -10.30
CA CYS A 108 1.66 -1.82 -10.99
C CYS A 108 0.37 -1.90 -10.18
N CYS A 109 -0.73 -2.21 -10.86
CA CYS A 109 -2.02 -2.32 -10.20
C CYS A 109 -1.95 -3.25 -9.00
N LEU A 110 -2.73 -2.94 -7.97
CA LEU A 110 -2.76 -3.75 -6.76
C LEU A 110 -3.66 -4.96 -6.92
N ARG A 111 -3.27 -6.07 -6.29
CA ARG A 111 -4.05 -7.30 -6.37
C ARG A 111 -5.17 -7.31 -5.33
N ILE A 112 -6.39 -7.55 -5.79
CA ILE A 112 -7.55 -7.58 -4.90
C ILE A 112 -8.16 -8.97 -4.84
N PRO A 113 -7.47 -9.89 -4.15
CA PRO A 113 -7.93 -11.28 -4.00
C PRO A 113 -9.16 -11.39 -3.11
N SER A 114 -10.33 -11.16 -3.70
CA SER A 114 -11.59 -11.23 -2.95
C SER A 114 -12.62 -12.07 -3.71
N LYS A 115 -12.20 -13.24 -4.17
CA LYS A 115 -13.08 -14.13 -4.91
C LYS A 115 -12.71 -15.59 -4.67
N MET A 1 -7.04 -19.43 3.45
CA MET A 1 -7.44 -18.49 2.42
C MET A 1 -7.18 -17.05 2.86
N ASP A 2 -6.53 -16.29 1.97
CA ASP A 2 -6.23 -14.89 2.27
C ASP A 2 -7.50 -14.05 2.37
N THR A 3 -7.80 -13.59 3.58
CA THR A 3 -9.00 -12.78 3.80
C THR A 3 -8.62 -11.36 4.21
N SER A 4 -9.62 -10.47 4.18
CA SER A 4 -9.39 -9.08 4.55
C SER A 4 -9.05 -8.95 6.03
N LYS A 5 -9.57 -9.88 6.83
CA LYS A 5 -9.31 -9.88 8.27
C LYS A 5 -7.85 -10.16 8.56
N PHE A 6 -7.19 -10.88 7.66
CA PHE A 6 -5.78 -11.23 7.82
C PHE A 6 -4.89 -10.13 7.24
N TRP A 7 -5.40 -9.43 6.24
CA TRP A 7 -4.65 -8.35 5.60
C TRP A 7 -4.94 -7.01 6.28
N TYR A 8 -5.88 -7.01 7.20
CA TYR A 8 -6.26 -5.80 7.91
C TYR A 8 -5.90 -5.90 9.40
N LYS A 9 -4.91 -5.13 9.82
CA LYS A 9 -4.48 -5.14 11.21
C LYS A 9 -4.16 -3.72 11.68
N PRO A 10 -4.99 -3.21 12.59
CA PRO A 10 -4.82 -1.86 13.16
C PRO A 10 -3.60 -1.76 14.07
N HIS A 11 -3.34 -2.83 14.82
CA HIS A 11 -2.21 -2.86 15.74
C HIS A 11 -0.92 -3.17 14.99
N LEU A 12 -1.04 -3.79 13.83
CA LEU A 12 0.11 -4.14 13.01
C LEU A 12 0.98 -2.91 12.76
N SER A 13 2.29 -3.08 12.93
CA SER A 13 3.24 -1.98 12.71
C SER A 13 3.84 -2.05 11.32
N ARG A 14 4.54 -0.99 10.93
CA ARG A 14 5.18 -0.93 9.61
C ARG A 14 6.07 -2.14 9.38
N ASP A 15 6.91 -2.44 10.37
CA ASP A 15 7.82 -3.58 10.27
C ASP A 15 7.05 -4.87 10.03
N GLN A 16 5.93 -5.03 10.72
CA GLN A 16 5.11 -6.23 10.58
C GLN A 16 4.56 -6.33 9.16
N ALA A 17 4.13 -5.21 8.61
CA ALA A 17 3.57 -5.18 7.26
C ALA A 17 4.63 -5.57 6.23
N ILE A 18 5.85 -5.07 6.42
CA ILE A 18 6.95 -5.37 5.50
C ILE A 18 7.32 -6.85 5.54
N ALA A 19 7.33 -7.42 6.74
CA ALA A 19 7.66 -8.83 6.92
C ALA A 19 6.58 -9.71 6.31
N LEU A 20 5.33 -9.27 6.43
CA LEU A 20 4.21 -10.04 5.89
C LEU A 20 4.17 -9.97 4.37
N LEU A 21 4.63 -8.85 3.82
CA LEU A 21 4.66 -8.66 2.37
C LEU A 21 5.80 -9.45 1.74
N LYS A 22 6.96 -9.44 2.41
CA LYS A 22 8.13 -10.15 1.91
C LYS A 22 7.97 -11.66 2.10
N ASP A 23 6.91 -12.06 2.80
CA ASP A 23 6.63 -13.46 3.05
C ASP A 23 5.42 -13.93 2.24
N LYS A 24 4.84 -13.02 1.46
CA LYS A 24 3.68 -13.33 0.65
C LYS A 24 3.95 -13.07 -0.82
N ASP A 25 2.98 -13.39 -1.68
CA ASP A 25 3.12 -13.18 -3.11
C ASP A 25 3.12 -11.70 -3.44
N PRO A 26 3.73 -11.35 -4.58
CA PRO A 26 3.83 -9.96 -5.04
C PRO A 26 2.48 -9.40 -5.47
N GLY A 27 2.32 -8.08 -5.36
CA GLY A 27 1.07 -7.45 -5.74
C GLY A 27 0.09 -7.36 -4.59
N ALA A 28 0.35 -8.12 -3.53
CA ALA A 28 -0.52 -8.12 -2.37
C ALA A 28 -0.34 -6.86 -1.54
N PHE A 29 -1.41 -6.44 -0.87
CA PHE A 29 -1.38 -5.23 -0.05
C PHE A 29 -2.05 -5.48 1.30
N LEU A 30 -1.89 -4.52 2.22
CA LEU A 30 -2.49 -4.63 3.54
C LEU A 30 -2.81 -3.25 4.12
N ILE A 31 -3.68 -3.22 5.11
CA ILE A 31 -4.07 -1.97 5.74
C ILE A 31 -3.80 -2.00 7.25
N ARG A 32 -3.33 -0.88 7.78
CA ARG A 32 -3.03 -0.79 9.21
C ARG A 32 -3.37 0.60 9.74
N ASP A 33 -3.44 0.72 11.06
CA ASP A 33 -3.77 1.99 11.70
C ASP A 33 -2.64 2.99 11.51
N SER A 34 -2.94 4.12 10.86
CA SER A 34 -1.96 5.16 10.61
C SER A 34 -1.74 6.01 11.85
N HIS A 35 -0.66 5.72 12.57
CA HIS A 35 -0.34 6.47 13.78
C HIS A 35 0.09 7.90 13.46
N SER A 36 0.33 8.15 12.17
CA SER A 36 0.75 9.47 11.72
C SER A 36 -0.21 10.54 12.24
N PHE A 37 -1.40 10.62 11.64
CA PHE A 37 -2.40 11.59 12.03
C PHE A 37 -3.80 10.98 12.03
N GLN A 38 -4.71 11.61 12.75
CA GLN A 38 -6.09 11.11 12.83
C GLN A 38 -6.74 11.10 11.45
N GLY A 39 -7.60 10.12 11.22
CA GLY A 39 -8.28 10.02 9.94
C GLY A 39 -7.35 9.59 8.83
N ALA A 40 -6.33 8.81 9.17
CA ALA A 40 -5.37 8.33 8.19
C ALA A 40 -5.20 6.82 8.27
N TYR A 41 -4.97 6.19 7.12
CA TYR A 41 -4.79 4.75 7.07
C TYR A 41 -3.50 4.38 6.34
N GLY A 42 -2.72 3.48 6.93
CA GLY A 42 -1.47 3.06 6.33
C GLY A 42 -1.66 1.91 5.34
N LEU A 43 -1.37 2.17 4.08
CA LEU A 43 -1.51 1.16 3.04
C LEU A 43 -0.15 0.66 2.58
N ALA A 44 0.04 -0.65 2.60
CA ALA A 44 1.30 -1.25 2.17
C ALA A 44 1.10 -2.14 0.95
N LEU A 45 2.04 -2.07 0.01
CA LEU A 45 1.96 -2.87 -1.21
C LEU A 45 3.32 -3.51 -1.52
N LYS A 46 3.29 -4.75 -1.97
CA LYS A 46 4.51 -5.47 -2.31
C LYS A 46 4.75 -5.46 -3.81
N VAL A 47 5.99 -5.17 -4.21
CA VAL A 47 6.35 -5.12 -5.63
C VAL A 47 6.94 -6.44 -6.09
N ALA A 48 6.64 -6.82 -7.32
CA ALA A 48 7.14 -8.07 -7.90
C ALA A 48 8.62 -7.96 -8.23
N THR A 49 9.03 -6.79 -8.73
CA THR A 49 10.42 -6.56 -9.10
C THR A 49 10.86 -5.15 -8.71
N PRO A 50 12.14 -5.01 -8.36
CA PRO A 50 12.72 -3.72 -7.96
C PRO A 50 12.83 -2.75 -9.14
N PRO A 51 13.10 -1.47 -8.83
CA PRO A 51 13.24 -0.43 -9.84
C PRO A 51 14.51 -0.60 -10.67
N PRO A 52 14.59 0.16 -11.79
CA PRO A 52 15.74 0.11 -12.69
C PRO A 52 16.99 0.71 -12.07
N SER A 53 16.80 1.66 -11.15
CA SER A 53 17.92 2.31 -10.48
C SER A 53 17.43 3.18 -9.33
N ALA A 54 16.84 4.32 -9.67
CA ALA A 54 16.32 5.24 -8.65
C ALA A 54 17.39 5.56 -7.61
N GLN A 55 18.63 5.66 -8.05
CA GLN A 55 19.73 5.96 -7.15
C GLN A 55 19.84 4.91 -6.05
N PRO A 56 20.31 3.71 -6.42
CA PRO A 56 20.47 2.60 -5.47
C PRO A 56 21.60 2.84 -4.48
N TRP A 57 21.44 2.30 -3.27
CA TRP A 57 22.45 2.46 -2.23
C TRP A 57 22.40 1.29 -1.25
N LYS A 58 23.55 0.62 -1.08
CA LYS A 58 23.63 -0.51 -0.17
C LYS A 58 22.73 -1.65 -0.62
N GLY A 59 22.61 -1.82 -1.94
CA GLY A 59 21.78 -2.88 -2.48
C GLY A 59 20.30 -2.54 -2.41
N ASP A 60 19.45 -3.54 -2.56
CA ASP A 60 18.01 -3.34 -2.53
C ASP A 60 17.30 -4.62 -2.06
N PRO A 61 17.34 -4.87 -0.75
CA PRO A 61 16.70 -6.05 -0.14
C PRO A 61 15.19 -5.98 -0.19
N VAL A 62 14.53 -6.96 0.43
CA VAL A 62 13.07 -7.00 0.46
C VAL A 62 12.49 -5.70 1.01
N GLU A 63 13.29 -4.99 1.80
CA GLU A 63 12.86 -3.73 2.39
C GLU A 63 12.58 -2.69 1.31
N GLN A 64 13.25 -2.84 0.17
CA GLN A 64 13.09 -1.91 -0.95
C GLN A 64 11.95 -2.36 -1.86
N LEU A 65 11.51 -3.60 -1.68
CA LEU A 65 10.42 -4.15 -2.48
C LEU A 65 9.07 -3.94 -1.81
N VAL A 66 9.04 -3.03 -0.84
CA VAL A 66 7.81 -2.73 -0.11
C VAL A 66 7.55 -1.23 -0.07
N ARG A 67 6.40 -0.82 -0.61
CA ARG A 67 6.02 0.59 -0.63
C ARG A 67 4.83 0.85 0.27
N HIS A 68 5.04 1.65 1.31
CA HIS A 68 3.98 1.98 2.25
C HIS A 68 3.70 3.48 2.26
N PHE A 69 2.45 3.86 2.04
CA PHE A 69 2.05 5.26 2.01
C PHE A 69 0.83 5.49 2.90
N LEU A 70 0.70 6.71 3.41
CA LEU A 70 -0.41 7.07 4.27
C LEU A 70 -1.50 7.80 3.49
N ILE A 71 -2.73 7.32 3.60
CA ILE A 71 -3.85 7.93 2.90
C ILE A 71 -4.74 8.72 3.87
N GLU A 72 -5.15 9.92 3.45
CA GLU A 72 -5.99 10.76 4.28
C GLU A 72 -7.39 10.89 3.67
N THR A 73 -8.41 10.71 4.50
CA THR A 73 -9.79 10.80 4.05
C THR A 73 -10.53 11.95 4.75
N GLY A 74 -11.05 12.88 3.95
CA GLY A 74 -11.76 14.00 4.52
C GLY A 74 -13.05 14.30 3.78
N PRO A 75 -13.66 15.46 4.07
CA PRO A 75 -14.91 15.88 3.44
C PRO A 75 -14.73 16.23 1.97
N LYS A 76 -13.48 16.26 1.52
CA LYS A 76 -13.17 16.58 0.14
C LYS A 76 -12.76 15.33 -0.64
N GLY A 77 -12.76 14.19 0.05
CA GLY A 77 -12.39 12.95 -0.59
C GLY A 77 -11.16 12.31 0.05
N VAL A 78 -10.75 11.17 -0.49
CA VAL A 78 -9.59 10.45 0.04
C VAL A 78 -8.43 10.49 -0.95
N LYS A 79 -7.27 10.93 -0.47
CA LYS A 79 -6.08 11.02 -1.31
C LYS A 79 -4.92 10.24 -0.69
N ILE A 80 -4.15 9.57 -1.54
CA ILE A 80 -3.01 8.79 -1.07
C ILE A 80 -1.73 9.61 -1.12
N LYS A 81 -1.11 9.80 0.04
CA LYS A 81 0.13 10.57 0.14
C LYS A 81 1.26 9.88 -0.63
N GLY A 82 1.42 10.26 -1.90
CA GLY A 82 2.46 9.68 -2.73
C GLY A 82 2.84 10.56 -3.90
N CYS A 83 1.85 11.21 -4.49
CA CYS A 83 2.08 12.08 -5.64
C CYS A 83 1.25 13.35 -5.53
N PRO A 84 1.66 14.40 -6.26
CA PRO A 84 0.95 15.68 -6.27
C PRO A 84 -0.41 15.60 -6.96
N SER A 85 -0.66 14.49 -7.64
CA SER A 85 -1.91 14.29 -8.35
C SER A 85 -3.10 14.54 -7.42
N GLU A 86 -3.24 13.69 -6.41
CA GLU A 86 -4.34 13.83 -5.46
C GLU A 86 -5.67 13.93 -6.17
N PRO A 87 -6.09 12.82 -6.81
CA PRO A 87 -7.35 12.75 -7.56
C PRO A 87 -8.56 12.78 -6.63
N TYR A 88 -8.32 12.60 -5.34
CA TYR A 88 -9.40 12.61 -4.35
C TYR A 88 -10.51 11.64 -4.74
N PHE A 89 -10.35 10.37 -4.38
CA PHE A 89 -11.33 9.35 -4.70
C PHE A 89 -12.44 9.31 -3.65
N GLY A 90 -13.33 8.33 -3.77
CA GLY A 90 -14.42 8.21 -2.82
C GLY A 90 -13.95 7.76 -1.46
N SER A 91 -13.50 6.50 -1.36
CA SER A 91 -13.04 5.96 -0.10
C SER A 91 -11.82 5.04 -0.32
N LEU A 92 -11.28 4.52 0.77
CA LEU A 92 -10.13 3.64 0.70
C LEU A 92 -10.39 2.48 -0.25
N SER A 93 -11.62 2.00 -0.27
CA SER A 93 -12.01 0.89 -1.13
C SER A 93 -12.03 1.33 -2.59
N ALA A 94 -12.41 2.57 -2.83
CA ALA A 94 -12.47 3.11 -4.18
C ALA A 94 -11.07 3.23 -4.78
N LEU A 95 -10.14 3.76 -4.00
CA LEU A 95 -8.77 3.93 -4.45
C LEU A 95 -8.05 2.59 -4.54
N VAL A 96 -8.44 1.66 -3.67
CA VAL A 96 -7.84 0.33 -3.65
C VAL A 96 -8.23 -0.47 -4.88
N SER A 97 -9.51 -0.39 -5.24
CA SER A 97 -10.02 -1.11 -6.40
C SER A 97 -9.50 -0.50 -7.70
N GLN A 98 -9.44 0.83 -7.74
CA GLN A 98 -8.96 1.54 -8.92
C GLN A 98 -7.46 1.37 -9.08
N HIS A 99 -6.76 1.20 -7.97
CA HIS A 99 -5.31 1.03 -7.99
C HIS A 99 -4.92 -0.19 -8.83
N SER A 100 -5.88 -1.10 -9.01
CA SER A 100 -5.63 -2.31 -9.78
C SER A 100 -5.88 -2.07 -11.28
N ILE A 101 -6.16 -0.82 -11.62
CA ILE A 101 -6.42 -0.45 -13.01
C ILE A 101 -5.60 0.77 -13.42
N SER A 102 -5.48 1.73 -12.50
CA SER A 102 -4.73 2.95 -12.77
C SER A 102 -4.02 3.43 -11.51
N PRO A 103 -2.85 2.82 -11.21
CA PRO A 103 -2.05 3.17 -10.04
C PRO A 103 -1.41 4.55 -10.17
N ILE A 104 -1.52 5.35 -9.11
CA ILE A 104 -0.95 6.69 -9.10
C ILE A 104 0.46 6.68 -8.53
N SER A 105 0.55 6.52 -7.20
CA SER A 105 1.84 6.49 -6.52
C SER A 105 2.33 5.06 -6.34
N LEU A 106 2.06 4.22 -7.34
CA LEU A 106 2.47 2.82 -7.28
C LEU A 106 3.21 2.42 -8.55
N PRO A 107 4.07 1.41 -8.45
CA PRO A 107 4.86 0.91 -9.59
C PRO A 107 4.00 0.19 -10.62
N CYS A 108 3.06 -0.62 -10.14
CA CYS A 108 2.16 -1.36 -11.02
C CYS A 108 0.79 -1.51 -10.38
N CYS A 109 -0.19 -1.91 -11.20
CA CYS A 109 -1.56 -2.10 -10.72
C CYS A 109 -1.59 -3.10 -9.57
N LEU A 110 -2.28 -2.72 -8.49
CA LEU A 110 -2.40 -3.59 -7.33
C LEU A 110 -3.03 -4.93 -7.69
N ARG A 111 -2.68 -5.97 -6.95
CA ARG A 111 -3.22 -7.30 -7.20
C ARG A 111 -4.22 -7.70 -6.12
N ILE A 112 -5.48 -7.80 -6.50
CA ILE A 112 -6.55 -8.18 -5.57
C ILE A 112 -7.17 -9.50 -5.95
N PRO A 113 -6.43 -10.60 -5.70
CA PRO A 113 -6.89 -11.96 -6.01
C PRO A 113 -8.03 -12.40 -5.09
N SER A 114 -8.19 -11.70 -3.98
CA SER A 114 -9.24 -12.03 -3.02
C SER A 114 -10.62 -11.85 -3.64
N LYS A 115 -10.69 -11.07 -4.72
CA LYS A 115 -11.95 -10.82 -5.41
C LYS A 115 -11.86 -11.25 -6.87
N MET A 1 -9.50 -18.00 0.91
CA MET A 1 -8.24 -18.07 1.64
C MET A 1 -7.75 -16.67 2.01
N ASP A 2 -8.00 -15.71 1.14
CA ASP A 2 -7.59 -14.33 1.38
C ASP A 2 -8.79 -13.46 1.73
N THR A 3 -8.86 -13.03 2.99
CA THR A 3 -9.97 -12.19 3.45
C THR A 3 -9.47 -10.83 3.91
N SER A 4 -10.29 -9.80 3.74
CA SER A 4 -9.92 -8.45 4.14
C SER A 4 -9.66 -8.39 5.65
N LYS A 5 -10.35 -9.24 6.40
CA LYS A 5 -10.20 -9.28 7.85
C LYS A 5 -8.80 -9.76 8.23
N PHE A 6 -8.19 -10.55 7.35
CA PHE A 6 -6.86 -11.09 7.59
C PHE A 6 -5.79 -10.13 7.08
N TRP A 7 -6.15 -9.32 6.09
CA TRP A 7 -5.23 -8.36 5.50
C TRP A 7 -5.38 -6.99 6.14
N TYR A 8 -6.36 -6.86 7.03
CA TYR A 8 -6.61 -5.61 7.72
C TYR A 8 -6.34 -5.73 9.22
N LYS A 9 -5.28 -5.08 9.67
CA LYS A 9 -4.90 -5.13 11.08
C LYS A 9 -4.41 -3.76 11.55
N PRO A 10 -5.20 -3.11 12.42
CA PRO A 10 -4.86 -1.79 12.96
C PRO A 10 -3.69 -1.85 13.93
N HIS A 11 -3.60 -2.93 14.69
CA HIS A 11 -2.52 -3.10 15.66
C HIS A 11 -1.21 -3.45 14.95
N LEU A 12 -1.30 -3.67 13.64
CA LEU A 12 -0.11 -4.01 12.85
C LEU A 12 0.76 -2.78 12.62
N SER A 13 2.06 -2.96 12.78
CA SER A 13 3.01 -1.86 12.58
C SER A 13 3.60 -1.89 11.18
N ARG A 14 4.26 -0.80 10.79
CA ARG A 14 4.87 -0.71 9.47
C ARG A 14 5.83 -1.87 9.23
N ASP A 15 6.70 -2.12 10.20
CA ASP A 15 7.67 -3.21 10.09
C ASP A 15 6.96 -4.54 9.85
N GLN A 16 5.87 -4.76 10.57
CA GLN A 16 5.11 -6.00 10.44
C GLN A 16 4.54 -6.14 9.05
N ALA A 17 4.04 -5.04 8.50
CA ALA A 17 3.46 -5.04 7.16
C ALA A 17 4.51 -5.37 6.11
N ILE A 18 5.71 -4.81 6.27
CA ILE A 18 6.80 -5.05 5.34
C ILE A 18 7.24 -6.51 5.37
N ALA A 19 7.32 -7.07 6.58
CA ALA A 19 7.73 -8.47 6.74
C ALA A 19 6.69 -9.41 6.17
N LEU A 20 5.41 -9.04 6.30
CA LEU A 20 4.32 -9.87 5.80
C LEU A 20 4.25 -9.80 4.27
N LEU A 21 4.64 -8.66 3.72
CA LEU A 21 4.63 -8.47 2.28
C LEU A 21 5.80 -9.20 1.61
N LYS A 22 6.96 -9.13 2.25
CA LYS A 22 8.16 -9.78 1.73
C LYS A 22 8.07 -11.30 1.90
N ASP A 23 7.10 -11.73 2.70
CA ASP A 23 6.92 -13.16 2.95
C ASP A 23 5.64 -13.67 2.28
N LYS A 24 4.99 -12.79 1.51
CA LYS A 24 3.77 -13.15 0.81
C LYS A 24 3.93 -12.96 -0.70
N ASP A 25 2.99 -13.50 -1.46
CA ASP A 25 3.03 -13.39 -2.91
C ASP A 25 3.03 -11.93 -3.34
N PRO A 26 3.53 -11.67 -4.57
CA PRO A 26 3.60 -10.32 -5.12
C PRO A 26 2.23 -9.76 -5.47
N GLY A 27 2.08 -8.44 -5.35
CA GLY A 27 0.82 -7.81 -5.66
C GLY A 27 -0.10 -7.73 -4.44
N ALA A 28 0.24 -8.48 -3.40
CA ALA A 28 -0.55 -8.49 -2.18
C ALA A 28 -0.42 -7.17 -1.42
N PHE A 29 -1.46 -6.79 -0.71
CA PHE A 29 -1.47 -5.55 0.06
C PHE A 29 -2.10 -5.75 1.44
N LEU A 30 -1.95 -4.76 2.30
CA LEU A 30 -2.49 -4.83 3.65
C LEU A 30 -2.74 -3.44 4.22
N ILE A 31 -3.71 -3.32 5.12
CA ILE A 31 -4.03 -2.04 5.74
C ILE A 31 -3.73 -2.07 7.24
N ARG A 32 -3.19 -0.96 7.74
CA ARG A 32 -2.85 -0.85 9.16
C ARG A 32 -3.20 0.54 9.69
N ASP A 33 -3.24 0.66 11.01
CA ASP A 33 -3.56 1.93 11.66
C ASP A 33 -2.45 2.95 11.41
N SER A 34 -2.80 4.05 10.76
CA SER A 34 -1.84 5.10 10.46
C SER A 34 -1.58 5.98 11.67
N HIS A 35 -0.50 5.73 12.38
CA HIS A 35 -0.14 6.49 13.57
C HIS A 35 0.27 7.92 13.20
N SER A 36 0.48 8.15 11.90
CA SER A 36 0.88 9.46 11.42
C SER A 36 -0.07 10.54 11.92
N PHE A 37 -1.27 10.58 11.35
CA PHE A 37 -2.27 11.56 11.75
C PHE A 37 -3.66 10.94 11.79
N GLN A 38 -4.57 11.57 12.53
CA GLN A 38 -5.93 11.08 12.65
C GLN A 38 -6.62 11.05 11.29
N GLY A 39 -7.49 10.05 11.10
CA GLY A 39 -8.20 9.92 9.85
C GLY A 39 -7.30 9.48 8.71
N ALA A 40 -6.28 8.70 9.04
CA ALA A 40 -5.34 8.20 8.04
C ALA A 40 -5.17 6.69 8.14
N TYR A 41 -4.87 6.05 7.01
CA TYR A 41 -4.69 4.61 6.98
C TYR A 41 -3.41 4.25 6.23
N GLY A 42 -2.62 3.36 6.82
CA GLY A 42 -1.37 2.93 6.20
C GLY A 42 -1.57 1.78 5.23
N LEU A 43 -1.33 2.03 3.96
CA LEU A 43 -1.48 1.00 2.93
C LEU A 43 -0.12 0.50 2.46
N ALA A 44 0.09 -0.81 2.56
CA ALA A 44 1.34 -1.42 2.13
C ALA A 44 1.12 -2.42 1.00
N LEU A 45 1.99 -2.38 0.01
CA LEU A 45 1.88 -3.28 -1.14
C LEU A 45 3.24 -3.87 -1.49
N LYS A 46 3.24 -5.13 -1.94
CA LYS A 46 4.48 -5.81 -2.32
C LYS A 46 4.64 -5.84 -3.84
N VAL A 47 5.85 -5.56 -4.30
CA VAL A 47 6.14 -5.55 -5.74
C VAL A 47 6.66 -6.92 -6.19
N ALA A 48 6.58 -7.16 -7.49
CA ALA A 48 7.06 -8.42 -8.06
C ALA A 48 8.35 -8.22 -8.85
N THR A 49 9.10 -7.18 -8.49
CA THR A 49 10.35 -6.88 -9.17
C THR A 49 11.02 -5.65 -8.56
N PRO A 50 12.36 -5.64 -8.58
CA PRO A 50 13.14 -4.53 -8.03
C PRO A 50 13.04 -3.26 -8.88
N PRO A 51 13.51 -2.13 -8.33
CA PRO A 51 13.46 -0.84 -9.03
C PRO A 51 14.42 -0.79 -10.20
N PRO A 52 14.28 0.25 -11.04
CA PRO A 52 15.13 0.44 -12.22
C PRO A 52 16.56 0.82 -11.85
N SER A 53 16.69 1.76 -10.93
CA SER A 53 18.01 2.22 -10.49
C SER A 53 17.89 3.15 -9.28
N ALA A 54 17.44 2.60 -8.16
CA ALA A 54 17.28 3.38 -6.94
C ALA A 54 18.24 2.91 -5.85
N GLN A 55 19.52 3.21 -6.03
CA GLN A 55 20.53 2.81 -5.06
C GLN A 55 20.53 1.29 -4.85
N PRO A 56 21.01 0.55 -5.87
CA PRO A 56 21.08 -0.91 -5.81
C PRO A 56 22.12 -1.42 -4.83
N TRP A 57 21.78 -2.50 -4.13
CA TRP A 57 22.69 -3.09 -3.15
C TRP A 57 22.83 -4.59 -3.37
N LYS A 58 23.84 -5.17 -2.74
CA LYS A 58 24.09 -6.61 -2.86
C LYS A 58 23.59 -7.36 -1.63
N GLY A 59 22.36 -7.06 -1.22
CA GLY A 59 21.78 -7.71 -0.06
C GLY A 59 20.31 -8.02 -0.24
N ASP A 60 19.51 -7.58 0.73
CA ASP A 60 18.06 -7.81 0.68
C ASP A 60 17.31 -6.50 0.84
N PRO A 61 17.32 -5.66 -0.21
CA PRO A 61 16.64 -4.36 -0.20
C PRO A 61 15.12 -4.51 -0.22
N VAL A 62 14.54 -4.68 0.96
CA VAL A 62 13.10 -4.83 1.09
C VAL A 62 12.39 -3.48 1.01
N GLU A 63 13.12 -2.42 1.35
CA GLU A 63 12.57 -1.07 1.32
C GLU A 63 11.98 -0.76 -0.05
N GLN A 64 12.66 -1.21 -1.09
CA GLN A 64 12.20 -0.98 -2.46
C GLN A 64 11.20 -2.05 -2.89
N LEU A 65 11.30 -3.22 -2.28
CA LEU A 65 10.41 -4.33 -2.60
C LEU A 65 9.02 -4.10 -2.00
N VAL A 66 8.97 -3.30 -0.94
CA VAL A 66 7.70 -3.00 -0.28
C VAL A 66 7.44 -1.50 -0.26
N ARG A 67 6.30 -1.10 -0.81
CA ARG A 67 5.92 0.31 -0.84
C ARG A 67 4.76 0.59 0.10
N HIS A 68 5.01 1.41 1.11
CA HIS A 68 3.98 1.77 2.09
C HIS A 68 3.73 3.27 2.09
N PHE A 69 2.47 3.65 1.90
CA PHE A 69 2.11 5.07 1.88
C PHE A 69 0.90 5.32 2.80
N LEU A 70 0.81 6.55 3.31
CA LEU A 70 -0.29 6.92 4.19
C LEU A 70 -1.36 7.67 3.42
N ILE A 71 -2.59 7.17 3.49
CA ILE A 71 -3.71 7.80 2.81
C ILE A 71 -4.57 8.60 3.78
N GLU A 72 -4.95 9.81 3.37
CA GLU A 72 -5.79 10.67 4.21
C GLU A 72 -7.17 10.87 3.59
N THR A 73 -8.19 10.84 4.44
CA THR A 73 -9.57 11.00 3.98
C THR A 73 -10.17 12.28 4.55
N GLY A 74 -10.67 13.14 3.65
CA GLY A 74 -11.28 14.39 4.09
C GLY A 74 -12.61 14.65 3.42
N PRO A 75 -13.13 15.87 3.57
CA PRO A 75 -14.40 16.28 2.97
C PRO A 75 -14.32 16.40 1.46
N LYS A 76 -13.11 16.28 0.92
CA LYS A 76 -12.90 16.37 -0.52
C LYS A 76 -12.54 15.01 -1.11
N GLY A 77 -12.54 13.99 -0.26
CA GLY A 77 -12.22 12.64 -0.71
C GLY A 77 -10.99 12.08 -0.04
N VAL A 78 -10.65 10.83 -0.35
CA VAL A 78 -9.49 10.18 0.23
C VAL A 78 -8.42 9.94 -0.83
N LYS A 79 -7.20 10.40 -0.54
CA LYS A 79 -6.08 10.23 -1.45
C LYS A 79 -4.78 9.99 -0.69
N ILE A 80 -3.79 9.42 -1.38
CA ILE A 80 -2.50 9.14 -0.77
C ILE A 80 -1.71 10.42 -0.55
N LYS A 81 -1.42 10.73 0.71
CA LYS A 81 -0.65 11.93 1.06
C LYS A 81 0.77 11.85 0.50
N GLY A 82 1.19 12.91 -0.16
CA GLY A 82 2.53 12.95 -0.73
C GLY A 82 2.52 12.98 -2.24
N CYS A 83 1.38 12.61 -2.82
CA CYS A 83 1.26 12.58 -4.28
C CYS A 83 0.74 13.93 -4.80
N PRO A 84 1.39 14.44 -5.85
CA PRO A 84 1.02 15.72 -6.47
C PRO A 84 -0.31 15.64 -7.20
N SER A 85 -0.54 14.53 -7.89
CA SER A 85 -1.79 14.34 -8.63
C SER A 85 -3.00 14.62 -7.76
N GLU A 86 -3.10 13.90 -6.64
CA GLU A 86 -4.22 14.08 -5.71
C GLU A 86 -5.54 13.76 -6.40
N PRO A 87 -5.80 12.46 -6.62
CA PRO A 87 -7.03 12.00 -7.27
C PRO A 87 -8.26 12.19 -6.39
N TYR A 88 -8.10 11.91 -5.10
CA TYR A 88 -9.20 12.04 -4.15
C TYR A 88 -10.38 11.17 -4.56
N PHE A 89 -10.35 9.91 -4.17
CA PHE A 89 -11.42 8.98 -4.50
C PHE A 89 -12.48 8.97 -3.40
N GLY A 90 -13.40 8.02 -3.50
CA GLY A 90 -14.47 7.91 -2.51
C GLY A 90 -13.95 7.47 -1.15
N SER A 91 -13.61 6.19 -1.04
CA SER A 91 -13.10 5.65 0.22
C SER A 91 -11.88 4.77 -0.02
N LEU A 92 -11.33 4.22 1.05
CA LEU A 92 -10.16 3.35 0.95
C LEU A 92 -10.39 2.22 -0.05
N SER A 93 -11.62 1.73 -0.08
CA SER A 93 -11.98 0.65 -0.99
C SER A 93 -11.99 1.14 -2.44
N ALA A 94 -12.39 2.39 -2.64
CA ALA A 94 -12.45 2.97 -3.96
C ALA A 94 -11.05 3.14 -4.55
N LEU A 95 -10.13 3.66 -3.74
CA LEU A 95 -8.75 3.86 -4.17
C LEU A 95 -8.01 2.55 -4.30
N VAL A 96 -8.39 1.58 -3.47
CA VAL A 96 -7.77 0.26 -3.48
C VAL A 96 -8.14 -0.51 -4.74
N SER A 97 -9.41 -0.43 -5.12
CA SER A 97 -9.90 -1.12 -6.31
C SER A 97 -9.38 -0.46 -7.58
N GLN A 98 -9.35 0.88 -7.57
CA GLN A 98 -8.89 1.64 -8.72
C GLN A 98 -7.37 1.47 -8.91
N HIS A 99 -6.67 1.26 -7.80
CA HIS A 99 -5.23 1.08 -7.85
C HIS A 99 -4.86 -0.26 -8.47
N SER A 100 -5.86 -1.11 -8.67
CA SER A 100 -5.64 -2.43 -9.25
C SER A 100 -5.86 -2.40 -10.76
N ILE A 101 -6.23 -1.22 -11.27
CA ILE A 101 -6.46 -1.06 -12.70
C ILE A 101 -5.69 0.13 -13.25
N SER A 102 -5.61 1.20 -12.46
CA SER A 102 -4.90 2.41 -12.87
C SER A 102 -4.14 3.01 -11.68
N PRO A 103 -3.00 2.39 -11.34
CA PRO A 103 -2.16 2.86 -10.23
C PRO A 103 -1.47 4.18 -10.54
N ILE A 104 -1.54 5.12 -9.60
CA ILE A 104 -0.92 6.43 -9.77
C ILE A 104 0.46 6.47 -9.12
N SER A 105 0.49 6.51 -7.79
CA SER A 105 1.74 6.56 -7.06
C SER A 105 2.17 5.15 -6.62
N LEU A 106 1.90 4.17 -7.47
CA LEU A 106 2.25 2.79 -7.17
C LEU A 106 3.12 2.20 -8.28
N PRO A 107 3.92 1.18 -7.93
CA PRO A 107 4.81 0.50 -8.88
C PRO A 107 4.04 -0.32 -9.91
N CYS A 108 2.99 -1.00 -9.46
CA CYS A 108 2.18 -1.82 -10.35
C CYS A 108 0.76 -1.99 -9.79
N CYS A 109 -0.20 -2.22 -10.68
CA CYS A 109 -1.58 -2.40 -10.27
C CYS A 109 -1.70 -3.46 -9.18
N LEU A 110 -2.40 -3.11 -8.11
CA LEU A 110 -2.59 -4.03 -6.98
C LEU A 110 -3.23 -5.33 -7.45
N ARG A 111 -2.93 -6.41 -6.73
CA ARG A 111 -3.47 -7.72 -7.07
C ARG A 111 -4.64 -8.08 -6.14
N ILE A 112 -5.78 -8.39 -6.74
CA ILE A 112 -6.96 -8.74 -5.97
C ILE A 112 -7.25 -7.72 -4.87
N PRO A 113 -7.80 -6.57 -5.27
CA PRO A 113 -8.13 -5.48 -4.34
C PRO A 113 -9.30 -5.84 -3.42
N SER A 114 -9.38 -5.16 -2.28
CA SER A 114 -10.45 -5.41 -1.31
C SER A 114 -11.81 -5.17 -1.94
N LYS A 115 -11.83 -4.39 -3.02
CA LYS A 115 -13.08 -4.08 -3.71
C LYS A 115 -12.95 -4.35 -5.21
N MET A 1 -14.82 -18.11 1.86
CA MET A 1 -14.85 -17.06 2.88
C MET A 1 -13.48 -16.41 3.02
N ASP A 2 -13.44 -15.09 2.84
CA ASP A 2 -12.19 -14.35 2.95
C ASP A 2 -12.46 -12.87 3.22
N THR A 3 -12.75 -12.53 4.48
CA THR A 3 -13.03 -11.16 4.85
C THR A 3 -11.79 -10.29 4.73
N SER A 4 -12.00 -9.00 4.52
CA SER A 4 -10.89 -8.06 4.38
C SER A 4 -10.05 -8.01 5.65
N LYS A 5 -10.63 -8.47 6.76
CA LYS A 5 -9.95 -8.48 8.04
C LYS A 5 -8.64 -9.27 7.95
N PHE A 6 -8.55 -10.15 6.96
CA PHE A 6 -7.36 -10.97 6.77
C PHE A 6 -6.16 -10.10 6.42
N TRP A 7 -6.39 -9.04 5.65
CA TRP A 7 -5.33 -8.13 5.25
C TRP A 7 -5.46 -6.79 5.97
N TYR A 8 -6.63 -6.55 6.56
CA TYR A 8 -6.88 -5.31 7.28
C TYR A 8 -6.70 -5.50 8.78
N LYS A 9 -5.64 -4.92 9.33
CA LYS A 9 -5.37 -5.02 10.76
C LYS A 9 -4.85 -3.71 11.31
N PRO A 10 -5.67 -3.05 12.14
CA PRO A 10 -5.31 -1.76 12.76
C PRO A 10 -4.21 -1.91 13.79
N HIS A 11 -4.21 -3.03 14.52
CA HIS A 11 -3.21 -3.28 15.54
C HIS A 11 -1.88 -3.65 14.91
N LEU A 12 -1.87 -3.81 13.60
CA LEU A 12 -0.66 -4.16 12.86
C LEU A 12 0.24 -2.94 12.69
N SER A 13 1.55 -3.15 12.76
CA SER A 13 2.51 -2.08 12.61
C SER A 13 3.10 -2.07 11.20
N ARG A 14 3.65 -0.94 10.80
CA ARG A 14 4.25 -0.80 9.47
C ARG A 14 5.29 -1.89 9.23
N ASP A 15 6.18 -2.08 10.20
CA ASP A 15 7.23 -3.09 10.10
C ASP A 15 6.62 -4.47 9.86
N GLN A 16 5.55 -4.77 10.57
CA GLN A 16 4.88 -6.07 10.45
C GLN A 16 4.32 -6.24 9.03
N ALA A 17 3.74 -5.18 8.49
CA ALA A 17 3.16 -5.23 7.15
C ALA A 17 4.25 -5.47 6.10
N ILE A 18 5.39 -4.83 6.28
CA ILE A 18 6.51 -4.98 5.35
C ILE A 18 7.05 -6.41 5.37
N ALA A 19 7.17 -6.97 6.57
CA ALA A 19 7.68 -8.33 6.73
C ALA A 19 6.71 -9.35 6.14
N LEU A 20 5.41 -9.07 6.28
CA LEU A 20 4.38 -9.97 5.77
C LEU A 20 4.31 -9.89 4.25
N LEU A 21 4.62 -8.73 3.70
CA LEU A 21 4.59 -8.53 2.26
C LEU A 21 5.80 -9.17 1.60
N LYS A 22 6.96 -9.01 2.22
CA LYS A 22 8.20 -9.57 1.69
C LYS A 22 8.22 -11.08 1.85
N ASP A 23 7.29 -11.61 2.64
CA ASP A 23 7.20 -13.05 2.88
C ASP A 23 5.95 -13.63 2.21
N LYS A 24 5.26 -12.79 1.45
CA LYS A 24 4.05 -13.22 0.75
C LYS A 24 4.20 -13.04 -0.76
N ASP A 25 3.20 -13.48 -1.51
CA ASP A 25 3.23 -13.38 -2.97
C ASP A 25 3.19 -11.91 -3.40
N PRO A 26 3.68 -11.64 -4.61
CA PRO A 26 3.72 -10.29 -5.18
C PRO A 26 2.33 -9.75 -5.50
N GLY A 27 2.18 -8.44 -5.43
CA GLY A 27 0.89 -7.82 -5.73
C GLY A 27 0.00 -7.73 -4.51
N ALA A 28 0.39 -8.42 -3.43
CA ALA A 28 -0.38 -8.41 -2.20
C ALA A 28 -0.18 -7.11 -1.43
N PHE A 29 -1.20 -6.70 -0.69
CA PHE A 29 -1.14 -5.47 0.09
C PHE A 29 -1.65 -5.69 1.51
N LEU A 30 -1.44 -4.71 2.37
CA LEU A 30 -1.88 -4.80 3.76
C LEU A 30 -2.27 -3.42 4.30
N ILE A 31 -3.27 -3.40 5.17
CA ILE A 31 -3.74 -2.14 5.77
C ILE A 31 -3.44 -2.10 7.26
N ARG A 32 -2.89 -0.98 7.72
CA ARG A 32 -2.57 -0.81 9.13
C ARG A 32 -3.07 0.54 9.65
N ASP A 33 -3.25 0.62 10.96
CA ASP A 33 -3.74 1.85 11.58
C ASP A 33 -2.65 2.92 11.57
N SER A 34 -2.93 4.04 10.92
CA SER A 34 -1.98 5.14 10.83
C SER A 34 -2.18 6.13 11.98
N HIS A 35 -1.45 5.91 13.07
CA HIS A 35 -1.55 6.78 14.24
C HIS A 35 -0.84 8.10 13.99
N SER A 36 -0.07 8.17 12.90
CA SER A 36 0.65 9.38 12.55
C SER A 36 -0.28 10.58 12.49
N PHE A 37 -1.15 10.59 11.48
CA PHE A 37 -2.11 11.68 11.29
C PHE A 37 -3.54 11.17 11.46
N GLN A 38 -4.40 12.02 12.00
CA GLN A 38 -5.79 11.67 12.21
C GLN A 38 -6.48 11.36 10.89
N GLY A 39 -7.33 10.34 10.90
CA GLY A 39 -8.04 9.95 9.70
C GLY A 39 -7.11 9.50 8.59
N ALA A 40 -6.07 8.75 8.96
CA ALA A 40 -5.10 8.26 8.00
C ALA A 40 -4.89 6.76 8.13
N TYR A 41 -4.61 6.10 7.02
CA TYR A 41 -4.40 4.65 7.02
C TYR A 41 -3.14 4.29 6.25
N GLY A 42 -2.37 3.35 6.80
CA GLY A 42 -1.14 2.93 6.15
C GLY A 42 -1.36 1.79 5.16
N LEU A 43 -1.07 2.05 3.89
CA LEU A 43 -1.24 1.05 2.85
C LEU A 43 0.11 0.56 2.33
N ALA A 44 0.34 -0.75 2.45
CA ALA A 44 1.58 -1.34 1.98
C ALA A 44 1.34 -2.29 0.82
N LEU A 45 2.24 -2.26 -0.16
CA LEU A 45 2.12 -3.12 -1.33
C LEU A 45 3.47 -3.74 -1.68
N LYS A 46 3.44 -5.01 -2.10
CA LYS A 46 4.66 -5.72 -2.46
C LYS A 46 4.80 -5.82 -3.98
N VAL A 47 6.00 -5.56 -4.48
CA VAL A 47 6.26 -5.61 -5.91
C VAL A 47 7.56 -6.36 -6.20
N ALA A 48 7.63 -7.00 -7.37
CA ALA A 48 8.81 -7.74 -7.77
C ALA A 48 9.70 -6.91 -8.68
N THR A 49 9.76 -5.61 -8.43
CA THR A 49 10.57 -4.70 -9.22
C THR A 49 10.82 -3.40 -8.48
N PRO A 50 11.87 -2.67 -8.90
CA PRO A 50 12.24 -1.39 -8.28
C PRO A 50 11.24 -0.29 -8.60
N PRO A 51 11.35 0.84 -7.89
CA PRO A 51 10.46 1.99 -8.07
C PRO A 51 10.69 2.69 -9.40
N PRO A 52 9.76 3.60 -9.76
CA PRO A 52 9.83 4.36 -11.01
C PRO A 52 10.96 5.39 -11.00
N SER A 53 11.46 5.67 -9.80
CA SER A 53 12.54 6.65 -9.65
C SER A 53 13.90 5.99 -9.82
N ALA A 54 14.00 4.73 -9.39
CA ALA A 54 15.24 3.98 -9.49
C ALA A 54 16.41 4.75 -8.87
N GLN A 55 16.43 4.82 -7.54
CA GLN A 55 17.48 5.52 -6.83
C GLN A 55 18.31 4.56 -5.99
N PRO A 56 19.14 3.74 -6.66
CA PRO A 56 20.00 2.76 -5.99
C PRO A 56 21.13 3.42 -5.20
N TRP A 57 21.65 2.70 -4.23
CA TRP A 57 22.74 3.22 -3.40
C TRP A 57 23.68 2.10 -2.97
N LYS A 58 24.09 1.27 -3.92
CA LYS A 58 24.98 0.15 -3.64
C LYS A 58 24.37 -0.79 -2.61
N GLY A 59 23.04 -0.90 -2.62
CA GLY A 59 22.36 -1.77 -1.69
C GLY A 59 20.95 -2.10 -2.13
N ASP A 60 19.98 -1.34 -1.64
CA ASP A 60 18.58 -1.57 -2.00
C ASP A 60 18.11 -2.94 -1.52
N PRO A 61 17.88 -3.06 -0.20
CA PRO A 61 17.43 -4.31 0.41
C PRO A 61 16.00 -4.66 0.03
N VAL A 62 15.44 -5.68 0.68
CA VAL A 62 14.08 -6.11 0.41
C VAL A 62 13.10 -4.95 0.55
N GLU A 63 13.47 -3.96 1.35
CA GLU A 63 12.61 -2.80 1.57
C GLU A 63 12.30 -2.10 0.26
N GLN A 64 13.21 -2.20 -0.70
CA GLN A 64 13.02 -1.58 -2.01
C GLN A 64 11.87 -2.23 -2.77
N LEU A 65 11.61 -3.50 -2.45
CA LEU A 65 10.53 -4.23 -3.10
C LEU A 65 9.21 -4.03 -2.37
N VAL A 66 9.20 -3.12 -1.41
CA VAL A 66 8.00 -2.83 -0.64
C VAL A 66 7.71 -1.33 -0.61
N ARG A 67 6.52 -0.94 -1.08
CA ARG A 67 6.13 0.46 -1.11
C ARG A 67 4.97 0.71 -0.16
N HIS A 68 5.22 1.52 0.87
CA HIS A 68 4.20 1.85 1.85
C HIS A 68 3.93 3.36 1.89
N PHE A 69 2.67 3.73 1.72
CA PHE A 69 2.28 5.15 1.73
C PHE A 69 1.10 5.38 2.66
N LEU A 70 1.00 6.58 3.20
CA LEU A 70 -0.09 6.94 4.10
C LEU A 70 -1.18 7.70 3.37
N ILE A 71 -2.40 7.19 3.44
CA ILE A 71 -3.54 7.83 2.78
C ILE A 71 -4.37 8.63 3.78
N GLU A 72 -4.75 9.84 3.38
CA GLU A 72 -5.56 10.71 4.24
C GLU A 72 -6.95 10.91 3.65
N THR A 73 -7.95 10.94 4.53
CA THR A 73 -9.33 11.12 4.12
C THR A 73 -9.91 12.42 4.65
N GLY A 74 -10.38 13.27 3.74
CA GLY A 74 -10.96 14.54 4.14
C GLY A 74 -12.31 14.79 3.52
N PRO A 75 -12.81 16.03 3.65
CA PRO A 75 -14.11 16.42 3.11
C PRO A 75 -14.11 16.47 1.59
N LYS A 76 -12.93 16.31 0.99
CA LYS A 76 -12.80 16.32 -0.46
C LYS A 76 -12.49 14.93 -1.01
N GLY A 77 -12.44 13.96 -0.10
CA GLY A 77 -12.16 12.58 -0.51
C GLY A 77 -10.89 12.05 0.13
N VAL A 78 -10.58 10.79 -0.17
CA VAL A 78 -9.39 10.15 0.38
C VAL A 78 -8.35 9.90 -0.70
N LYS A 79 -7.13 10.34 -0.47
CA LYS A 79 -6.04 10.15 -1.42
C LYS A 79 -4.71 9.90 -0.71
N ILE A 80 -3.76 9.31 -1.43
CA ILE A 80 -2.45 9.02 -0.86
C ILE A 80 -1.63 10.29 -0.69
N LYS A 81 -1.29 10.62 0.55
CA LYS A 81 -0.50 11.81 0.84
C LYS A 81 0.90 11.70 0.24
N GLY A 82 1.33 12.75 -0.46
CA GLY A 82 2.65 12.73 -1.07
C GLY A 82 2.58 12.74 -2.58
N CYS A 83 1.41 12.41 -3.13
CA CYS A 83 1.22 12.38 -4.57
C CYS A 83 0.70 13.72 -5.08
N PRO A 84 1.33 14.23 -6.16
CA PRO A 84 0.94 15.50 -6.77
C PRO A 84 -0.42 15.43 -7.45
N SER A 85 -0.69 14.31 -8.12
CA SER A 85 -1.95 14.12 -8.81
C SER A 85 -3.13 14.42 -7.90
N GLU A 86 -3.21 13.70 -6.78
CA GLU A 86 -4.29 13.90 -5.82
C GLU A 86 -5.64 13.58 -6.46
N PRO A 87 -5.92 12.28 -6.66
CA PRO A 87 -7.17 11.84 -7.26
C PRO A 87 -8.37 12.05 -6.34
N TYR A 88 -8.17 11.77 -5.05
CA TYR A 88 -9.24 11.94 -4.06
C TYR A 88 -10.44 11.07 -4.41
N PHE A 89 -10.41 9.81 -3.99
CA PHE A 89 -11.50 8.88 -4.27
C PHE A 89 -12.52 8.89 -3.13
N GLY A 90 -13.45 7.96 -3.17
CA GLY A 90 -14.47 7.87 -2.14
C GLY A 90 -13.91 7.46 -0.80
N SER A 91 -13.57 6.18 -0.67
CA SER A 91 -13.03 5.66 0.57
C SER A 91 -11.82 4.76 0.31
N LEU A 92 -11.22 4.25 1.37
CA LEU A 92 -10.06 3.38 1.26
C LEU A 92 -10.34 2.22 0.31
N SER A 93 -11.58 1.73 0.34
CA SER A 93 -11.97 0.62 -0.52
C SER A 93 -12.05 1.06 -1.98
N ALA A 94 -12.46 2.30 -2.20
CA ALA A 94 -12.58 2.85 -3.54
C ALA A 94 -11.20 2.99 -4.19
N LEU A 95 -10.24 3.53 -3.44
CA LEU A 95 -8.89 3.71 -3.95
C LEU A 95 -8.16 2.39 -4.06
N VAL A 96 -8.50 1.45 -3.18
CA VAL A 96 -7.88 0.13 -3.19
C VAL A 96 -8.32 -0.68 -4.40
N SER A 97 -9.61 -0.60 -4.73
CA SER A 97 -10.16 -1.33 -5.86
C SER A 97 -9.70 -0.71 -7.18
N GLN A 98 -9.67 0.62 -7.22
CA GLN A 98 -9.24 1.34 -8.42
C GLN A 98 -7.74 1.17 -8.65
N HIS A 99 -7.00 1.02 -7.56
CA HIS A 99 -5.55 0.85 -7.64
C HIS A 99 -5.19 -0.45 -8.37
N SER A 100 -6.17 -1.33 -8.51
CA SER A 100 -5.96 -2.61 -9.18
C SER A 100 -6.31 -2.52 -10.66
N ILE A 101 -6.64 -1.30 -11.12
CA ILE A 101 -7.00 -1.08 -12.51
C ILE A 101 -6.24 0.11 -13.08
N SER A 102 -6.07 1.14 -12.27
CA SER A 102 -5.35 2.35 -12.69
C SER A 102 -4.55 2.93 -11.54
N PRO A 103 -3.39 2.31 -11.23
CA PRO A 103 -2.52 2.76 -10.16
C PRO A 103 -1.83 4.09 -10.49
N ILE A 104 -1.86 5.01 -9.54
CA ILE A 104 -1.23 6.32 -9.73
C ILE A 104 0.11 6.38 -9.04
N SER A 105 0.09 6.45 -7.71
CA SER A 105 1.32 6.52 -6.93
C SER A 105 1.99 5.14 -6.83
N LEU A 106 1.19 4.10 -6.97
CA LEU A 106 1.70 2.74 -6.90
C LEU A 106 2.45 2.37 -8.17
N PRO A 107 3.34 1.38 -8.07
CA PRO A 107 4.14 0.92 -9.21
C PRO A 107 3.31 0.18 -10.24
N CYS A 108 2.49 -0.76 -9.77
CA CYS A 108 1.63 -1.53 -10.66
C CYS A 108 0.24 -1.68 -10.07
N CYS A 109 -0.64 -2.36 -10.81
CA CYS A 109 -2.02 -2.57 -10.36
C CYS A 109 -2.07 -3.60 -9.23
N LEU A 110 -2.71 -3.22 -8.13
CA LEU A 110 -2.83 -4.11 -6.98
C LEU A 110 -3.43 -5.45 -7.39
N ARG A 111 -2.99 -6.52 -6.73
CA ARG A 111 -3.48 -7.86 -7.03
C ARG A 111 -4.59 -8.25 -6.05
N ILE A 112 -5.72 -8.67 -6.60
CA ILE A 112 -6.86 -9.07 -5.79
C ILE A 112 -7.18 -8.02 -4.73
N PRO A 113 -7.83 -6.92 -5.15
CA PRO A 113 -8.21 -5.83 -4.25
C PRO A 113 -9.31 -6.23 -3.29
N SER A 114 -9.85 -5.25 -2.57
CA SER A 114 -10.91 -5.49 -1.61
C SER A 114 -12.29 -5.39 -2.27
N LYS A 115 -12.44 -6.10 -3.38
CA LYS A 115 -13.71 -6.09 -4.12
C LYS A 115 -14.73 -7.01 -3.45
N MET A 1 -7.07 -19.55 1.04
CA MET A 1 -8.14 -18.79 1.68
C MET A 1 -7.59 -17.56 2.38
N ASP A 2 -8.06 -16.39 1.98
CA ASP A 2 -7.60 -15.14 2.57
C ASP A 2 -8.60 -14.02 2.31
N THR A 3 -9.05 -13.37 3.38
CA THR A 3 -10.02 -12.28 3.25
C THR A 3 -9.41 -10.96 3.73
N SER A 4 -10.10 -9.85 3.44
CA SER A 4 -9.64 -8.54 3.83
C SER A 4 -9.44 -8.45 5.34
N LYS A 5 -10.19 -9.28 6.07
CA LYS A 5 -10.10 -9.30 7.53
C LYS A 5 -8.72 -9.78 7.98
N PHE A 6 -8.08 -10.57 7.14
CA PHE A 6 -6.75 -11.10 7.45
C PHE A 6 -5.66 -10.13 7.03
N TRP A 7 -5.93 -9.37 5.96
CA TRP A 7 -4.98 -8.41 5.44
C TRP A 7 -5.18 -7.04 6.09
N TYR A 8 -6.22 -6.93 6.91
CA TYR A 8 -6.53 -5.67 7.59
C TYR A 8 -6.31 -5.81 9.10
N LYS A 9 -5.27 -5.14 9.59
CA LYS A 9 -4.95 -5.19 11.02
C LYS A 9 -4.50 -3.82 11.51
N PRO A 10 -5.34 -3.18 12.35
CA PRO A 10 -5.04 -1.87 12.91
C PRO A 10 -3.90 -1.90 13.92
N HIS A 11 -3.83 -2.99 14.69
CA HIS A 11 -2.79 -3.15 15.70
C HIS A 11 -1.45 -3.51 15.05
N LEU A 12 -1.49 -3.74 13.74
CA LEU A 12 -0.28 -4.08 12.99
C LEU A 12 0.67 -2.88 12.90
N SER A 13 1.96 -3.15 12.89
CA SER A 13 2.97 -2.10 12.80
C SER A 13 3.60 -2.07 11.42
N ARG A 14 4.29 -0.98 11.10
CA ARG A 14 4.96 -0.83 9.81
C ARG A 14 5.89 -2.01 9.55
N ASP A 15 6.72 -2.33 10.53
CA ASP A 15 7.66 -3.44 10.41
C ASP A 15 6.93 -4.74 10.07
N GLN A 16 5.80 -4.97 10.74
CA GLN A 16 5.02 -6.17 10.51
C GLN A 16 4.50 -6.22 9.08
N ALA A 17 4.04 -5.09 8.58
CA ALA A 17 3.53 -5.00 7.21
C ALA A 17 4.62 -5.31 6.20
N ILE A 18 5.81 -4.80 6.44
CA ILE A 18 6.94 -5.02 5.55
C ILE A 18 7.35 -6.48 5.52
N ALA A 19 7.35 -7.11 6.68
CA ALA A 19 7.71 -8.52 6.79
C ALA A 19 6.68 -9.41 6.11
N LEU A 20 5.41 -9.02 6.22
CA LEU A 20 4.32 -9.78 5.62
C LEU A 20 4.31 -9.62 4.11
N LEU A 21 4.76 -8.46 3.64
CA LEU A 21 4.81 -8.19 2.21
C LEU A 21 5.98 -8.90 1.56
N LYS A 22 7.11 -8.94 2.25
CA LYS A 22 8.31 -9.59 1.74
C LYS A 22 8.19 -11.11 1.88
N ASP A 23 7.18 -11.56 2.61
CA ASP A 23 6.96 -12.99 2.81
C ASP A 23 5.71 -13.45 2.08
N LYS A 24 5.08 -12.53 1.37
CA LYS A 24 3.87 -12.84 0.60
C LYS A 24 4.08 -12.60 -0.89
N ASP A 25 3.26 -13.24 -1.71
CA ASP A 25 3.36 -13.09 -3.15
C ASP A 25 3.34 -11.62 -3.54
N PRO A 26 3.88 -11.32 -4.74
CA PRO A 26 3.94 -9.95 -5.26
C PRO A 26 2.56 -9.42 -5.64
N GLY A 27 2.33 -8.14 -5.36
CA GLY A 27 1.05 -7.54 -5.68
C GLY A 27 0.12 -7.47 -4.49
N ALA A 28 0.43 -8.26 -3.46
CA ALA A 28 -0.39 -8.29 -2.25
C ALA A 28 -0.24 -7.00 -1.46
N PHE A 29 -1.30 -6.61 -0.76
CA PHE A 29 -1.28 -5.39 0.05
C PHE A 29 -1.96 -5.63 1.40
N LEU A 30 -1.80 -4.67 2.31
CA LEU A 30 -2.39 -4.76 3.63
C LEU A 30 -2.69 -3.38 4.21
N ILE A 31 -3.62 -3.32 5.15
CA ILE A 31 -3.99 -2.06 5.78
C ILE A 31 -3.69 -2.07 7.27
N ARG A 32 -3.19 -0.95 7.78
CA ARG A 32 -2.86 -0.84 9.19
C ARG A 32 -3.26 0.53 9.74
N ASP A 33 -3.32 0.64 11.06
CA ASP A 33 -3.69 1.90 11.71
C ASP A 33 -2.59 2.94 11.54
N SER A 34 -2.94 4.06 10.89
CA SER A 34 -1.98 5.13 10.66
C SER A 34 -1.94 6.09 11.85
N HIS A 35 -1.05 5.81 12.79
CA HIS A 35 -0.89 6.63 13.98
C HIS A 35 -0.29 8.00 13.62
N SER A 36 0.22 8.10 12.40
CA SER A 36 0.85 9.34 11.94
C SER A 36 -0.09 10.53 12.16
N PHE A 37 -1.27 10.46 11.54
CA PHE A 37 -2.25 11.53 11.67
C PHE A 37 -3.66 10.96 11.79
N GLN A 38 -4.56 11.75 12.38
CA GLN A 38 -5.95 11.32 12.57
C GLN A 38 -6.64 11.13 11.22
N GLY A 39 -7.54 10.16 11.15
CA GLY A 39 -8.26 9.89 9.93
C GLY A 39 -7.34 9.45 8.80
N ALA A 40 -6.31 8.67 9.14
CA ALA A 40 -5.36 8.19 8.15
C ALA A 40 -5.19 6.68 8.24
N TYR A 41 -4.90 6.06 7.10
CA TYR A 41 -4.71 4.61 7.05
C TYR A 41 -3.43 4.26 6.31
N GLY A 42 -2.64 3.36 6.91
CA GLY A 42 -1.39 2.96 6.30
C GLY A 42 -1.58 1.82 5.32
N LEU A 43 -1.31 2.08 4.04
CA LEU A 43 -1.44 1.08 3.00
C LEU A 43 -0.09 0.59 2.54
N ALA A 44 0.12 -0.73 2.61
CA ALA A 44 1.38 -1.33 2.19
C ALA A 44 1.18 -2.26 1.00
N LEU A 45 2.09 -2.20 0.04
CA LEU A 45 2.01 -3.05 -1.14
C LEU A 45 3.37 -3.65 -1.48
N LYS A 46 3.36 -4.89 -1.96
CA LYS A 46 4.59 -5.58 -2.32
C LYS A 46 4.83 -5.52 -3.83
N VAL A 47 6.05 -5.17 -4.21
CA VAL A 47 6.40 -5.08 -5.63
C VAL A 47 7.22 -6.28 -6.07
N ALA A 48 7.29 -6.50 -7.38
CA ALA A 48 8.05 -7.62 -7.93
C ALA A 48 8.94 -7.17 -9.08
N THR A 49 9.39 -5.93 -9.02
CA THR A 49 10.25 -5.37 -10.06
C THR A 49 11.20 -4.31 -9.49
N PRO A 50 12.39 -4.75 -9.06
CA PRO A 50 13.39 -3.86 -8.49
C PRO A 50 14.00 -2.93 -9.54
N PRO A 51 14.75 -1.91 -9.07
CA PRO A 51 15.40 -0.94 -9.96
C PRO A 51 16.55 -1.55 -10.74
N PRO A 52 17.05 -0.82 -11.75
CA PRO A 52 18.15 -1.27 -12.59
C PRO A 52 19.48 -1.30 -11.84
N SER A 53 19.55 -0.55 -10.74
CA SER A 53 20.76 -0.49 -9.93
C SER A 53 20.67 -1.44 -8.74
N ALA A 54 19.66 -1.24 -7.90
CA ALA A 54 19.46 -2.08 -6.73
C ALA A 54 20.70 -2.08 -5.84
N GLN A 55 20.89 -1.00 -5.09
CA GLN A 55 22.03 -0.87 -4.20
C GLN A 55 22.17 -2.12 -3.32
N PRO A 56 23.20 -2.93 -3.60
CA PRO A 56 23.47 -4.16 -2.85
C PRO A 56 23.95 -3.87 -1.43
N TRP A 57 23.78 -4.84 -0.55
CA TRP A 57 24.20 -4.69 0.85
C TRP A 57 23.43 -3.58 1.53
N LYS A 58 23.78 -3.31 2.79
CA LYS A 58 23.11 -2.26 3.56
C LYS A 58 21.59 -2.45 3.55
N GLY A 59 21.16 -3.67 3.83
CA GLY A 59 19.74 -3.96 3.85
C GLY A 59 19.30 -4.86 2.70
N ASP A 60 18.59 -5.92 3.03
CA ASP A 60 18.11 -6.86 2.01
C ASP A 60 17.36 -6.13 0.90
N PRO A 61 17.24 -6.80 -0.26
CA PRO A 61 16.54 -6.22 -1.42
C PRO A 61 15.03 -6.12 -1.20
N VAL A 62 14.53 -6.88 -0.22
CA VAL A 62 13.10 -6.87 0.09
C VAL A 62 12.69 -5.56 0.74
N GLU A 63 13.59 -4.97 1.52
CA GLU A 63 13.32 -3.70 2.19
C GLU A 63 12.96 -2.62 1.18
N GLN A 64 13.41 -2.79 -0.06
CA GLN A 64 13.14 -1.83 -1.11
C GLN A 64 12.00 -2.31 -2.00
N LEU A 65 11.57 -3.54 -1.79
CA LEU A 65 10.49 -4.12 -2.58
C LEU A 65 9.15 -3.94 -1.89
N VAL A 66 9.11 -3.01 -0.93
CA VAL A 66 7.88 -2.72 -0.18
C VAL A 66 7.58 -1.23 -0.17
N ARG A 67 6.41 -0.87 -0.70
CA ARG A 67 6.01 0.53 -0.75
C ARG A 67 4.83 0.78 0.20
N HIS A 68 5.07 1.62 1.20
CA HIS A 68 4.04 1.95 2.18
C HIS A 68 3.74 3.45 2.17
N PHE A 69 2.47 3.79 1.98
CA PHE A 69 2.05 5.19 1.95
C PHE A 69 0.85 5.42 2.86
N LEU A 70 0.73 6.64 3.38
CA LEU A 70 -0.36 6.99 4.27
C LEU A 70 -1.47 7.72 3.51
N ILE A 71 -2.69 7.21 3.61
CA ILE A 71 -3.83 7.82 2.94
C ILE A 71 -4.68 8.63 3.91
N GLU A 72 -5.08 9.83 3.48
CA GLU A 72 -5.88 10.71 4.31
C GLU A 72 -7.27 10.91 3.70
N THR A 73 -8.30 10.77 4.53
CA THR A 73 -9.68 10.94 4.06
C THR A 73 -10.35 12.12 4.75
N GLY A 74 -10.81 13.08 3.95
CA GLY A 74 -11.46 14.25 4.49
C GLY A 74 -12.76 14.58 3.78
N PRO A 75 -13.30 15.77 4.05
CA PRO A 75 -14.56 16.22 3.44
C PRO A 75 -14.41 16.51 1.96
N LYS A 76 -13.18 16.47 1.47
CA LYS A 76 -12.90 16.72 0.06
C LYS A 76 -12.56 15.43 -0.68
N GLY A 77 -12.58 14.31 0.06
CA GLY A 77 -12.27 13.03 -0.54
C GLY A 77 -11.06 12.37 0.09
N VAL A 78 -10.69 11.20 -0.41
CA VAL A 78 -9.54 10.47 0.11
C VAL A 78 -8.40 10.44 -0.89
N LYS A 79 -7.21 10.85 -0.44
CA LYS A 79 -6.04 10.87 -1.30
C LYS A 79 -4.89 10.09 -0.67
N ILE A 80 -4.11 9.42 -1.50
CA ILE A 80 -2.97 8.64 -1.03
C ILE A 80 -1.69 9.44 -1.10
N LYS A 81 -1.05 9.64 0.06
CA LYS A 81 0.19 10.39 0.13
C LYS A 81 1.30 9.68 -0.64
N GLY A 82 1.48 10.05 -1.90
CA GLY A 82 2.51 9.44 -2.71
C GLY A 82 2.88 10.28 -3.91
N CYS A 83 1.89 10.92 -4.51
CA CYS A 83 2.13 11.77 -5.68
C CYS A 83 1.29 13.04 -5.60
N PRO A 84 1.70 14.07 -6.37
CA PRO A 84 1.00 15.36 -6.40
C PRO A 84 -0.36 15.26 -7.09
N SER A 85 -0.63 14.11 -7.71
CA SER A 85 -1.89 13.90 -8.40
C SER A 85 -3.08 14.23 -7.49
N GLU A 86 -3.23 13.43 -6.44
CA GLU A 86 -4.33 13.63 -5.49
C GLU A 86 -5.66 13.72 -6.22
N PRO A 87 -6.10 12.58 -6.81
CA PRO A 87 -7.35 12.50 -7.54
C PRO A 87 -8.57 12.60 -6.61
N TYR A 88 -8.33 12.49 -5.32
CA TYR A 88 -9.39 12.55 -4.33
C TYR A 88 -10.53 11.59 -4.68
N PHE A 89 -10.36 10.33 -4.29
CA PHE A 89 -11.37 9.31 -4.56
C PHE A 89 -12.46 9.32 -3.50
N GLY A 90 -13.37 8.35 -3.59
CA GLY A 90 -14.45 8.27 -2.62
C GLY A 90 -13.97 7.83 -1.25
N SER A 91 -13.55 6.58 -1.14
CA SER A 91 -13.07 6.04 0.12
C SER A 91 -11.89 5.09 -0.10
N LEU A 92 -11.33 4.59 1.00
CA LEU A 92 -10.20 3.68 0.93
C LEU A 92 -10.49 2.51 -0.02
N SER A 93 -11.75 2.06 0.00
CA SER A 93 -12.16 0.95 -0.86
C SER A 93 -12.18 1.37 -2.33
N ALA A 94 -12.54 2.62 -2.58
CA ALA A 94 -12.58 3.14 -3.94
C ALA A 94 -11.19 3.22 -4.55
N LEU A 95 -10.24 3.73 -3.78
CA LEU A 95 -8.86 3.87 -4.25
C LEU A 95 -8.18 2.51 -4.31
N VAL A 96 -8.59 1.60 -3.42
CA VAL A 96 -8.02 0.26 -3.39
C VAL A 96 -8.44 -0.55 -4.60
N SER A 97 -9.71 -0.44 -4.98
CA SER A 97 -10.24 -1.16 -6.13
C SER A 97 -9.71 -0.57 -7.43
N GLN A 98 -9.63 0.75 -7.48
CA GLN A 98 -9.14 1.43 -8.67
C GLN A 98 -7.64 1.24 -8.84
N HIS A 99 -6.93 1.07 -7.72
CA HIS A 99 -5.50 0.87 -7.74
C HIS A 99 -5.13 -0.36 -8.56
N SER A 100 -6.10 -1.25 -8.75
CA SER A 100 -5.88 -2.48 -9.51
C SER A 100 -6.15 -2.26 -10.99
N ILE A 101 -6.40 -1.01 -11.35
CA ILE A 101 -6.67 -0.66 -12.75
C ILE A 101 -5.84 0.54 -13.18
N SER A 102 -5.69 1.51 -12.28
CA SER A 102 -4.91 2.71 -12.58
C SER A 102 -4.18 3.20 -11.33
N PRO A 103 -3.01 2.58 -11.05
CA PRO A 103 -2.20 2.94 -9.89
C PRO A 103 -1.54 4.30 -10.05
N ILE A 104 -1.63 5.12 -9.00
CA ILE A 104 -1.03 6.45 -9.03
C ILE A 104 0.39 6.43 -8.46
N SER A 105 0.49 6.28 -7.14
CA SER A 105 1.78 6.26 -6.47
C SER A 105 2.26 4.81 -6.28
N LEU A 106 1.98 3.97 -7.26
CA LEU A 106 2.38 2.57 -7.20
C LEU A 106 3.09 2.15 -8.48
N PRO A 107 3.95 1.13 -8.37
CA PRO A 107 4.71 0.60 -9.51
C PRO A 107 3.82 -0.11 -10.52
N CYS A 108 2.78 -0.78 -10.02
CA CYS A 108 1.86 -1.51 -10.88
C CYS A 108 0.48 -1.61 -10.24
N CYS A 109 -0.45 -2.26 -10.93
CA CYS A 109 -1.81 -2.41 -10.43
C CYS A 109 -1.85 -3.37 -9.24
N LEU A 110 -2.53 -2.95 -8.17
CA LEU A 110 -2.63 -3.77 -6.97
C LEU A 110 -3.31 -5.11 -7.28
N ARG A 111 -2.87 -6.16 -6.59
CA ARG A 111 -3.43 -7.49 -6.80
C ARG A 111 -4.46 -7.81 -5.72
N ILE A 112 -5.66 -8.19 -6.16
CA ILE A 112 -6.73 -8.52 -5.23
C ILE A 112 -7.10 -10.00 -5.32
N PRO A 113 -6.23 -10.86 -4.77
CA PRO A 113 -6.43 -12.31 -4.77
C PRO A 113 -7.58 -12.73 -3.86
N SER A 114 -8.80 -12.70 -4.40
CA SER A 114 -9.98 -13.07 -3.63
C SER A 114 -10.02 -14.58 -3.40
N LYS A 115 -9.29 -15.33 -4.23
CA LYS A 115 -9.24 -16.78 -4.13
C LYS A 115 -7.82 -17.29 -4.34
N MET A 1 -9.52 -15.12 6.12
CA MET A 1 -8.54 -15.72 5.22
C MET A 1 -8.58 -15.04 3.86
N ASP A 2 -9.74 -15.08 3.22
CA ASP A 2 -9.91 -14.47 1.90
C ASP A 2 -10.78 -13.23 1.98
N THR A 3 -10.77 -12.58 3.15
CA THR A 3 -11.56 -11.37 3.36
C THR A 3 -10.67 -10.17 3.68
N SER A 4 -11.17 -8.97 3.43
CA SER A 4 -10.42 -7.75 3.69
C SER A 4 -10.07 -7.64 5.17
N LYS A 5 -10.82 -8.35 6.00
CA LYS A 5 -10.59 -8.34 7.44
C LYS A 5 -9.24 -8.96 7.78
N PHE A 6 -8.77 -9.85 6.92
CA PHE A 6 -7.49 -10.51 7.14
C PHE A 6 -6.33 -9.62 6.71
N TRP A 7 -6.55 -8.86 5.63
CA TRP A 7 -5.52 -7.96 5.11
C TRP A 7 -5.60 -6.61 5.79
N TYR A 8 -6.66 -6.39 6.56
CA TYR A 8 -6.85 -5.13 7.26
C TYR A 8 -6.69 -5.31 8.76
N LYS A 9 -5.60 -4.77 9.31
CA LYS A 9 -5.32 -4.86 10.74
C LYS A 9 -4.75 -3.55 11.27
N PRO A 10 -5.54 -2.86 12.10
CA PRO A 10 -5.13 -1.58 12.69
C PRO A 10 -4.03 -1.76 13.73
N HIS A 11 -4.09 -2.86 14.48
CA HIS A 11 -3.11 -3.15 15.51
C HIS A 11 -1.78 -3.59 14.88
N LEU A 12 -1.80 -3.79 13.57
CA LEU A 12 -0.59 -4.21 12.85
C LEU A 12 0.39 -3.06 12.71
N SER A 13 1.68 -3.36 12.87
CA SER A 13 2.72 -2.35 12.77
C SER A 13 3.34 -2.35 11.38
N ARG A 14 3.99 -1.25 11.02
CA ARG A 14 4.63 -1.13 9.72
C ARG A 14 5.61 -2.27 9.48
N ASP A 15 6.47 -2.52 10.47
CA ASP A 15 7.46 -3.59 10.36
C ASP A 15 6.78 -4.92 10.09
N GLN A 16 5.68 -5.18 10.78
CA GLN A 16 4.94 -6.42 10.61
C GLN A 16 4.41 -6.55 9.19
N ALA A 17 3.90 -5.45 8.64
CA ALA A 17 3.36 -5.44 7.29
C ALA A 17 4.45 -5.74 6.26
N ILE A 18 5.63 -5.16 6.47
CA ILE A 18 6.75 -5.36 5.56
C ILE A 18 7.21 -6.82 5.58
N ALA A 19 7.26 -7.40 6.77
CA ALA A 19 7.69 -8.79 6.92
C ALA A 19 6.67 -9.75 6.30
N LEU A 20 5.39 -9.40 6.41
CA LEU A 20 4.32 -10.22 5.86
C LEU A 20 4.30 -10.13 4.33
N LEU A 21 4.69 -8.97 3.81
CA LEU A 21 4.71 -8.76 2.37
C LEU A 21 5.91 -9.46 1.73
N LYS A 22 7.07 -9.37 2.39
CA LYS A 22 8.28 -10.00 1.90
C LYS A 22 8.20 -11.52 2.04
N ASP A 23 7.19 -12.00 2.74
CA ASP A 23 7.00 -13.43 2.95
C ASP A 23 5.79 -13.93 2.16
N LYS A 24 5.17 -13.04 1.39
CA LYS A 24 4.01 -13.41 0.59
C LYS A 24 4.26 -13.13 -0.88
N ASP A 25 3.32 -13.54 -1.73
CA ASP A 25 3.44 -13.33 -3.17
C ASP A 25 3.43 -11.84 -3.50
N PRO A 26 3.99 -11.49 -4.67
CA PRO A 26 4.06 -10.10 -5.13
C PRO A 26 2.69 -9.55 -5.51
N GLY A 27 2.52 -8.24 -5.35
CA GLY A 27 1.26 -7.61 -5.69
C GLY A 27 0.32 -7.52 -4.49
N ALA A 28 0.61 -8.31 -3.46
CA ALA A 28 -0.22 -8.31 -2.26
C ALA A 28 -0.05 -7.01 -1.47
N PHE A 29 -1.11 -6.61 -0.78
CA PHE A 29 -1.08 -5.39 0.02
C PHE A 29 -1.87 -5.56 1.31
N LEU A 30 -1.74 -4.59 2.21
CA LEU A 30 -2.44 -4.64 3.50
C LEU A 30 -2.60 -3.24 4.06
N ILE A 31 -3.60 -3.07 4.94
CA ILE A 31 -3.86 -1.79 5.56
C ILE A 31 -3.64 -1.85 7.07
N ARG A 32 -3.06 -0.79 7.63
CA ARG A 32 -2.79 -0.73 9.05
C ARG A 32 -3.13 0.66 9.61
N ASP A 33 -3.24 0.75 10.92
CA ASP A 33 -3.55 2.02 11.58
C ASP A 33 -2.43 3.02 11.40
N SER A 34 -2.74 4.15 10.76
CA SER A 34 -1.76 5.19 10.51
C SER A 34 -1.57 6.06 11.74
N HIS A 35 -0.50 5.81 12.48
CA HIS A 35 -0.20 6.58 13.69
C HIS A 35 0.20 8.01 13.35
N SER A 36 0.46 8.24 12.06
CA SER A 36 0.85 9.57 11.60
C SER A 36 -0.14 10.64 12.08
N PHE A 37 -1.31 10.66 11.46
CA PHE A 37 -2.34 11.63 11.84
C PHE A 37 -3.73 10.99 11.80
N GLN A 38 -4.67 11.60 12.52
CA GLN A 38 -6.04 11.09 12.58
C GLN A 38 -6.67 11.05 11.19
N GLY A 39 -7.51 10.05 10.96
CA GLY A 39 -8.17 9.92 9.66
C GLY A 39 -7.22 9.50 8.57
N ALA A 40 -6.18 8.75 8.94
CA ALA A 40 -5.20 8.27 7.97
C ALA A 40 -5.00 6.77 8.08
N TYR A 41 -4.68 6.14 6.95
CA TYR A 41 -4.47 4.69 6.92
C TYR A 41 -3.19 4.35 6.18
N GLY A 42 -2.37 3.49 6.78
CA GLY A 42 -1.13 3.10 6.15
C GLY A 42 -1.29 1.92 5.20
N LEU A 43 -1.10 2.17 3.91
CA LEU A 43 -1.23 1.13 2.89
C LEU A 43 0.14 0.64 2.44
N ALA A 44 0.34 -0.68 2.53
CA ALA A 44 1.60 -1.27 2.11
C ALA A 44 1.39 -2.26 0.97
N LEU A 45 2.28 -2.21 -0.01
CA LEU A 45 2.20 -3.11 -1.16
C LEU A 45 3.57 -3.68 -1.51
N LYS A 46 3.59 -4.94 -1.93
CA LYS A 46 4.83 -5.61 -2.30
C LYS A 46 5.02 -5.62 -3.81
N VAL A 47 6.24 -5.34 -4.25
CA VAL A 47 6.56 -5.31 -5.68
C VAL A 47 7.34 -6.55 -6.09
N ALA A 48 7.07 -7.04 -7.30
CA ALA A 48 7.76 -8.22 -7.81
C ALA A 48 9.02 -7.83 -8.57
N THR A 49 9.06 -6.61 -9.07
CA THR A 49 10.20 -6.11 -9.82
C THR A 49 10.84 -4.92 -9.12
N PRO A 50 12.18 -4.80 -9.25
CA PRO A 50 12.94 -3.71 -8.65
C PRO A 50 12.65 -2.37 -9.30
N PRO A 51 13.11 -1.28 -8.65
CA PRO A 51 12.91 0.08 -9.16
C PRO A 51 13.73 0.37 -10.41
N PRO A 52 13.43 1.48 -11.07
CA PRO A 52 14.13 1.89 -12.29
C PRO A 52 15.57 2.33 -12.02
N SER A 53 16.45 1.36 -11.84
CA SER A 53 17.86 1.65 -11.57
C SER A 53 18.72 0.41 -11.78
N ALA A 54 18.20 -0.74 -11.36
CA ALA A 54 18.92 -2.01 -11.51
C ALA A 54 20.20 -2.00 -10.69
N GLN A 55 20.06 -2.02 -9.37
CA GLN A 55 21.22 -2.00 -8.48
C GLN A 55 21.30 -3.32 -7.70
N PRO A 56 21.69 -4.40 -8.39
CA PRO A 56 21.82 -5.72 -7.78
C PRO A 56 22.99 -5.81 -6.82
N TRP A 57 22.93 -6.75 -5.89
CA TRP A 57 24.00 -6.93 -4.91
C TRP A 57 23.91 -8.31 -4.26
N LYS A 58 24.74 -8.53 -3.24
CA LYS A 58 24.75 -9.81 -2.54
C LYS A 58 23.36 -10.15 -2.00
N GLY A 59 22.55 -9.12 -1.76
CA GLY A 59 21.21 -9.33 -1.26
C GLY A 59 20.62 -8.08 -0.62
N ASP A 60 20.12 -7.18 -1.45
CA ASP A 60 19.53 -5.95 -0.96
C ASP A 60 18.39 -6.23 0.01
N PRO A 61 18.04 -5.22 0.83
CA PRO A 61 16.97 -5.33 1.82
C PRO A 61 15.60 -5.43 1.18
N VAL A 62 14.74 -6.26 1.75
CA VAL A 62 13.39 -6.45 1.24
C VAL A 62 12.62 -5.13 1.23
N GLU A 63 13.04 -4.21 2.10
CA GLU A 63 12.39 -2.90 2.18
C GLU A 63 12.38 -2.20 0.83
N GLN A 64 13.34 -2.55 -0.02
CA GLN A 64 13.44 -1.96 -1.35
C GLN A 64 12.29 -2.42 -2.24
N LEU A 65 11.74 -3.59 -1.92
CA LEU A 65 10.63 -4.14 -2.70
C LEU A 65 9.31 -3.95 -1.97
N VAL A 66 9.29 -2.99 -1.04
CA VAL A 66 8.08 -2.69 -0.28
C VAL A 66 7.76 -1.20 -0.31
N ARG A 67 6.59 -0.86 -0.83
CA ARG A 67 6.16 0.53 -0.91
C ARG A 67 5.03 0.81 0.06
N HIS A 68 5.28 1.68 1.03
CA HIS A 68 4.27 2.04 2.03
C HIS A 68 3.95 3.53 1.96
N PHE A 69 2.67 3.85 1.80
CA PHE A 69 2.23 5.23 1.72
C PHE A 69 1.05 5.48 2.65
N LEU A 70 0.96 6.70 3.16
CA LEU A 70 -0.12 7.07 4.08
C LEU A 70 -1.22 7.81 3.34
N ILE A 71 -2.44 7.28 3.41
CA ILE A 71 -3.59 7.89 2.75
C ILE A 71 -4.43 8.70 3.74
N GLU A 72 -4.82 9.90 3.32
CA GLU A 72 -5.63 10.76 4.18
C GLU A 72 -7.04 10.93 3.59
N THR A 73 -8.04 10.94 4.47
CA THR A 73 -9.42 11.10 4.05
C THR A 73 -10.03 12.38 4.62
N GLY A 74 -10.53 13.24 3.73
CA GLY A 74 -11.12 14.49 4.16
C GLY A 74 -12.47 14.73 3.52
N PRO A 75 -12.98 15.96 3.67
CA PRO A 75 -14.29 16.35 3.10
C PRO A 75 -14.27 16.43 1.58
N LYS A 76 -13.07 16.29 1.01
CA LYS A 76 -12.91 16.36 -0.44
C LYS A 76 -12.58 14.98 -1.00
N GLY A 77 -12.55 13.98 -0.12
CA GLY A 77 -12.24 12.62 -0.57
C GLY A 77 -10.98 12.08 0.07
N VAL A 78 -10.67 10.82 -0.23
CA VAL A 78 -9.47 10.19 0.32
C VAL A 78 -8.45 9.91 -0.77
N LYS A 79 -7.21 10.35 -0.53
CA LYS A 79 -6.13 10.17 -1.48
C LYS A 79 -4.81 9.90 -0.77
N ILE A 80 -3.86 9.31 -1.49
CA ILE A 80 -2.56 9.01 -0.93
C ILE A 80 -1.70 10.26 -0.81
N LYS A 81 -1.35 10.63 0.43
CA LYS A 81 -0.52 11.80 0.67
C LYS A 81 0.86 11.65 0.04
N GLY A 82 1.35 12.73 -0.55
CA GLY A 82 2.67 12.70 -1.17
C GLY A 82 2.58 12.72 -2.68
N CYS A 83 1.40 12.43 -3.21
CA CYS A 83 1.20 12.42 -4.66
C CYS A 83 0.66 13.76 -5.15
N PRO A 84 1.27 14.28 -6.23
CA PRO A 84 0.87 15.56 -6.82
C PRO A 84 -0.50 15.49 -7.48
N SER A 85 -0.76 14.38 -8.15
CA SER A 85 -2.03 14.18 -8.85
C SER A 85 -3.21 14.48 -7.93
N GLU A 86 -3.27 13.76 -6.81
CA GLU A 86 -4.35 13.95 -5.85
C GLU A 86 -5.70 13.65 -6.48
N PRO A 87 -6.00 12.37 -6.68
CA PRO A 87 -7.26 11.92 -7.28
C PRO A 87 -8.45 12.14 -6.35
N TYR A 88 -8.25 11.85 -5.07
CA TYR A 88 -9.31 12.02 -4.08
C TYR A 88 -10.53 11.17 -4.44
N PHE A 89 -10.50 9.91 -4.03
CA PHE A 89 -11.60 8.99 -4.31
C PHE A 89 -12.63 9.02 -3.19
N GLY A 90 -13.57 8.08 -3.23
CA GLY A 90 -14.61 8.02 -2.22
C GLY A 90 -14.07 7.59 -0.87
N SER A 91 -13.73 6.31 -0.74
CA SER A 91 -13.20 5.77 0.51
C SER A 91 -12.02 4.85 0.24
N LEU A 92 -11.41 4.35 1.32
CA LEU A 92 -10.26 3.46 1.20
C LEU A 92 -10.56 2.30 0.25
N SER A 93 -11.80 1.81 0.29
CA SER A 93 -12.21 0.70 -0.56
C SER A 93 -12.29 1.14 -2.02
N ALA A 94 -12.68 2.39 -2.24
CA ALA A 94 -12.80 2.94 -3.59
C ALA A 94 -11.43 3.06 -4.25
N LEU A 95 -10.46 3.58 -3.51
CA LEU A 95 -9.11 3.75 -4.02
C LEU A 95 -8.40 2.40 -4.15
N VAL A 96 -8.73 1.48 -3.24
CA VAL A 96 -8.12 0.15 -3.24
C VAL A 96 -8.59 -0.65 -4.44
N SER A 97 -9.88 -0.55 -4.76
CA SER A 97 -10.44 -1.27 -5.89
C SER A 97 -9.98 -0.67 -7.21
N GLN A 98 -9.91 0.66 -7.27
CA GLN A 98 -9.48 1.36 -8.47
C GLN A 98 -7.99 1.21 -8.68
N HIS A 99 -7.24 1.11 -7.57
CA HIS A 99 -5.80 0.95 -7.64
C HIS A 99 -5.41 -0.36 -8.31
N SER A 100 -6.38 -1.27 -8.41
CA SER A 100 -6.14 -2.58 -9.02
C SER A 100 -6.54 -2.56 -10.50
N ILE A 101 -6.85 -1.37 -11.01
CA ILE A 101 -7.24 -1.23 -12.40
C ILE A 101 -6.51 -0.06 -13.05
N SER A 102 -6.31 1.01 -12.31
CA SER A 102 -5.62 2.19 -12.81
C SER A 102 -4.78 2.85 -11.72
N PRO A 103 -3.63 2.23 -11.42
CA PRO A 103 -2.71 2.73 -10.38
C PRO A 103 -2.01 4.02 -10.80
N ILE A 104 -2.02 5.00 -9.92
CA ILE A 104 -1.39 6.29 -10.19
C ILE A 104 0.06 6.30 -9.71
N SER A 105 0.23 6.40 -8.40
CA SER A 105 1.56 6.44 -7.80
C SER A 105 1.98 5.04 -7.33
N LEU A 106 1.39 4.02 -7.92
CA LEU A 106 1.69 2.65 -7.57
C LEU A 106 2.52 1.96 -8.66
N PRO A 107 3.23 0.90 -8.29
CA PRO A 107 4.07 0.13 -9.23
C PRO A 107 3.24 -0.65 -10.23
N CYS A 108 2.05 -1.08 -9.80
CA CYS A 108 1.17 -1.85 -10.67
C CYS A 108 -0.19 -2.06 -10.01
N CYS A 109 -1.16 -2.52 -10.80
CA CYS A 109 -2.51 -2.76 -10.28
C CYS A 109 -2.46 -3.62 -9.02
N LEU A 110 -2.90 -3.04 -7.91
CA LEU A 110 -2.90 -3.75 -6.63
C LEU A 110 -3.60 -5.10 -6.76
N ARG A 111 -2.98 -6.13 -6.19
CA ARG A 111 -3.54 -7.48 -6.25
C ARG A 111 -4.36 -7.78 -5.00
N ILE A 112 -5.59 -8.25 -5.20
CA ILE A 112 -6.48 -8.58 -4.09
C ILE A 112 -6.75 -10.07 -4.03
N PRO A 113 -5.74 -10.83 -3.57
CA PRO A 113 -5.85 -12.30 -3.44
C PRO A 113 -6.80 -12.71 -2.33
N SER A 114 -7.00 -14.01 -2.19
CA SER A 114 -7.89 -14.55 -1.16
C SER A 114 -7.10 -15.07 0.03
N LYS A 115 -5.86 -14.60 0.17
CA LYS A 115 -5.01 -15.02 1.27
C LYS A 115 -4.28 -13.82 1.88
N MET A 1 -7.19 -18.29 2.51
CA MET A 1 -8.43 -17.56 2.27
C MET A 1 -8.15 -16.20 1.64
N ASP A 2 -7.22 -15.46 2.23
CA ASP A 2 -6.85 -14.13 1.74
C ASP A 2 -8.07 -13.22 1.71
N THR A 3 -8.46 -12.71 2.88
CA THR A 3 -9.60 -11.82 2.98
C THR A 3 -9.20 -10.46 3.54
N SER A 4 -10.02 -9.45 3.30
CA SER A 4 -9.73 -8.11 3.77
C SER A 4 -9.57 -8.08 5.28
N LYS A 5 -10.33 -8.93 5.97
CA LYS A 5 -10.27 -9.01 7.42
C LYS A 5 -8.91 -9.54 7.88
N PHE A 6 -8.26 -10.31 7.02
CA PHE A 6 -6.95 -10.87 7.33
C PHE A 6 -5.84 -9.93 6.90
N TRP A 7 -6.12 -9.10 5.92
CA TRP A 7 -5.13 -8.14 5.41
C TRP A 7 -5.30 -6.79 6.09
N TYR A 8 -6.34 -6.66 6.91
CA TYR A 8 -6.62 -5.41 7.62
C TYR A 8 -6.38 -5.57 9.12
N LYS A 9 -5.32 -4.94 9.62
CA LYS A 9 -4.99 -5.01 11.04
C LYS A 9 -4.50 -3.66 11.54
N PRO A 10 -5.31 -3.01 12.40
CA PRO A 10 -4.98 -1.71 12.98
C PRO A 10 -3.84 -1.79 13.97
N HIS A 11 -3.78 -2.90 14.72
CA HIS A 11 -2.74 -3.10 15.72
C HIS A 11 -1.41 -3.44 15.04
N LEU A 12 -1.45 -3.65 13.74
CA LEU A 12 -0.25 -3.98 12.97
C LEU A 12 0.65 -2.77 12.81
N SER A 13 1.96 -3.01 12.78
CA SER A 13 2.93 -1.93 12.64
C SER A 13 3.53 -1.94 11.24
N ARG A 14 4.22 -0.86 10.89
CA ARG A 14 4.85 -0.73 9.58
C ARG A 14 5.80 -1.90 9.32
N ASP A 15 6.66 -2.18 10.29
CA ASP A 15 7.62 -3.27 10.17
C ASP A 15 6.92 -4.59 9.90
N GLN A 16 5.81 -4.82 10.60
CA GLN A 16 5.05 -6.05 10.44
C GLN A 16 4.49 -6.15 9.03
N ALA A 17 4.00 -5.04 8.50
CA ALA A 17 3.43 -5.00 7.15
C ALA A 17 4.50 -5.32 6.10
N ILE A 18 5.69 -4.77 6.30
CA ILE A 18 6.80 -4.99 5.38
C ILE A 18 7.23 -6.45 5.37
N ALA A 19 7.29 -7.05 6.56
CA ALA A 19 7.69 -8.44 6.69
C ALA A 19 6.65 -9.37 6.07
N LEU A 20 5.38 -9.01 6.22
CA LEU A 20 4.28 -9.81 5.67
C LEU A 20 4.23 -9.69 4.15
N LEU A 21 4.62 -8.53 3.64
CA LEU A 21 4.62 -8.29 2.21
C LEU A 21 5.79 -8.99 1.53
N LYS A 22 6.94 -8.98 2.18
CA LYS A 22 8.13 -9.63 1.65
C LYS A 22 8.05 -11.15 1.80
N ASP A 23 7.03 -11.60 2.51
CA ASP A 23 6.83 -13.04 2.74
C ASP A 23 5.61 -13.54 1.97
N LYS A 24 4.95 -12.63 1.26
CA LYS A 24 3.76 -12.99 0.49
C LYS A 24 3.98 -12.70 -0.99
N ASP A 25 3.13 -13.29 -1.84
CA ASP A 25 3.24 -13.09 -3.28
C ASP A 25 3.20 -11.61 -3.63
N PRO A 26 3.74 -11.27 -4.80
CA PRO A 26 3.78 -9.88 -5.29
C PRO A 26 2.40 -9.36 -5.67
N GLY A 27 2.14 -8.10 -5.35
CA GLY A 27 0.85 -7.51 -5.65
C GLY A 27 -0.06 -7.42 -4.45
N ALA A 28 0.25 -8.20 -3.42
CA ALA A 28 -0.54 -8.22 -2.20
C ALA A 28 -0.37 -6.92 -1.42
N PHE A 29 -1.41 -6.52 -0.70
CA PHE A 29 -1.38 -5.29 0.09
C PHE A 29 -2.07 -5.50 1.43
N LEU A 30 -1.91 -4.53 2.33
CA LEU A 30 -2.53 -4.60 3.65
C LEU A 30 -2.75 -3.19 4.21
N ILE A 31 -3.66 -3.10 5.17
CA ILE A 31 -3.96 -1.81 5.80
C ILE A 31 -3.71 -1.86 7.30
N ARG A 32 -3.15 -0.78 7.83
CA ARG A 32 -2.85 -0.70 9.26
C ARG A 32 -3.22 0.68 9.82
N ASP A 33 -3.30 0.77 11.15
CA ASP A 33 -3.64 2.03 11.79
C ASP A 33 -2.51 3.04 11.64
N SER A 34 -2.82 4.17 11.01
CA SER A 34 -1.83 5.22 10.78
C SER A 34 -1.68 6.09 12.03
N HIS A 35 -0.64 5.83 12.81
CA HIS A 35 -0.38 6.58 14.03
C HIS A 35 0.04 8.01 13.69
N SER A 36 0.34 8.26 12.43
CA SER A 36 0.76 9.59 11.97
C SER A 36 -0.23 10.66 12.43
N PHE A 37 -1.39 10.70 11.77
CA PHE A 37 -2.42 11.66 12.11
C PHE A 37 -3.81 11.03 12.04
N GLN A 38 -4.77 11.65 12.72
CA GLN A 38 -6.14 11.14 12.74
C GLN A 38 -6.73 11.12 11.33
N GLY A 39 -7.57 10.13 11.06
CA GLY A 39 -8.19 10.02 9.75
C GLY A 39 -7.22 9.58 8.68
N ALA A 40 -6.20 8.81 9.08
CA ALA A 40 -5.19 8.32 8.15
C ALA A 40 -5.01 6.82 8.28
N TYR A 41 -4.73 6.16 7.17
CA TYR A 41 -4.53 4.72 7.16
C TYR A 41 -3.25 4.34 6.41
N GLY A 42 -2.44 3.49 7.01
CA GLY A 42 -1.20 3.06 6.40
C GLY A 42 -1.41 1.93 5.41
N LEU A 43 -1.20 2.22 4.12
CA LEU A 43 -1.37 1.21 3.08
C LEU A 43 -0.02 0.68 2.61
N ALA A 44 0.14 -0.63 2.63
CA ALA A 44 1.38 -1.26 2.21
C ALA A 44 1.15 -2.20 1.02
N LEU A 45 2.05 -2.15 0.05
CA LEU A 45 1.94 -2.99 -1.14
C LEU A 45 3.29 -3.62 -1.48
N LYS A 46 3.25 -4.86 -1.96
CA LYS A 46 4.46 -5.58 -2.35
C LYS A 46 4.69 -5.50 -3.85
N VAL A 47 5.91 -5.12 -4.25
CA VAL A 47 6.25 -5.02 -5.65
C VAL A 47 7.27 -6.08 -6.05
N ALA A 48 7.34 -6.36 -7.35
CA ALA A 48 8.27 -7.36 -7.86
C ALA A 48 9.72 -6.94 -7.64
N THR A 49 10.02 -5.70 -8.01
CA THR A 49 11.37 -5.17 -7.85
C THR A 49 11.43 -3.69 -8.23
N PRO A 50 12.47 -3.00 -7.75
CA PRO A 50 12.66 -1.57 -8.02
C PRO A 50 13.04 -1.31 -9.48
N PRO A 51 12.99 -0.04 -9.90
CA PRO A 51 13.32 0.38 -11.25
C PRO A 51 14.82 0.24 -11.56
N PRO A 52 15.17 0.35 -12.84
CA PRO A 52 16.56 0.24 -13.28
C PRO A 52 17.41 1.43 -12.85
N SER A 53 18.00 1.33 -11.66
CA SER A 53 18.83 2.41 -11.13
C SER A 53 20.29 2.22 -11.53
N ALA A 54 20.53 1.27 -12.44
CA ALA A 54 21.88 0.99 -12.90
C ALA A 54 22.84 0.77 -11.73
N GLN A 55 22.34 0.10 -10.69
CA GLN A 55 23.15 -0.17 -9.50
C GLN A 55 22.70 -1.47 -8.83
N PRO A 56 23.04 -2.61 -9.47
CA PRO A 56 22.69 -3.93 -8.95
C PRO A 56 23.47 -4.29 -7.69
N TRP A 57 22.77 -4.85 -6.72
CA TRP A 57 23.40 -5.25 -5.45
C TRP A 57 23.33 -6.76 -5.26
N LYS A 58 22.33 -7.39 -5.88
CA LYS A 58 22.16 -8.83 -5.77
C LYS A 58 21.87 -9.24 -4.33
N GLY A 59 21.31 -8.32 -3.56
CA GLY A 59 20.98 -8.60 -2.18
C GLY A 59 19.50 -8.83 -1.96
N ASP A 60 18.88 -7.96 -1.17
CA ASP A 60 17.45 -8.08 -0.89
C ASP A 60 16.93 -6.80 -0.23
N PRO A 61 16.90 -5.71 -1.01
CA PRO A 61 16.42 -4.41 -0.52
C PRO A 61 14.91 -4.40 -0.28
N VAL A 62 14.49 -4.97 0.85
CA VAL A 62 13.08 -5.02 1.20
C VAL A 62 12.47 -3.62 1.23
N GLU A 63 13.31 -2.62 1.47
CA GLU A 63 12.85 -1.24 1.53
C GLU A 63 12.20 -0.83 0.21
N GLN A 64 12.80 -1.26 -0.89
CA GLN A 64 12.29 -0.93 -2.22
C GLN A 64 11.27 -1.97 -2.68
N LEU A 65 11.39 -3.19 -2.16
CA LEU A 65 10.47 -4.27 -2.51
C LEU A 65 9.11 -4.05 -1.88
N VAL A 66 9.04 -3.17 -0.90
CA VAL A 66 7.78 -2.86 -0.22
C VAL A 66 7.53 -1.36 -0.16
N ARG A 67 6.40 -0.94 -0.69
CA ARG A 67 6.04 0.48 -0.71
C ARG A 67 4.87 0.76 0.23
N HIS A 68 5.12 1.55 1.26
CA HIS A 68 4.09 1.90 2.23
C HIS A 68 3.87 3.41 2.28
N PHE A 69 2.62 3.82 2.08
CA PHE A 69 2.26 5.23 2.10
C PHE A 69 1.05 5.48 2.99
N LEU A 70 0.93 6.71 3.47
CA LEU A 70 -0.18 7.08 4.34
C LEU A 70 -1.28 7.78 3.55
N ILE A 71 -2.49 7.22 3.61
CA ILE A 71 -3.62 7.79 2.90
C ILE A 71 -4.52 8.58 3.84
N GLU A 72 -4.94 9.76 3.39
CA GLU A 72 -5.80 10.62 4.20
C GLU A 72 -7.19 10.75 3.57
N THR A 73 -8.22 10.57 4.39
CA THR A 73 -9.60 10.67 3.92
C THR A 73 -10.35 11.77 4.64
N GLY A 74 -11.07 12.60 3.89
CA GLY A 74 -11.82 13.68 4.48
C GLY A 74 -13.05 14.05 3.65
N PRO A 75 -13.64 15.22 3.95
CA PRO A 75 -14.83 15.70 3.24
C PRO A 75 -14.53 16.10 1.80
N LYS A 76 -13.25 16.10 1.45
CA LYS A 76 -12.83 16.46 0.10
C LYS A 76 -12.39 15.23 -0.68
N GLY A 77 -12.48 14.06 -0.04
CA GLY A 77 -12.10 12.82 -0.70
C GLY A 77 -10.90 12.17 -0.05
N VAL A 78 -10.51 11.00 -0.55
CA VAL A 78 -9.37 10.28 -0.01
C VAL A 78 -8.22 10.25 -1.01
N LYS A 79 -7.04 10.66 -0.57
CA LYS A 79 -5.86 10.68 -1.42
C LYS A 79 -4.69 9.97 -0.76
N ILE A 80 -3.81 9.39 -1.56
CA ILE A 80 -2.64 8.69 -1.05
C ILE A 80 -1.41 9.59 -1.03
N LYS A 81 -0.85 9.80 0.14
CA LYS A 81 0.33 10.64 0.29
C LYS A 81 1.53 10.02 -0.40
N GLY A 82 2.09 10.73 -1.38
CA GLY A 82 3.23 10.23 -2.12
C GLY A 82 3.43 10.94 -3.44
N CYS A 83 2.34 11.41 -4.02
CA CYS A 83 2.41 12.11 -5.30
C CYS A 83 1.40 13.26 -5.33
N PRO A 84 1.68 14.25 -6.20
CA PRO A 84 0.81 15.43 -6.35
C PRO A 84 -0.52 15.09 -7.01
N SER A 85 -0.64 13.85 -7.49
CA SER A 85 -1.86 13.41 -8.15
C SER A 85 -3.08 13.72 -7.29
N GLU A 86 -3.26 12.93 -6.23
CA GLU A 86 -4.40 13.12 -5.33
C GLU A 86 -5.72 13.09 -6.10
N PRO A 87 -6.11 11.89 -6.54
CA PRO A 87 -7.35 11.70 -7.29
C PRO A 87 -8.60 11.90 -6.42
N TYR A 88 -8.38 12.26 -5.16
CA TYR A 88 -9.48 12.48 -4.23
C TYR A 88 -10.60 11.47 -4.47
N PHE A 89 -10.29 10.20 -4.27
CA PHE A 89 -11.27 9.13 -4.46
C PHE A 89 -12.41 9.25 -3.44
N GLY A 90 -13.32 8.28 -3.46
CA GLY A 90 -14.44 8.30 -2.54
C GLY A 90 -14.09 7.72 -1.19
N SER A 91 -13.58 6.49 -1.19
CA SER A 91 -13.21 5.82 0.05
C SER A 91 -12.01 4.89 -0.17
N LEU A 92 -11.51 4.32 0.92
CA LEU A 92 -10.36 3.43 0.85
C LEU A 92 -10.62 2.30 -0.15
N SER A 93 -11.85 1.82 -0.19
CA SER A 93 -12.23 0.74 -1.10
C SER A 93 -12.23 1.23 -2.55
N ALA A 94 -12.62 2.49 -2.75
CA ALA A 94 -12.67 3.08 -4.08
C ALA A 94 -11.26 3.22 -4.66
N LEU A 95 -10.33 3.71 -3.85
CA LEU A 95 -8.95 3.89 -4.31
C LEU A 95 -8.24 2.55 -4.42
N VAL A 96 -8.64 1.60 -3.59
CA VAL A 96 -8.04 0.26 -3.61
C VAL A 96 -8.43 -0.50 -4.87
N SER A 97 -9.71 -0.39 -5.25
CA SER A 97 -10.21 -1.07 -6.44
C SER A 97 -9.69 -0.41 -7.70
N GLN A 98 -9.63 0.92 -7.71
CA GLN A 98 -9.15 1.67 -8.85
C GLN A 98 -7.64 1.54 -8.99
N HIS A 99 -6.95 1.37 -7.86
CA HIS A 99 -5.51 1.23 -7.87
C HIS A 99 -5.08 -0.02 -8.62
N SER A 100 -6.03 -0.93 -8.85
CA SER A 100 -5.75 -2.17 -9.55
C SER A 100 -6.02 -2.02 -11.04
N ILE A 101 -6.35 -0.79 -11.46
CA ILE A 101 -6.63 -0.51 -12.86
C ILE A 101 -5.83 0.70 -13.34
N SER A 102 -5.71 1.70 -12.48
CA SER A 102 -4.98 2.92 -12.82
C SER A 102 -4.06 3.33 -11.68
N PRO A 103 -2.94 2.60 -11.53
CA PRO A 103 -1.95 2.88 -10.47
C PRO A 103 -1.20 4.19 -10.72
N ILE A 104 -1.11 5.01 -9.68
CA ILE A 104 -0.41 6.29 -9.79
C ILE A 104 0.82 6.32 -8.88
N SER A 105 0.58 6.42 -7.58
CA SER A 105 1.66 6.46 -6.60
C SER A 105 2.42 5.13 -6.57
N LEU A 106 1.74 4.07 -6.98
CA LEU A 106 2.35 2.74 -6.99
C LEU A 106 2.96 2.45 -8.36
N PRO A 107 3.95 1.53 -8.38
CA PRO A 107 4.63 1.13 -9.61
C PRO A 107 3.73 0.33 -10.54
N CYS A 108 2.99 -0.62 -9.97
CA CYS A 108 2.09 -1.46 -10.76
C CYS A 108 0.73 -1.57 -10.08
N CYS A 109 -0.29 -1.92 -10.86
CA CYS A 109 -1.64 -2.06 -10.33
C CYS A 109 -1.65 -2.98 -9.12
N LEU A 110 -2.45 -2.61 -8.11
CA LEU A 110 -2.55 -3.40 -6.89
C LEU A 110 -3.37 -4.66 -7.12
N ARG A 111 -3.01 -5.72 -6.41
CA ARG A 111 -3.71 -7.00 -6.54
C ARG A 111 -4.69 -7.20 -5.38
N ILE A 112 -5.95 -7.38 -5.73
CA ILE A 112 -6.99 -7.57 -4.73
C ILE A 112 -7.10 -9.05 -4.33
N PRO A 113 -7.15 -9.30 -3.01
CA PRO A 113 -7.25 -10.66 -2.47
C PRO A 113 -8.61 -11.30 -2.76
N SER A 114 -8.85 -12.45 -2.14
CA SER A 114 -10.11 -13.16 -2.33
C SER A 114 -11.29 -12.32 -1.86
N LYS A 115 -11.00 -11.34 -1.01
CA LYS A 115 -12.04 -10.45 -0.49
C LYS A 115 -11.41 -9.23 0.20
N MET A 1 -7.46 -18.80 0.81
CA MET A 1 -6.62 -18.95 1.99
C MET A 1 -6.40 -17.62 2.67
N ASP A 2 -5.94 -16.64 1.89
CA ASP A 2 -5.68 -15.30 2.43
C ASP A 2 -6.96 -14.47 2.46
N THR A 3 -7.41 -14.13 3.67
CA THR A 3 -8.61 -13.34 3.83
C THR A 3 -8.28 -11.89 4.20
N SER A 4 -9.27 -11.01 4.05
CA SER A 4 -9.07 -9.60 4.36
C SER A 4 -8.80 -9.39 5.85
N LYS A 5 -9.28 -10.33 6.66
CA LYS A 5 -9.09 -10.25 8.11
C LYS A 5 -7.61 -10.36 8.47
N PHE A 6 -6.87 -11.15 7.69
CA PHE A 6 -5.45 -11.33 7.93
C PHE A 6 -4.65 -10.17 7.34
N TRP A 7 -5.15 -9.62 6.24
CA TRP A 7 -4.48 -8.51 5.56
C TRP A 7 -4.82 -7.18 6.25
N TYR A 8 -5.84 -7.20 7.09
CA TYR A 8 -6.26 -6.00 7.80
C TYR A 8 -5.95 -6.11 9.29
N LYS A 9 -5.00 -5.32 9.74
CA LYS A 9 -4.59 -5.33 11.15
C LYS A 9 -4.31 -3.91 11.64
N PRO A 10 -5.19 -3.41 12.53
CA PRO A 10 -5.05 -2.07 13.09
C PRO A 10 -3.86 -1.96 14.04
N HIS A 11 -3.60 -3.02 14.79
CA HIS A 11 -2.49 -3.05 15.74
C HIS A 11 -1.18 -3.33 15.03
N LEU A 12 -1.26 -3.96 13.86
CA LEU A 12 -0.08 -4.30 13.08
C LEU A 12 0.80 -3.06 12.87
N SER A 13 2.10 -3.22 13.12
CA SER A 13 3.05 -2.12 12.96
C SER A 13 3.57 -2.07 11.53
N ARG A 14 4.12 -0.91 11.16
CA ARG A 14 4.67 -0.73 9.81
C ARG A 14 5.71 -1.79 9.50
N ASP A 15 6.64 -1.98 10.42
CA ASP A 15 7.70 -2.98 10.25
C ASP A 15 7.11 -4.36 9.99
N GLN A 16 6.07 -4.70 10.76
CA GLN A 16 5.42 -6.00 10.62
C GLN A 16 4.81 -6.16 9.23
N ALA A 17 4.18 -5.09 8.74
CA ALA A 17 3.56 -5.10 7.42
C ALA A 17 4.59 -5.31 6.32
N ILE A 18 5.74 -4.64 6.46
CA ILE A 18 6.81 -4.77 5.48
C ILE A 18 7.37 -6.18 5.44
N ALA A 19 7.55 -6.77 6.61
CA ALA A 19 8.09 -8.12 6.71
C ALA A 19 7.10 -9.14 6.16
N LEU A 20 5.81 -8.89 6.36
CA LEU A 20 4.77 -9.78 5.88
C LEU A 20 4.63 -9.68 4.36
N LEU A 21 4.90 -8.50 3.82
CA LEU A 21 4.81 -8.28 2.38
C LEU A 21 6.00 -8.89 1.66
N LYS A 22 7.19 -8.69 2.22
CA LYS A 22 8.41 -9.22 1.62
C LYS A 22 8.43 -10.75 1.70
N ASP A 23 7.53 -11.30 2.51
CA ASP A 23 7.44 -12.75 2.67
C ASP A 23 6.18 -13.30 2.01
N LYS A 24 5.49 -12.44 1.27
CA LYS A 24 4.26 -12.84 0.58
C LYS A 24 4.39 -12.64 -0.92
N ASP A 25 3.41 -13.16 -1.66
CA ASP A 25 3.41 -13.03 -3.12
C ASP A 25 3.31 -11.57 -3.54
N PRO A 26 3.80 -11.27 -4.75
CA PRO A 26 3.78 -9.91 -5.30
C PRO A 26 2.37 -9.45 -5.64
N GLY A 27 2.15 -8.14 -5.56
CA GLY A 27 0.84 -7.58 -5.87
C GLY A 27 -0.08 -7.56 -4.66
N ALA A 28 0.33 -8.26 -3.60
CA ALA A 28 -0.47 -8.32 -2.38
C ALA A 28 -0.45 -6.98 -1.65
N PHE A 29 -1.54 -6.68 -0.94
CA PHE A 29 -1.65 -5.43 -0.20
C PHE A 29 -2.20 -5.67 1.20
N LEU A 30 -2.07 -4.67 2.07
CA LEU A 30 -2.55 -4.77 3.43
C LEU A 30 -2.90 -3.40 3.99
N ILE A 31 -3.71 -3.39 5.06
CA ILE A 31 -4.12 -2.14 5.69
C ILE A 31 -3.90 -2.18 7.19
N ARG A 32 -3.44 -1.07 7.75
CA ARG A 32 -3.19 -0.98 9.19
C ARG A 32 -3.52 0.41 9.72
N ASP A 33 -3.63 0.53 11.03
CA ASP A 33 -3.95 1.80 11.67
C ASP A 33 -2.80 2.79 11.50
N SER A 34 -3.07 3.91 10.85
CA SER A 34 -2.05 4.94 10.63
C SER A 34 -1.92 5.84 11.85
N HIS A 35 -0.93 5.52 12.69
CA HIS A 35 -0.69 6.31 13.89
C HIS A 35 -0.05 7.66 13.56
N SER A 36 0.39 7.79 12.31
CA SER A 36 1.02 9.02 11.85
C SER A 36 0.09 10.22 12.10
N PHE A 37 -1.03 10.24 11.39
CA PHE A 37 -2.00 11.33 11.52
C PHE A 37 -3.39 10.78 11.81
N GLN A 38 -4.24 11.62 12.40
CA GLN A 38 -5.60 11.23 12.72
C GLN A 38 -6.49 11.22 11.48
N GLY A 39 -7.26 10.15 11.31
CA GLY A 39 -8.13 10.04 10.16
C GLY A 39 -7.41 9.54 8.93
N ALA A 40 -6.34 8.78 9.14
CA ALA A 40 -5.56 8.24 8.04
C ALA A 40 -5.35 6.74 8.20
N TYR A 41 -5.03 6.07 7.10
CA TYR A 41 -4.81 4.62 7.12
C TYR A 41 -3.53 4.26 6.38
N GLY A 42 -2.78 3.32 6.94
CA GLY A 42 -1.53 2.89 6.33
C GLY A 42 -1.73 1.74 5.35
N LEU A 43 -1.44 2.00 4.09
CA LEU A 43 -1.60 0.98 3.06
C LEU A 43 -0.24 0.48 2.57
N ALA A 44 -0.06 -0.83 2.58
CA ALA A 44 1.19 -1.44 2.14
C ALA A 44 0.99 -2.29 0.89
N LEU A 45 1.91 -2.19 -0.05
CA LEU A 45 1.84 -2.96 -1.29
C LEU A 45 3.17 -3.61 -1.61
N LYS A 46 3.12 -4.84 -2.12
CA LYS A 46 4.33 -5.58 -2.47
C LYS A 46 4.61 -5.47 -3.97
N VAL A 47 5.82 -5.06 -4.31
CA VAL A 47 6.22 -4.91 -5.71
C VAL A 47 6.91 -6.18 -6.21
N ALA A 48 6.74 -6.47 -7.50
CA ALA A 48 7.35 -7.65 -8.10
C ALA A 48 8.87 -7.60 -7.97
N THR A 49 9.44 -6.40 -8.12
CA THR A 49 10.88 -6.23 -8.02
C THR A 49 11.25 -4.75 -8.07
N PRO A 50 12.46 -4.43 -7.57
CA PRO A 50 12.96 -3.05 -7.55
C PRO A 50 13.28 -2.53 -8.93
N PRO A 51 13.51 -1.21 -9.04
CA PRO A 51 13.83 -0.55 -10.30
C PRO A 51 15.22 -0.92 -10.81
N PRO A 52 15.50 -0.58 -12.08
CA PRO A 52 16.79 -0.86 -12.72
C PRO A 52 17.92 -0.02 -12.13
N SER A 53 17.61 1.24 -11.83
CA SER A 53 18.61 2.15 -11.27
C SER A 53 17.93 3.36 -10.63
N ALA A 54 17.60 3.24 -9.35
CA ALA A 54 16.95 4.32 -8.62
C ALA A 54 17.71 4.66 -7.34
N GLN A 55 19.03 4.51 -7.38
CA GLN A 55 19.87 4.79 -6.22
C GLN A 55 19.43 3.97 -5.03
N PRO A 56 19.66 2.66 -5.08
CA PRO A 56 19.29 1.73 -4.00
C PRO A 56 20.15 1.93 -2.76
N TRP A 57 19.58 1.64 -1.60
CA TRP A 57 20.29 1.78 -0.34
C TRP A 57 21.17 0.56 -0.07
N LYS A 58 22.28 0.78 0.63
CA LYS A 58 23.20 -0.30 0.96
C LYS A 58 23.04 -0.73 2.42
N GLY A 59 21.80 -0.97 2.82
CA GLY A 59 21.53 -1.38 4.19
C GLY A 59 20.13 -1.95 4.36
N ASP A 60 19.14 -1.24 3.83
CA ASP A 60 17.75 -1.68 3.93
C ASP A 60 17.05 -1.57 2.59
N PRO A 61 17.46 -2.41 1.63
CA PRO A 61 16.87 -2.41 0.28
C PRO A 61 15.44 -2.94 0.27
N VAL A 62 15.06 -3.63 1.34
CA VAL A 62 13.71 -4.18 1.46
C VAL A 62 12.66 -3.10 1.23
N GLU A 63 13.01 -1.86 1.58
CA GLU A 63 12.09 -0.73 1.42
C GLU A 63 11.66 -0.58 -0.03
N GLN A 64 12.51 -1.04 -0.94
CA GLN A 64 12.23 -0.95 -2.37
C GLN A 64 11.26 -2.05 -2.81
N LEU A 65 11.26 -3.15 -2.06
CA LEU A 65 10.38 -4.27 -2.37
C LEU A 65 8.98 -4.04 -1.80
N VAL A 66 8.91 -3.26 -0.73
CA VAL A 66 7.62 -2.95 -0.10
C VAL A 66 7.39 -1.45 -0.05
N ARG A 67 6.28 -1.00 -0.62
CA ARG A 67 5.93 0.41 -0.63
C ARG A 67 4.75 0.68 0.28
N HIS A 68 4.98 1.47 1.32
CA HIS A 68 3.92 1.82 2.28
C HIS A 68 3.64 3.32 2.24
N PHE A 69 2.37 3.67 2.04
CA PHE A 69 1.96 5.07 1.98
C PHE A 69 0.75 5.31 2.88
N LEU A 70 0.65 6.53 3.41
CA LEU A 70 -0.45 6.89 4.29
C LEU A 70 -1.53 7.65 3.51
N ILE A 71 -2.75 7.13 3.55
CA ILE A 71 -3.87 7.77 2.86
C ILE A 71 -4.73 8.57 3.83
N GLU A 72 -5.11 9.78 3.42
CA GLU A 72 -5.94 10.64 4.25
C GLU A 72 -7.29 10.90 3.59
N THR A 73 -8.34 10.93 4.42
CA THR A 73 -9.69 11.16 3.91
C THR A 73 -10.28 12.44 4.50
N GLY A 74 -10.66 13.37 3.62
CA GLY A 74 -11.23 14.62 4.08
C GLY A 74 -12.53 14.94 3.37
N PRO A 75 -13.00 16.20 3.53
CA PRO A 75 -14.24 16.66 2.91
C PRO A 75 -14.12 16.79 1.39
N LYS A 76 -12.90 16.63 0.89
CA LYS A 76 -12.64 16.72 -0.55
C LYS A 76 -12.35 15.35 -1.15
N GLY A 77 -12.42 14.32 -0.31
CA GLY A 77 -12.17 12.97 -0.77
C GLY A 77 -10.96 12.34 -0.09
N VAL A 78 -10.69 11.08 -0.43
CA VAL A 78 -9.56 10.37 0.15
C VAL A 78 -8.47 10.12 -0.89
N LYS A 79 -7.24 10.50 -0.56
CA LYS A 79 -6.11 10.31 -1.46
C LYS A 79 -4.87 9.87 -0.70
N ILE A 80 -3.92 9.28 -1.42
CA ILE A 80 -2.68 8.80 -0.80
C ILE A 80 -1.64 9.91 -0.77
N LYS A 81 -1.19 10.26 0.43
CA LYS A 81 -0.18 11.29 0.59
C LYS A 81 1.20 10.78 0.21
N GLY A 82 1.67 11.16 -0.98
CA GLY A 82 2.97 10.72 -1.45
C GLY A 82 3.29 11.23 -2.84
N CYS A 83 2.25 11.37 -3.66
CA CYS A 83 2.42 11.83 -5.04
C CYS A 83 1.58 13.08 -5.29
N PRO A 84 2.00 13.88 -6.29
CA PRO A 84 1.30 15.11 -6.66
C PRO A 84 -0.05 14.85 -7.29
N SER A 85 -0.28 13.61 -7.70
CA SER A 85 -1.54 13.23 -8.32
C SER A 85 -2.73 13.66 -7.48
N GLU A 86 -2.92 12.98 -6.35
CA GLU A 86 -4.02 13.30 -5.45
C GLU A 86 -5.35 13.33 -6.19
N PRO A 87 -5.79 12.16 -6.67
CA PRO A 87 -7.05 12.02 -7.41
C PRO A 87 -8.27 12.22 -6.52
N TYR A 88 -8.09 12.04 -5.22
CA TYR A 88 -9.17 12.20 -4.27
C TYR A 88 -10.39 11.39 -4.68
N PHE A 89 -10.41 10.11 -4.28
CA PHE A 89 -11.52 9.22 -4.60
C PHE A 89 -12.60 9.28 -3.53
N GLY A 90 -13.61 8.42 -3.67
CA GLY A 90 -14.69 8.40 -2.70
C GLY A 90 -14.23 7.93 -1.33
N SER A 91 -13.94 6.63 -1.22
CA SER A 91 -13.50 6.07 0.06
C SER A 91 -12.31 5.13 -0.16
N LEU A 92 -11.76 4.61 0.93
CA LEU A 92 -10.63 3.70 0.87
C LEU A 92 -10.90 2.55 -0.08
N SER A 93 -12.16 2.08 -0.09
CA SER A 93 -12.55 0.97 -0.95
C SER A 93 -12.56 1.41 -2.41
N ALA A 94 -12.93 2.66 -2.66
CA ALA A 94 -12.99 3.20 -4.00
C ALA A 94 -11.59 3.29 -4.62
N LEU A 95 -10.65 3.81 -3.85
CA LEU A 95 -9.27 3.95 -4.31
C LEU A 95 -8.58 2.60 -4.39
N VAL A 96 -8.96 1.69 -3.50
CA VAL A 96 -8.37 0.35 -3.48
C VAL A 96 -8.81 -0.45 -4.69
N SER A 97 -10.09 -0.34 -5.05
CA SER A 97 -10.63 -1.06 -6.19
C SER A 97 -10.11 -0.48 -7.50
N GLN A 98 -10.03 0.84 -7.56
CA GLN A 98 -9.54 1.52 -8.76
C GLN A 98 -8.05 1.29 -8.96
N HIS A 99 -7.34 1.13 -7.85
CA HIS A 99 -5.89 0.90 -7.90
C HIS A 99 -5.57 -0.36 -8.69
N SER A 100 -6.56 -1.24 -8.81
CA SER A 100 -6.38 -2.50 -9.54
C SER A 100 -6.73 -2.33 -11.01
N ILE A 101 -6.98 -1.08 -11.42
CA ILE A 101 -7.33 -0.78 -12.79
C ILE A 101 -6.47 0.35 -13.35
N SER A 102 -6.19 1.34 -12.51
CA SER A 102 -5.38 2.48 -12.91
C SER A 102 -4.47 2.94 -11.77
N PRO A 103 -3.42 2.16 -11.52
CA PRO A 103 -2.45 2.46 -10.46
C PRO A 103 -1.60 3.68 -10.78
N ILE A 104 -1.49 4.59 -9.80
CA ILE A 104 -0.70 5.80 -9.99
C ILE A 104 0.65 5.69 -9.30
N SER A 105 0.63 5.52 -7.98
CA SER A 105 1.86 5.41 -7.20
C SER A 105 2.21 3.93 -6.97
N LEU A 106 1.88 3.10 -7.95
CA LEU A 106 2.17 1.66 -7.85
C LEU A 106 2.74 1.13 -9.16
N PRO A 107 3.51 0.04 -9.06
CA PRO A 107 4.13 -0.60 -10.23
C PRO A 107 3.11 -1.27 -11.14
N CYS A 108 2.11 -1.90 -10.54
CA CYS A 108 1.07 -2.58 -11.30
C CYS A 108 -0.27 -2.54 -10.54
N CYS A 109 -1.34 -2.89 -11.24
CA CYS A 109 -2.67 -2.89 -10.65
C CYS A 109 -2.68 -3.68 -9.35
N LEU A 110 -3.15 -3.05 -8.28
CA LEU A 110 -3.21 -3.69 -6.97
C LEU A 110 -3.91 -5.04 -7.07
N ARG A 111 -3.32 -6.05 -6.43
CA ARG A 111 -3.89 -7.39 -6.45
C ARG A 111 -4.60 -7.69 -5.13
N ILE A 112 -5.91 -7.95 -5.22
CA ILE A 112 -6.71 -8.24 -4.04
C ILE A 112 -6.26 -9.54 -3.38
N PRO A 113 -6.29 -10.64 -4.16
CA PRO A 113 -5.88 -11.96 -3.68
C PRO A 113 -4.38 -12.05 -3.42
N SER A 114 -3.93 -13.21 -2.96
CA SER A 114 -2.53 -13.43 -2.68
C SER A 114 -2.15 -14.90 -2.85
N LYS A 115 -2.07 -15.34 -4.09
CA LYS A 115 -1.72 -16.73 -4.40
C LYS A 115 -1.32 -16.89 -5.86
N MET A 1 -5.39 -18.12 -1.27
CA MET A 1 -6.19 -18.08 -0.06
C MET A 1 -5.78 -16.90 0.83
N ASP A 2 -6.64 -15.90 0.89
CA ASP A 2 -6.37 -14.71 1.70
C ASP A 2 -7.57 -13.77 1.70
N THR A 3 -8.07 -13.45 2.89
CA THR A 3 -9.21 -12.57 3.03
C THR A 3 -8.79 -11.20 3.53
N SER A 4 -9.68 -10.21 3.42
CA SER A 4 -9.40 -8.85 3.87
C SER A 4 -9.20 -8.81 5.38
N LYS A 5 -9.87 -9.72 6.08
CA LYS A 5 -9.78 -9.78 7.54
C LYS A 5 -8.37 -10.21 7.97
N PHE A 6 -7.69 -10.93 7.09
CA PHE A 6 -6.33 -11.39 7.38
C PHE A 6 -5.30 -10.37 6.93
N TRP A 7 -5.67 -9.56 5.94
CA TRP A 7 -4.77 -8.54 5.41
C TRP A 7 -5.03 -7.19 6.08
N TYR A 8 -6.05 -7.15 6.93
CA TYR A 8 -6.40 -5.91 7.63
C TYR A 8 -6.14 -6.04 9.12
N LYS A 9 -5.13 -5.34 9.61
CA LYS A 9 -4.76 -5.37 11.02
C LYS A 9 -4.37 -3.98 11.51
N PRO A 10 -5.22 -3.39 12.37
CA PRO A 10 -4.98 -2.05 12.93
C PRO A 10 -3.81 -2.05 13.92
N HIS A 11 -3.68 -3.13 14.67
CA HIS A 11 -2.60 -3.25 15.66
C HIS A 11 -1.27 -3.45 14.97
N LEU A 12 -1.30 -3.97 13.75
CA LEU A 12 -0.08 -4.22 12.99
C LEU A 12 0.70 -2.93 12.76
N SER A 13 2.02 -3.02 12.79
CA SER A 13 2.87 -1.85 12.59
C SER A 13 3.41 -1.81 11.16
N ARG A 14 3.97 -0.67 10.77
CA ARG A 14 4.52 -0.51 9.43
C ARG A 14 5.58 -1.55 9.15
N ASP A 15 6.49 -1.75 10.11
CA ASP A 15 7.56 -2.73 9.97
C ASP A 15 6.99 -4.13 9.73
N GLN A 16 5.94 -4.46 10.47
CA GLN A 16 5.31 -5.77 10.34
C GLN A 16 4.71 -5.95 8.95
N ALA A 17 4.09 -4.90 8.43
CA ALA A 17 3.48 -4.94 7.12
C ALA A 17 4.53 -5.13 6.02
N ILE A 18 5.66 -4.46 6.18
CA ILE A 18 6.75 -4.56 5.21
C ILE A 18 7.35 -5.97 5.20
N ALA A 19 7.52 -6.54 6.38
CA ALA A 19 8.06 -7.89 6.50
C ALA A 19 7.11 -8.93 5.92
N LEU A 20 5.81 -8.71 6.12
CA LEU A 20 4.79 -9.62 5.61
C LEU A 20 4.67 -9.53 4.10
N LEU A 21 4.94 -8.34 3.57
CA LEU A 21 4.84 -8.11 2.13
C LEU A 21 6.06 -8.69 1.42
N LYS A 22 7.24 -8.53 2.02
CA LYS A 22 8.47 -9.04 1.45
C LYS A 22 8.55 -10.57 1.59
N ASP A 23 7.67 -11.12 2.42
CA ASP A 23 7.64 -12.56 2.65
C ASP A 23 6.39 -13.19 2.01
N LYS A 24 5.63 -12.36 1.30
CA LYS A 24 4.41 -12.83 0.65
C LYS A 24 4.50 -12.64 -0.86
N ASP A 25 3.51 -13.18 -1.57
CA ASP A 25 3.48 -13.07 -3.04
C ASP A 25 3.37 -11.61 -3.46
N PRO A 26 3.82 -11.31 -4.69
CA PRO A 26 3.78 -9.96 -5.24
C PRO A 26 2.35 -9.50 -5.56
N GLY A 27 2.12 -8.19 -5.45
CA GLY A 27 0.80 -7.66 -5.72
C GLY A 27 -0.07 -7.61 -4.49
N ALA A 28 0.34 -8.32 -3.44
CA ALA A 28 -0.40 -8.35 -2.20
C ALA A 28 -0.29 -7.03 -1.44
N PHE A 29 -1.33 -6.69 -0.69
CA PHE A 29 -1.34 -5.45 0.08
C PHE A 29 -1.87 -5.69 1.49
N LEU A 30 -1.65 -4.72 2.37
CA LEU A 30 -2.11 -4.82 3.76
C LEU A 30 -2.47 -3.46 4.32
N ILE A 31 -3.49 -3.42 5.17
CA ILE A 31 -3.92 -2.17 5.78
C ILE A 31 -3.67 -2.17 7.29
N ARG A 32 -3.22 -1.04 7.81
CA ARG A 32 -2.93 -0.91 9.23
C ARG A 32 -3.41 0.44 9.76
N ASP A 33 -3.51 0.55 11.07
CA ASP A 33 -3.95 1.79 11.71
C ASP A 33 -2.86 2.85 11.64
N SER A 34 -3.18 3.98 10.99
CA SER A 34 -2.23 5.07 10.85
C SER A 34 -2.39 6.08 11.98
N HIS A 35 -1.68 5.84 13.08
CA HIS A 35 -1.74 6.73 14.23
C HIS A 35 -1.00 8.03 13.95
N SER A 36 -0.24 8.06 12.87
CA SER A 36 0.53 9.23 12.50
C SER A 36 -0.38 10.47 12.45
N PHE A 37 -1.50 10.35 11.76
CA PHE A 37 -2.45 11.46 11.65
C PHE A 37 -3.89 10.95 11.76
N GLN A 38 -4.77 11.83 12.24
CA GLN A 38 -6.18 11.47 12.39
C GLN A 38 -6.81 11.17 11.04
N GLY A 39 -7.75 10.23 11.02
CA GLY A 39 -8.42 9.87 9.79
C GLY A 39 -7.46 9.43 8.70
N ALA A 40 -6.44 8.67 9.10
CA ALA A 40 -5.45 8.18 8.15
C ALA A 40 -5.26 6.67 8.28
N TYR A 41 -4.96 6.02 7.16
CA TYR A 41 -4.78 4.57 7.14
C TYR A 41 -3.49 4.21 6.40
N GLY A 42 -2.73 3.29 6.98
CA GLY A 42 -1.48 2.86 6.35
C GLY A 42 -1.69 1.77 5.32
N LEU A 43 -1.37 2.08 4.07
CA LEU A 43 -1.54 1.12 2.99
C LEU A 43 -0.17 0.64 2.48
N ALA A 44 0.04 -0.66 2.50
CA ALA A 44 1.28 -1.25 2.04
C ALA A 44 1.06 -2.17 0.84
N LEU A 45 1.95 -2.10 -0.14
CA LEU A 45 1.84 -2.93 -1.33
C LEU A 45 3.20 -3.53 -1.71
N LYS A 46 3.18 -4.77 -2.15
CA LYS A 46 4.42 -5.46 -2.54
C LYS A 46 4.58 -5.45 -4.05
N VAL A 47 5.77 -5.07 -4.51
CA VAL A 47 6.06 -5.02 -5.94
C VAL A 47 6.71 -6.31 -6.42
N ALA A 48 6.37 -6.72 -7.64
CA ALA A 48 6.92 -7.94 -8.22
C ALA A 48 8.37 -7.75 -8.63
N THR A 49 8.76 -6.50 -8.86
CA THR A 49 10.12 -6.19 -9.27
C THR A 49 10.48 -4.75 -8.91
N PRO A 50 11.79 -4.47 -8.82
CA PRO A 50 12.31 -3.14 -8.49
C PRO A 50 12.05 -2.13 -9.59
N PRO A 51 12.23 -0.84 -9.27
CA PRO A 51 12.03 0.26 -10.23
C PRO A 51 13.11 0.28 -11.31
N PRO A 52 12.88 1.10 -12.35
CA PRO A 52 13.81 1.23 -13.47
C PRO A 52 15.10 1.95 -13.06
N SER A 53 16.10 1.18 -12.66
CA SER A 53 17.38 1.75 -12.24
C SER A 53 18.36 0.65 -11.82
N ALA A 54 17.81 -0.43 -11.27
CA ALA A 54 18.62 -1.55 -10.82
C ALA A 54 19.48 -1.17 -9.62
N GLN A 55 18.82 -0.89 -8.50
CA GLN A 55 19.52 -0.52 -7.28
C GLN A 55 19.39 -1.60 -6.21
N PRO A 56 20.21 -2.66 -6.35
CA PRO A 56 20.21 -3.78 -5.40
C PRO A 56 20.76 -3.40 -4.04
N TRP A 57 20.14 -3.92 -2.99
CA TRP A 57 20.57 -3.62 -1.62
C TRP A 57 20.35 -2.16 -1.29
N LYS A 58 21.26 -1.30 -1.72
CA LYS A 58 21.16 0.13 -1.47
C LYS A 58 20.90 0.39 0.01
N GLY A 59 21.41 -0.48 0.88
CA GLY A 59 21.22 -0.32 2.30
C GLY A 59 19.86 -0.82 2.77
N ASP A 60 18.79 -0.30 2.16
CA ASP A 60 17.43 -0.70 2.52
C ASP A 60 16.69 -1.23 1.30
N PRO A 61 17.02 -2.46 0.89
CA PRO A 61 16.39 -3.10 -0.26
C PRO A 61 14.94 -3.48 0.00
N VAL A 62 14.66 -3.97 1.20
CA VAL A 62 13.32 -4.36 1.57
C VAL A 62 12.33 -3.22 1.36
N GLU A 63 12.79 -1.99 1.63
CA GLU A 63 11.94 -0.82 1.48
C GLU A 63 11.70 -0.52 0.00
N GLN A 64 12.60 -0.99 -0.85
CA GLN A 64 12.49 -0.78 -2.29
C GLN A 64 11.49 -1.75 -2.90
N LEU A 65 11.32 -2.90 -2.26
CA LEU A 65 10.40 -3.93 -2.75
C LEU A 65 9.00 -3.71 -2.18
N VAL A 66 8.93 -3.06 -1.02
CA VAL A 66 7.65 -2.79 -0.37
C VAL A 66 7.40 -1.29 -0.25
N ARG A 67 6.28 -0.83 -0.79
CA ARG A 67 5.93 0.58 -0.74
C ARG A 67 4.74 0.81 0.18
N HIS A 68 4.96 1.56 1.25
CA HIS A 68 3.91 1.85 2.22
C HIS A 68 3.70 3.36 2.34
N PHE A 69 2.46 3.80 2.13
CA PHE A 69 2.13 5.22 2.22
C PHE A 69 0.89 5.43 3.09
N LEU A 70 0.76 6.63 3.64
CA LEU A 70 -0.37 6.97 4.50
C LEU A 70 -1.44 7.72 3.71
N ILE A 71 -2.66 7.18 3.69
CA ILE A 71 -3.76 7.80 2.99
C ILE A 71 -4.66 8.58 3.94
N GLU A 72 -5.03 9.79 3.54
CA GLU A 72 -5.90 10.63 4.37
C GLU A 72 -7.25 10.86 3.69
N THR A 73 -8.32 10.67 4.45
CA THR A 73 -9.68 10.86 3.93
C THR A 73 -10.40 11.97 4.67
N GLY A 74 -10.88 12.96 3.92
CA GLY A 74 -11.59 14.07 4.53
C GLY A 74 -12.84 14.45 3.74
N PRO A 75 -13.40 15.63 4.06
CA PRO A 75 -14.61 16.13 3.39
C PRO A 75 -14.35 16.53 1.94
N LYS A 76 -13.08 16.51 1.55
CA LYS A 76 -12.70 16.87 0.19
C LYS A 76 -12.29 15.63 -0.60
N GLY A 77 -12.38 14.47 0.03
CA GLY A 77 -12.01 13.23 -0.63
C GLY A 77 -10.84 12.54 0.04
N VAL A 78 -10.46 11.38 -0.48
CA VAL A 78 -9.34 10.62 0.07
C VAL A 78 -8.18 10.55 -0.92
N LYS A 79 -6.99 10.92 -0.44
CA LYS A 79 -5.80 10.90 -1.27
C LYS A 79 -4.67 10.15 -0.58
N ILE A 80 -3.82 9.51 -1.38
CA ILE A 80 -2.69 8.76 -0.83
C ILE A 80 -1.43 9.61 -0.79
N LYS A 81 -0.89 9.81 0.41
CA LYS A 81 0.31 10.60 0.60
C LYS A 81 1.54 9.85 0.11
N GLY A 82 1.90 10.05 -1.15
CA GLY A 82 3.05 9.38 -1.72
C GLY A 82 3.44 9.94 -3.07
N CYS A 83 2.45 10.32 -3.86
CA CYS A 83 2.70 10.88 -5.19
C CYS A 83 1.88 12.15 -5.41
N PRO A 84 2.31 12.96 -6.39
CA PRO A 84 1.63 14.22 -6.72
C PRO A 84 0.27 13.99 -7.36
N SER A 85 0.00 12.75 -7.75
CA SER A 85 -1.27 12.40 -8.38
C SER A 85 -2.45 12.88 -7.53
N GLU A 86 -2.72 12.18 -6.44
CA GLU A 86 -3.82 12.54 -5.55
C GLU A 86 -5.11 12.72 -6.34
N PRO A 87 -5.64 11.60 -6.87
CA PRO A 87 -6.87 11.60 -7.66
C PRO A 87 -8.10 11.88 -6.80
N TYR A 88 -7.87 12.17 -5.52
CA TYR A 88 -8.96 12.45 -4.58
C TYR A 88 -10.15 11.54 -4.85
N PHE A 89 -10.07 10.31 -4.36
CA PHE A 89 -11.15 9.34 -4.54
C PHE A 89 -12.28 9.59 -3.55
N GLY A 90 -13.29 8.72 -3.59
CA GLY A 90 -14.41 8.86 -2.69
C GLY A 90 -14.12 8.33 -1.30
N SER A 91 -13.79 7.05 -1.20
CA SER A 91 -13.49 6.41 0.07
C SER A 91 -12.36 5.41 -0.08
N LEU A 92 -11.91 4.85 1.05
CA LEU A 92 -10.83 3.88 1.05
C LEU A 92 -11.13 2.74 0.09
N SER A 93 -12.41 2.34 0.03
CA SER A 93 -12.83 1.26 -0.85
C SER A 93 -12.75 1.68 -2.31
N ALA A 94 -13.02 2.96 -2.57
CA ALA A 94 -12.98 3.48 -3.93
C ALA A 94 -11.55 3.48 -4.47
N LEU A 95 -10.61 3.94 -3.66
CA LEU A 95 -9.21 4.00 -4.06
C LEU A 95 -8.61 2.59 -4.11
N VAL A 96 -9.09 1.71 -3.23
CA VAL A 96 -8.60 0.34 -3.18
C VAL A 96 -9.02 -0.44 -4.42
N SER A 97 -10.27 -0.25 -4.84
CA SER A 97 -10.79 -0.94 -6.01
C SER A 97 -10.17 -0.38 -7.29
N GLN A 98 -9.98 0.93 -7.32
CA GLN A 98 -9.40 1.58 -8.49
C GLN A 98 -7.93 1.17 -8.67
N HIS A 99 -7.28 0.84 -7.57
CA HIS A 99 -5.88 0.43 -7.61
C HIS A 99 -5.73 -0.92 -8.30
N SER A 100 -6.86 -1.60 -8.51
CA SER A 100 -6.85 -2.90 -9.15
C SER A 100 -7.16 -2.78 -10.64
N ILE A 101 -7.27 -1.55 -11.11
CA ILE A 101 -7.55 -1.30 -12.52
C ILE A 101 -6.61 -0.23 -13.08
N SER A 102 -6.30 0.76 -12.27
CA SER A 102 -5.41 1.85 -12.69
C SER A 102 -4.43 2.20 -11.58
N PRO A 103 -3.37 1.39 -11.44
CA PRO A 103 -2.34 1.61 -10.42
C PRO A 103 -1.49 2.84 -10.70
N ILE A 104 -1.58 3.84 -9.84
CA ILE A 104 -0.82 5.07 -9.99
C ILE A 104 0.59 4.91 -9.43
N SER A 105 0.68 4.76 -8.11
CA SER A 105 1.98 4.61 -7.46
C SER A 105 2.30 3.13 -7.23
N LEU A 106 1.78 2.28 -8.11
CA LEU A 106 2.01 0.84 -8.02
C LEU A 106 2.51 0.28 -9.34
N PRO A 107 3.21 -0.86 -9.28
CA PRO A 107 3.75 -1.53 -10.47
C PRO A 107 2.66 -2.13 -11.34
N CYS A 108 1.55 -2.50 -10.71
CA CYS A 108 0.43 -3.10 -11.43
C CYS A 108 -0.81 -3.19 -10.55
N CYS A 109 -1.94 -3.51 -11.15
CA CYS A 109 -3.20 -3.63 -10.42
C CYS A 109 -3.03 -4.54 -9.19
N LEU A 110 -3.56 -4.08 -8.06
CA LEU A 110 -3.46 -4.85 -6.82
C LEU A 110 -4.05 -6.25 -6.99
N ARG A 111 -3.52 -7.21 -6.25
CA ARG A 111 -4.00 -8.58 -6.32
C ARG A 111 -5.02 -8.86 -5.22
N ILE A 112 -6.16 -9.40 -5.63
CA ILE A 112 -7.23 -9.72 -4.68
C ILE A 112 -7.57 -8.51 -3.81
N PRO A 113 -8.34 -7.57 -4.39
CA PRO A 113 -8.76 -6.35 -3.70
C PRO A 113 -9.77 -6.63 -2.59
N SER A 114 -10.01 -5.63 -1.75
CA SER A 114 -10.95 -5.78 -0.64
C SER A 114 -12.38 -6.00 -1.16
N LYS A 115 -12.61 -5.62 -2.42
CA LYS A 115 -13.91 -5.79 -3.04
C LYS A 115 -13.78 -6.06 -4.53
N MET A 1 -6.45 -19.48 2.53
CA MET A 1 -6.85 -18.31 3.30
C MET A 1 -6.40 -17.02 2.63
N ASP A 2 -7.31 -16.05 2.57
CA ASP A 2 -7.01 -14.77 1.94
C ASP A 2 -8.20 -13.82 2.04
N THR A 3 -8.44 -13.30 3.23
CA THR A 3 -9.54 -12.38 3.47
C THR A 3 -9.05 -11.04 3.96
N SER A 4 -9.85 -10.00 3.74
CA SER A 4 -9.49 -8.65 4.16
C SER A 4 -9.23 -8.60 5.66
N LYS A 5 -9.86 -9.50 6.39
CA LYS A 5 -9.71 -9.56 7.84
C LYS A 5 -8.28 -9.96 8.22
N PHE A 6 -7.62 -10.69 7.32
CA PHE A 6 -6.25 -11.13 7.55
C PHE A 6 -5.25 -10.08 7.07
N TRP A 7 -5.65 -9.30 6.08
CA TRP A 7 -4.79 -8.26 5.53
C TRP A 7 -5.04 -6.91 6.21
N TYR A 8 -6.04 -6.89 7.09
CA TYR A 8 -6.39 -5.67 7.81
C TYR A 8 -6.09 -5.81 9.30
N LYS A 9 -5.08 -5.09 9.77
CA LYS A 9 -4.69 -5.14 11.18
C LYS A 9 -4.32 -3.75 11.69
N PRO A 10 -5.16 -3.20 12.58
CA PRO A 10 -4.94 -1.87 13.16
C PRO A 10 -3.76 -1.85 14.12
N HIS A 11 -3.57 -2.95 14.84
CA HIS A 11 -2.48 -3.05 15.80
C HIS A 11 -1.16 -3.37 15.09
N LEU A 12 -1.28 -3.96 13.90
CA LEU A 12 -0.10 -4.32 13.11
C LEU A 12 0.86 -3.14 12.98
N SER A 13 2.15 -3.41 13.13
CA SER A 13 3.16 -2.36 13.04
C SER A 13 3.73 -2.29 11.62
N ARG A 14 4.33 -1.15 11.29
CA ARG A 14 4.92 -0.95 9.97
C ARG A 14 5.91 -2.06 9.64
N ASP A 15 6.82 -2.34 10.58
CA ASP A 15 7.82 -3.38 10.40
C ASP A 15 7.16 -4.72 10.08
N GLN A 16 6.09 -5.04 10.80
CA GLN A 16 5.37 -6.29 10.59
C GLN A 16 4.79 -6.35 9.18
N ALA A 17 4.24 -5.23 8.71
CA ALA A 17 3.65 -5.17 7.39
C ALA A 17 4.71 -5.39 6.30
N ILE A 18 5.88 -4.80 6.50
CA ILE A 18 6.98 -4.93 5.55
C ILE A 18 7.47 -6.37 5.47
N ALA A 19 7.57 -7.02 6.62
CA ALA A 19 8.02 -8.41 6.69
C ALA A 19 7.01 -9.35 6.04
N LEU A 20 5.73 -9.03 6.22
CA LEU A 20 4.66 -9.86 5.67
C LEU A 20 4.57 -9.67 4.14
N LEU A 21 4.92 -8.48 3.68
CA LEU A 21 4.89 -8.18 2.25
C LEU A 21 6.07 -8.82 1.53
N LYS A 22 7.24 -8.77 2.15
CA LYS A 22 8.44 -9.35 1.58
C LYS A 22 8.39 -10.86 1.62
N ASP A 23 7.45 -11.40 2.39
CA ASP A 23 7.30 -12.84 2.53
C ASP A 23 6.02 -13.32 1.84
N LYS A 24 5.34 -12.40 1.15
CA LYS A 24 4.11 -12.72 0.46
C LYS A 24 4.25 -12.46 -1.04
N ASP A 25 3.36 -13.07 -1.83
CA ASP A 25 3.38 -12.89 -3.28
C ASP A 25 3.33 -11.41 -3.65
N PRO A 26 3.83 -11.09 -4.86
CA PRO A 26 3.85 -9.71 -5.36
C PRO A 26 2.45 -9.20 -5.69
N GLY A 27 2.23 -7.91 -5.44
CA GLY A 27 0.94 -7.32 -5.72
C GLY A 27 0.04 -7.26 -4.49
N ALA A 28 0.38 -8.07 -3.49
CA ALA A 28 -0.40 -8.12 -2.26
C ALA A 28 -0.22 -6.83 -1.44
N PHE A 29 -1.26 -6.46 -0.70
CA PHE A 29 -1.22 -5.26 0.11
C PHE A 29 -1.94 -5.47 1.44
N LEU A 30 -1.77 -4.52 2.36
CA LEU A 30 -2.41 -4.61 3.68
C LEU A 30 -2.69 -3.22 4.23
N ILE A 31 -3.58 -3.16 5.22
CA ILE A 31 -3.94 -1.89 5.84
C ILE A 31 -3.73 -1.94 7.35
N ARG A 32 -3.23 -0.84 7.91
CA ARG A 32 -2.98 -0.76 9.34
C ARG A 32 -3.31 0.62 9.88
N ASP A 33 -3.44 0.74 11.19
CA ASP A 33 -3.75 2.01 11.83
C ASP A 33 -2.61 3.00 11.65
N SER A 34 -2.88 4.13 11.00
CA SER A 34 -1.88 5.15 10.77
C SER A 34 -1.75 6.08 11.98
N HIS A 35 -0.72 5.84 12.79
CA HIS A 35 -0.48 6.65 13.98
C HIS A 35 0.00 8.04 13.59
N SER A 36 0.37 8.21 12.32
CA SER A 36 0.87 9.49 11.84
C SER A 36 -0.11 10.62 12.18
N PHE A 37 -1.26 10.61 11.53
CA PHE A 37 -2.28 11.63 11.75
C PHE A 37 -3.67 11.00 11.82
N GLN A 38 -4.55 11.61 12.62
CA GLN A 38 -5.92 11.11 12.77
C GLN A 38 -6.64 11.12 11.42
N GLY A 39 -7.50 10.12 11.22
CA GLY A 39 -8.24 10.03 9.99
C GLY A 39 -7.40 9.55 8.82
N ALA A 40 -6.32 8.84 9.14
CA ALA A 40 -5.42 8.32 8.12
C ALA A 40 -5.17 6.83 8.30
N TYR A 41 -4.87 6.14 7.20
CA TYR A 41 -4.61 4.71 7.25
C TYR A 41 -3.33 4.36 6.49
N GLY A 42 -2.52 3.49 7.09
CA GLY A 42 -1.27 3.09 6.46
C GLY A 42 -1.45 1.91 5.52
N LEU A 43 -1.21 2.14 4.23
CA LEU A 43 -1.35 1.09 3.24
C LEU A 43 0.01 0.63 2.73
N ALA A 44 0.23 -0.68 2.75
CA ALA A 44 1.49 -1.25 2.29
C ALA A 44 1.28 -2.17 1.09
N LEU A 45 2.16 -2.05 0.10
CA LEU A 45 2.06 -2.86 -1.10
C LEU A 45 3.42 -3.47 -1.45
N LYS A 46 3.41 -4.72 -1.90
CA LYS A 46 4.63 -5.42 -2.28
C LYS A 46 4.85 -5.37 -3.79
N VAL A 47 6.06 -5.01 -4.21
CA VAL A 47 6.39 -4.94 -5.63
C VAL A 47 7.16 -6.16 -6.07
N ALA A 48 7.19 -6.40 -7.38
CA ALA A 48 7.90 -7.54 -7.94
C ALA A 48 9.32 -7.16 -8.37
N THR A 49 9.42 -6.09 -9.15
CA THR A 49 10.72 -5.62 -9.64
C THR A 49 11.24 -4.48 -8.76
N PRO A 50 12.56 -4.26 -8.83
CA PRO A 50 13.22 -3.21 -8.05
C PRO A 50 12.86 -1.80 -8.54
N PRO A 51 13.20 -0.79 -7.74
CA PRO A 51 12.93 0.61 -8.07
C PRO A 51 13.78 1.11 -9.24
N PRO A 52 13.41 2.28 -9.77
CA PRO A 52 14.14 2.90 -10.89
C PRO A 52 15.52 3.39 -10.50
N SER A 53 15.73 3.57 -9.20
CA SER A 53 17.01 4.04 -8.69
C SER A 53 18.00 2.89 -8.53
N ALA A 54 17.46 1.71 -8.25
CA ALA A 54 18.29 0.52 -8.07
C ALA A 54 19.28 0.71 -6.92
N GLN A 55 18.77 1.09 -5.76
CA GLN A 55 19.61 1.30 -4.59
C GLN A 55 19.13 0.46 -3.41
N PRO A 56 19.37 -0.87 -3.49
CA PRO A 56 18.98 -1.82 -2.45
C PRO A 56 19.80 -1.64 -1.18
N TRP A 57 19.13 -1.69 -0.03
CA TRP A 57 19.80 -1.53 1.25
C TRP A 57 18.80 -1.65 2.41
N LYS A 58 19.26 -1.35 3.61
CA LYS A 58 18.41 -1.41 4.80
C LYS A 58 17.92 -2.84 5.04
N GLY A 59 18.87 -3.74 5.29
CA GLY A 59 18.51 -5.13 5.53
C GLY A 59 17.94 -5.82 4.31
N ASP A 60 18.83 -6.29 3.44
CA ASP A 60 18.41 -6.98 2.21
C ASP A 60 17.65 -6.01 1.30
N PRO A 61 17.64 -6.34 -0.01
CA PRO A 61 16.96 -5.52 -1.01
C PRO A 61 15.44 -5.59 -0.88
N VAL A 62 14.96 -6.64 -0.23
CA VAL A 62 13.53 -6.83 -0.04
C VAL A 62 12.90 -5.64 0.67
N GLU A 63 13.68 -5.00 1.55
CA GLU A 63 13.21 -3.85 2.29
C GLU A 63 12.84 -2.70 1.35
N GLN A 64 13.43 -2.72 0.15
CA GLN A 64 13.16 -1.68 -0.84
C GLN A 64 12.03 -2.10 -1.77
N LEU A 65 11.61 -3.35 -1.66
CA LEU A 65 10.53 -3.88 -2.49
C LEU A 65 9.18 -3.68 -1.83
N VAL A 66 9.15 -2.86 -0.77
CA VAL A 66 7.91 -2.59 -0.05
C VAL A 66 7.61 -1.08 -0.04
N ARG A 67 6.46 -0.72 -0.59
CA ARG A 67 6.06 0.68 -0.65
C ARG A 67 4.90 0.94 0.31
N HIS A 68 5.15 1.79 1.31
CA HIS A 68 4.12 2.12 2.30
C HIS A 68 3.77 3.61 2.23
N PHE A 69 2.48 3.89 2.05
CA PHE A 69 2.01 5.27 1.96
C PHE A 69 0.82 5.50 2.89
N LEU A 70 0.68 6.73 3.37
CA LEU A 70 -0.41 7.08 4.27
C LEU A 70 -1.55 7.76 3.51
N ILE A 71 -2.75 7.21 3.63
CA ILE A 71 -3.92 7.77 2.96
C ILE A 71 -4.75 8.61 3.91
N GLU A 72 -5.18 9.78 3.44
CA GLU A 72 -5.99 10.67 4.26
C GLU A 72 -7.37 10.87 3.64
N THR A 73 -8.40 10.78 4.49
CA THR A 73 -9.77 10.94 4.03
C THR A 73 -10.44 12.14 4.69
N GLY A 74 -10.91 13.08 3.87
CA GLY A 74 -11.55 14.26 4.40
C GLY A 74 -12.86 14.58 3.69
N PRO A 75 -13.38 15.80 3.90
CA PRO A 75 -14.63 16.24 3.27
C PRO A 75 -14.48 16.46 1.77
N LYS A 76 -13.25 16.37 1.28
CA LYS A 76 -12.98 16.56 -0.14
C LYS A 76 -12.66 15.22 -0.81
N GLY A 77 -12.70 14.14 -0.03
CA GLY A 77 -12.41 12.83 -0.56
C GLY A 77 -11.20 12.19 0.07
N VAL A 78 -10.86 10.98 -0.37
CA VAL A 78 -9.71 10.27 0.17
C VAL A 78 -8.60 10.16 -0.87
N LYS A 79 -7.40 10.57 -0.49
CA LYS A 79 -6.24 10.52 -1.38
C LYS A 79 -5.07 9.81 -0.71
N ILE A 80 -4.31 9.08 -1.51
CA ILE A 80 -3.14 8.36 -1.00
C ILE A 80 -1.87 9.18 -1.14
N LYS A 81 -1.20 9.43 -0.02
CA LYS A 81 0.03 10.20 -0.03
C LYS A 81 1.21 9.37 -0.52
N GLY A 82 1.09 8.88 -1.76
CA GLY A 82 2.16 8.07 -2.33
C GLY A 82 2.83 8.75 -3.51
N CYS A 83 2.04 9.40 -4.34
CA CYS A 83 2.56 10.09 -5.51
C CYS A 83 1.87 11.44 -5.71
N PRO A 84 2.54 12.35 -6.43
CA PRO A 84 2.01 13.68 -6.71
C PRO A 84 0.83 13.65 -7.67
N SER A 85 -0.37 13.78 -7.13
CA SER A 85 -1.59 13.75 -7.93
C SER A 85 -2.83 13.92 -7.05
N GLU A 86 -3.03 12.99 -6.13
CA GLU A 86 -4.17 13.04 -5.22
C GLU A 86 -5.47 13.25 -6.00
N PRO A 87 -5.96 12.18 -6.62
CA PRO A 87 -7.20 12.23 -7.41
C PRO A 87 -8.44 12.41 -6.54
N TYR A 88 -8.26 12.26 -5.23
CA TYR A 88 -9.36 12.41 -4.28
C TYR A 88 -10.55 11.56 -4.71
N PHE A 89 -10.56 10.30 -4.26
CA PHE A 89 -11.65 9.39 -4.59
C PHE A 89 -12.75 9.45 -3.54
N GLY A 90 -13.76 8.59 -3.68
CA GLY A 90 -14.85 8.56 -2.74
C GLY A 90 -14.44 8.05 -1.37
N SER A 91 -14.16 6.75 -1.29
CA SER A 91 -13.74 6.14 -0.03
C SER A 91 -12.60 5.15 -0.25
N LEU A 92 -12.22 4.45 0.80
CA LEU A 92 -11.14 3.47 0.73
C LEU A 92 -11.40 2.47 -0.40
N SER A 93 -12.66 2.14 -0.61
CA SER A 93 -13.04 1.19 -1.66
C SER A 93 -12.84 1.81 -3.03
N ALA A 94 -13.08 3.11 -3.14
CA ALA A 94 -12.93 3.82 -4.41
C ALA A 94 -11.47 3.87 -4.83
N LEU A 95 -10.59 4.19 -3.89
CA LEU A 95 -9.16 4.28 -4.16
C LEU A 95 -8.57 2.89 -4.35
N VAL A 96 -9.14 1.90 -3.67
CA VAL A 96 -8.67 0.52 -3.76
C VAL A 96 -8.98 -0.08 -5.13
N SER A 97 -10.18 0.18 -5.62
CA SER A 97 -10.61 -0.32 -6.93
C SER A 97 -9.89 0.40 -8.05
N GLN A 98 -9.71 1.72 -7.90
CA GLN A 98 -9.05 2.53 -8.91
C GLN A 98 -7.57 2.15 -9.02
N HIS A 99 -7.01 1.67 -7.92
CA HIS A 99 -5.61 1.28 -7.89
C HIS A 99 -5.39 -0.02 -8.68
N SER A 100 -6.49 -0.63 -9.12
CA SER A 100 -6.42 -1.87 -9.88
C SER A 100 -6.38 -1.58 -11.38
N ILE A 101 -6.51 -0.31 -11.74
CA ILE A 101 -6.48 0.09 -13.14
C ILE A 101 -5.54 1.28 -13.35
N SER A 102 -5.53 2.20 -12.40
CA SER A 102 -4.66 3.37 -12.49
C SER A 102 -3.65 3.38 -11.34
N PRO A 103 -2.63 2.51 -11.45
CA PRO A 103 -1.58 2.41 -10.44
C PRO A 103 -0.66 3.63 -10.43
N ILE A 104 -1.10 4.68 -9.76
CA ILE A 104 -0.31 5.90 -9.66
C ILE A 104 0.82 5.77 -8.66
N SER A 105 0.46 5.77 -7.37
CA SER A 105 1.44 5.64 -6.30
C SER A 105 2.14 4.28 -6.36
N LEU A 106 1.48 3.32 -6.99
CA LEU A 106 2.03 1.97 -7.12
C LEU A 106 2.52 1.71 -8.54
N PRO A 107 3.43 0.72 -8.68
CA PRO A 107 4.00 0.36 -9.97
C PRO A 107 2.99 -0.29 -10.90
N CYS A 108 2.24 -1.26 -10.36
CA CYS A 108 1.23 -1.97 -11.14
C CYS A 108 -0.08 -2.07 -10.36
N CYS A 109 -1.16 -2.38 -11.07
CA CYS A 109 -2.47 -2.51 -10.45
C CYS A 109 -2.41 -3.43 -9.23
N LEU A 110 -2.88 -2.95 -8.09
CA LEU A 110 -2.87 -3.73 -6.86
C LEU A 110 -3.56 -5.08 -7.08
N ARG A 111 -3.25 -6.04 -6.21
CA ARG A 111 -3.85 -7.37 -6.31
C ARG A 111 -4.98 -7.52 -5.30
N ILE A 112 -6.13 -8.00 -5.78
CA ILE A 112 -7.30 -8.18 -4.92
C ILE A 112 -7.63 -9.67 -4.78
N PRO A 113 -6.82 -10.38 -3.97
CA PRO A 113 -7.01 -11.81 -3.72
C PRO A 113 -8.26 -12.10 -2.89
N SER A 114 -9.37 -12.35 -3.58
CA SER A 114 -10.63 -12.63 -2.91
C SER A 114 -11.37 -13.77 -3.60
N LYS A 115 -10.62 -14.66 -4.23
CA LYS A 115 -11.20 -15.80 -4.94
C LYS A 115 -11.97 -16.70 -3.98
N MET A 1 -9.73 -19.11 3.89
CA MET A 1 -9.39 -18.10 4.87
C MET A 1 -8.48 -17.03 4.25
N ASP A 2 -8.99 -16.34 3.25
CA ASP A 2 -8.23 -15.29 2.57
C ASP A 2 -9.13 -14.10 2.25
N THR A 3 -9.54 -13.38 3.28
CA THR A 3 -10.40 -12.21 3.10
C THR A 3 -9.71 -10.94 3.59
N SER A 4 -10.32 -9.80 3.29
CA SER A 4 -9.75 -8.51 3.70
C SER A 4 -9.58 -8.44 5.21
N LYS A 5 -10.36 -9.25 5.92
CA LYS A 5 -10.29 -9.29 7.38
C LYS A 5 -8.92 -9.80 7.84
N PHE A 6 -8.27 -10.59 7.00
CA PHE A 6 -6.96 -11.15 7.33
C PHE A 6 -5.85 -10.18 6.92
N TRP A 7 -6.08 -9.44 5.85
CA TRP A 7 -5.10 -8.47 5.37
C TRP A 7 -5.30 -7.11 6.03
N TYR A 8 -6.35 -6.99 6.84
CA TYR A 8 -6.65 -5.75 7.53
C TYR A 8 -6.43 -5.90 9.03
N LYS A 9 -5.39 -5.25 9.54
CA LYS A 9 -5.07 -5.30 10.95
C LYS A 9 -4.61 -3.94 11.46
N PRO A 10 -5.45 -3.30 12.30
CA PRO A 10 -5.14 -1.98 12.87
C PRO A 10 -4.00 -2.04 13.88
N HIS A 11 -3.96 -3.13 14.65
CA HIS A 11 -2.92 -3.31 15.66
C HIS A 11 -1.57 -3.60 15.01
N LEU A 12 -1.61 -4.05 13.76
CA LEU A 12 -0.38 -4.36 13.03
C LEU A 12 0.50 -3.12 12.88
N SER A 13 1.81 -3.33 12.84
CA SER A 13 2.76 -2.23 12.70
C SER A 13 3.29 -2.16 11.27
N ARG A 14 3.82 -1.00 10.91
CA ARG A 14 4.37 -0.79 9.57
C ARG A 14 5.44 -1.85 9.26
N ASP A 15 6.35 -2.04 10.20
CA ASP A 15 7.42 -3.02 10.02
C ASP A 15 6.86 -4.41 9.75
N GLN A 16 5.81 -4.76 10.48
CA GLN A 16 5.17 -6.07 10.32
C GLN A 16 4.58 -6.21 8.92
N ALA A 17 3.95 -5.15 8.43
CA ALA A 17 3.35 -5.15 7.11
C ALA A 17 4.41 -5.33 6.02
N ILE A 18 5.54 -4.66 6.20
CA ILE A 18 6.63 -4.74 5.23
C ILE A 18 7.21 -6.14 5.18
N ALA A 19 7.37 -6.75 6.35
CA ALA A 19 7.92 -8.10 6.44
C ALA A 19 6.98 -9.12 5.83
N LEU A 20 5.68 -8.91 6.03
CA LEU A 20 4.65 -9.81 5.50
C LEU A 20 4.54 -9.66 3.98
N LEU A 21 4.80 -8.46 3.49
CA LEU A 21 4.71 -8.20 2.05
C LEU A 21 5.94 -8.77 1.33
N LYS A 22 7.11 -8.63 1.94
CA LYS A 22 8.34 -9.13 1.36
C LYS A 22 8.42 -10.65 1.46
N ASP A 23 7.53 -11.23 2.27
CA ASP A 23 7.49 -12.67 2.44
C ASP A 23 6.25 -13.27 1.80
N LYS A 24 5.48 -12.43 1.11
CA LYS A 24 4.26 -12.87 0.45
C LYS A 24 4.35 -12.63 -1.06
N ASP A 25 3.39 -13.17 -1.80
CA ASP A 25 3.35 -13.01 -3.25
C ASP A 25 3.24 -11.54 -3.63
N PRO A 26 3.69 -11.22 -4.85
CA PRO A 26 3.65 -9.84 -5.37
C PRO A 26 2.23 -9.37 -5.66
N GLY A 27 1.99 -8.07 -5.50
CA GLY A 27 0.67 -7.52 -5.76
C GLY A 27 -0.18 -7.48 -4.50
N ALA A 28 0.20 -8.25 -3.49
CA ALA A 28 -0.54 -8.30 -2.23
C ALA A 28 -0.38 -6.99 -1.46
N PHE A 29 -1.40 -6.63 -0.69
CA PHE A 29 -1.38 -5.42 0.10
C PHE A 29 -1.93 -5.66 1.50
N LEU A 30 -1.73 -4.69 2.39
CA LEU A 30 -2.20 -4.80 3.77
C LEU A 30 -2.56 -3.44 4.33
N ILE A 31 -3.56 -3.40 5.20
CA ILE A 31 -4.01 -2.16 5.82
C ILE A 31 -3.73 -2.17 7.32
N ARG A 32 -3.31 -1.02 7.83
CA ARG A 32 -3.02 -0.89 9.25
C ARG A 32 -3.47 0.47 9.78
N ASP A 33 -3.56 0.59 11.10
CA ASP A 33 -3.99 1.83 11.74
C ASP A 33 -2.88 2.88 11.67
N SER A 34 -3.17 4.00 11.03
CA SER A 34 -2.19 5.07 10.90
C SER A 34 -2.36 6.10 12.01
N HIS A 35 -1.70 5.84 13.14
CA HIS A 35 -1.77 6.74 14.29
C HIS A 35 -1.02 8.04 14.02
N SER A 36 -0.24 8.05 12.94
CA SER A 36 0.54 9.22 12.57
C SER A 36 -0.38 10.42 12.28
N PHE A 37 -1.05 10.37 11.14
CA PHE A 37 -1.97 11.45 10.76
C PHE A 37 -3.38 11.15 11.23
N GLN A 38 -4.08 12.20 11.66
CA GLN A 38 -5.45 12.05 12.13
C GLN A 38 -6.39 11.64 11.00
N GLY A 39 -7.16 10.59 11.23
CA GLY A 39 -8.08 10.11 10.20
C GLY A 39 -7.37 9.59 8.97
N ALA A 40 -6.28 8.85 9.19
CA ALA A 40 -5.51 8.29 8.09
C ALA A 40 -5.28 6.79 8.29
N TYR A 41 -4.97 6.10 7.20
CA TYR A 41 -4.73 4.66 7.26
C TYR A 41 -3.46 4.30 6.51
N GLY A 42 -2.70 3.34 7.06
CA GLY A 42 -1.47 2.91 6.43
C GLY A 42 -1.69 1.81 5.41
N LEU A 43 -1.36 2.09 4.16
CA LEU A 43 -1.52 1.11 3.09
C LEU A 43 -0.16 0.63 2.58
N ALA A 44 0.02 -0.69 2.57
CA ALA A 44 1.26 -1.29 2.10
C ALA A 44 1.03 -2.19 0.89
N LEU A 45 1.94 -2.12 -0.08
CA LEU A 45 1.82 -2.93 -1.29
C LEU A 45 3.17 -3.55 -1.64
N LYS A 46 3.14 -4.78 -2.13
CA LYS A 46 4.35 -5.49 -2.52
C LYS A 46 4.56 -5.43 -4.02
N VAL A 47 5.76 -5.03 -4.44
CA VAL A 47 6.09 -4.92 -5.85
C VAL A 47 7.36 -5.71 -6.18
N ALA A 48 7.39 -6.28 -7.37
CA ALA A 48 8.55 -7.05 -7.82
C ALA A 48 9.84 -6.25 -7.68
N THR A 49 9.84 -5.05 -8.28
CA THR A 49 11.01 -4.18 -8.23
C THR A 49 10.76 -2.88 -8.99
N PRO A 50 11.36 -1.79 -8.51
CA PRO A 50 11.22 -0.47 -9.13
C PRO A 50 11.92 -0.39 -10.49
N PRO A 51 11.63 0.69 -11.23
CA PRO A 51 12.21 0.92 -12.56
C PRO A 51 13.70 1.25 -12.49
N PRO A 52 14.53 0.32 -12.99
CA PRO A 52 15.99 0.50 -12.99
C PRO A 52 16.44 1.58 -13.97
N SER A 53 17.74 1.61 -14.25
CA SER A 53 18.30 2.60 -15.16
C SER A 53 19.63 2.13 -15.73
N ALA A 54 19.62 0.95 -16.36
CA ALA A 54 20.82 0.38 -16.94
C ALA A 54 21.95 0.32 -15.93
N GLN A 55 21.60 0.07 -14.67
CA GLN A 55 22.60 -0.01 -13.61
C GLN A 55 22.06 -0.81 -12.42
N PRO A 56 21.98 -2.14 -12.60
CA PRO A 56 21.48 -3.05 -11.56
C PRO A 56 22.45 -3.16 -10.38
N TRP A 57 21.90 -3.20 -9.17
CA TRP A 57 22.71 -3.32 -7.97
C TRP A 57 23.02 -4.78 -7.66
N LYS A 58 23.59 -5.02 -6.48
CA LYS A 58 23.94 -6.37 -6.05
C LYS A 58 22.80 -6.98 -5.22
N GLY A 59 22.10 -6.14 -4.49
CA GLY A 59 21.00 -6.61 -3.66
C GLY A 59 19.99 -5.53 -3.35
N ASP A 60 20.49 -4.34 -3.02
CA ASP A 60 19.62 -3.22 -2.70
C ASP A 60 18.79 -3.51 -1.46
N PRO A 61 18.26 -2.44 -0.82
CA PRO A 61 17.44 -2.57 0.38
C PRO A 61 16.07 -3.18 0.09
N VAL A 62 15.76 -4.26 0.81
CA VAL A 62 14.48 -4.94 0.63
C VAL A 62 13.31 -3.99 0.84
N GLU A 63 13.55 -2.93 1.60
CA GLU A 63 12.51 -1.93 1.88
C GLU A 63 11.94 -1.38 0.59
N GLN A 64 12.76 -1.38 -0.47
CA GLN A 64 12.33 -0.87 -1.76
C GLN A 64 11.30 -1.79 -2.40
N LEU A 65 11.34 -3.06 -2.03
CA LEU A 65 10.42 -4.05 -2.57
C LEU A 65 9.01 -3.82 -2.05
N VAL A 66 8.91 -3.17 -0.89
CA VAL A 66 7.62 -2.88 -0.27
C VAL A 66 7.39 -1.38 -0.17
N ARG A 67 6.28 -0.92 -0.72
CA ARG A 67 5.95 0.51 -0.68
C ARG A 67 4.75 0.76 0.23
N HIS A 68 4.99 1.50 1.31
CA HIS A 68 3.94 1.82 2.27
C HIS A 68 3.72 3.33 2.37
N PHE A 69 2.49 3.76 2.15
CA PHE A 69 2.15 5.18 2.22
C PHE A 69 0.92 5.42 3.10
N LEU A 70 0.81 6.62 3.64
CA LEU A 70 -0.31 6.97 4.50
C LEU A 70 -1.38 7.74 3.72
N ILE A 71 -2.62 7.28 3.83
CA ILE A 71 -3.73 7.93 3.14
C ILE A 71 -4.59 8.75 4.11
N GLU A 72 -4.94 9.96 3.70
CA GLU A 72 -5.77 10.83 4.53
C GLU A 72 -7.12 11.08 3.88
N THR A 73 -8.16 11.20 4.71
CA THR A 73 -9.51 11.44 4.21
C THR A 73 -10.01 12.80 4.66
N GLY A 74 -10.38 13.64 3.69
CA GLY A 74 -10.88 14.96 4.01
C GLY A 74 -12.21 15.25 3.36
N PRO A 75 -12.62 16.52 3.37
CA PRO A 75 -13.89 16.96 2.77
C PRO A 75 -13.88 16.88 1.26
N LYS A 76 -12.70 16.58 0.69
CA LYS A 76 -12.55 16.48 -0.75
C LYS A 76 -12.32 15.03 -1.17
N GLY A 77 -12.34 14.13 -0.19
CA GLY A 77 -12.14 12.72 -0.48
C GLY A 77 -10.90 12.17 0.20
N VAL A 78 -10.59 10.91 -0.08
CA VAL A 78 -9.42 10.25 0.52
C VAL A 78 -8.35 9.99 -0.53
N LYS A 79 -7.13 10.44 -0.25
CA LYS A 79 -6.01 10.25 -1.16
C LYS A 79 -4.72 10.00 -0.39
N ILE A 80 -3.74 9.40 -1.07
CA ILE A 80 -2.46 9.11 -0.45
C ILE A 80 -1.56 10.34 -0.42
N LYS A 81 -1.00 10.62 0.75
CA LYS A 81 -0.12 11.77 0.91
C LYS A 81 0.95 11.82 -0.19
N GLY A 82 1.45 10.64 -0.55
CA GLY A 82 2.47 10.56 -1.58
C GLY A 82 1.87 10.34 -2.96
N CYS A 83 1.03 11.27 -3.39
CA CYS A 83 0.40 11.17 -4.69
C CYS A 83 1.07 12.10 -5.70
N PRO A 84 0.95 11.76 -6.99
CA PRO A 84 1.55 12.55 -8.07
C PRO A 84 0.86 13.89 -8.26
N SER A 85 -0.46 13.91 -8.06
CA SER A 85 -1.24 15.13 -8.22
C SER A 85 -2.28 15.25 -7.11
N GLU A 86 -3.39 14.53 -7.28
CA GLU A 86 -4.47 14.55 -6.30
C GLU A 86 -5.69 13.79 -6.82
N PRO A 87 -5.69 12.47 -6.62
CA PRO A 87 -6.78 11.59 -7.05
C PRO A 87 -8.05 11.81 -6.24
N TYR A 88 -7.91 11.77 -4.92
CA TYR A 88 -9.05 11.96 -4.02
C TYR A 88 -10.22 11.08 -4.44
N PHE A 89 -10.24 9.85 -3.94
CA PHE A 89 -11.29 8.91 -4.26
C PHE A 89 -12.35 8.88 -3.15
N GLY A 90 -13.32 7.99 -3.29
CA GLY A 90 -14.38 7.87 -2.30
C GLY A 90 -13.85 7.40 -0.96
N SER A 91 -13.53 6.11 -0.88
CA SER A 91 -13.03 5.53 0.35
C SER A 91 -11.78 4.69 0.09
N LEU A 92 -11.16 4.22 1.16
CA LEU A 92 -9.96 3.40 1.05
C LEU A 92 -10.18 2.20 0.13
N SER A 93 -11.38 1.63 0.20
CA SER A 93 -11.73 0.48 -0.62
C SER A 93 -11.89 0.89 -2.08
N ALA A 94 -12.40 2.10 -2.29
CA ALA A 94 -12.59 2.62 -3.64
C ALA A 94 -11.27 2.83 -4.35
N LEU A 95 -10.31 3.43 -3.65
CA LEU A 95 -9.00 3.71 -4.22
C LEU A 95 -8.19 2.41 -4.34
N VAL A 96 -8.43 1.48 -3.43
CA VAL A 96 -7.73 0.19 -3.44
C VAL A 96 -8.16 -0.66 -4.63
N SER A 97 -9.46 -0.66 -4.90
CA SER A 97 -10.01 -1.45 -6.01
C SER A 97 -9.66 -0.80 -7.35
N GLN A 98 -9.72 0.52 -7.40
CA GLN A 98 -9.40 1.25 -8.62
C GLN A 98 -7.90 1.19 -8.92
N HIS A 99 -7.10 1.10 -7.86
CA HIS A 99 -5.65 1.03 -8.01
C HIS A 99 -5.22 -0.30 -8.62
N SER A 100 -6.16 -1.24 -8.70
CA SER A 100 -5.88 -2.55 -9.25
C SER A 100 -6.11 -2.57 -10.76
N ILE A 101 -6.62 -1.46 -11.29
CA ILE A 101 -6.89 -1.34 -12.71
C ILE A 101 -6.25 -0.09 -13.30
N SER A 102 -6.28 1.00 -12.54
CA SER A 102 -5.70 2.26 -12.97
C SER A 102 -5.00 2.97 -11.82
N PRO A 103 -3.80 2.48 -11.46
CA PRO A 103 -3.01 3.05 -10.36
C PRO A 103 -2.45 4.42 -10.71
N ILE A 104 -2.60 5.36 -9.80
CA ILE A 104 -2.10 6.72 -10.01
C ILE A 104 -0.79 6.94 -9.26
N SER A 105 -0.84 6.81 -7.94
CA SER A 105 0.34 7.00 -7.10
C SER A 105 0.99 5.67 -6.77
N LEU A 106 0.90 4.72 -7.69
CA LEU A 106 1.48 3.40 -7.50
C LEU A 106 2.29 2.97 -8.72
N PRO A 107 3.27 2.09 -8.50
CA PRO A 107 4.12 1.57 -9.57
C PRO A 107 3.38 0.65 -10.53
N CYS A 108 2.65 -0.30 -9.96
CA CYS A 108 1.88 -1.26 -10.76
C CYS A 108 0.52 -1.53 -10.14
N CYS A 109 -0.46 -1.87 -10.97
CA CYS A 109 -1.81 -2.15 -10.50
C CYS A 109 -1.79 -3.19 -9.38
N LEU A 110 -2.52 -2.91 -8.30
CA LEU A 110 -2.59 -3.81 -7.17
C LEU A 110 -3.22 -5.15 -7.56
N ARG A 111 -2.86 -6.21 -6.83
CA ARG A 111 -3.40 -7.53 -7.11
C ARG A 111 -4.21 -8.05 -5.92
N ILE A 112 -5.48 -8.34 -6.17
CA ILE A 112 -6.36 -8.84 -5.12
C ILE A 112 -6.33 -10.36 -5.04
N PRO A 113 -6.19 -10.89 -3.82
CA PRO A 113 -6.13 -12.34 -3.59
C PRO A 113 -7.47 -13.02 -3.84
N SER A 114 -8.54 -12.42 -3.32
CA SER A 114 -9.88 -12.97 -3.49
C SER A 114 -10.26 -13.05 -4.97
N LYS A 115 -9.57 -12.27 -5.79
CA LYS A 115 -9.82 -12.26 -7.22
C LYS A 115 -8.69 -12.93 -7.99
N MET A 1 -7.52 -18.22 -0.61
CA MET A 1 -7.97 -16.84 -0.58
C MET A 1 -8.31 -16.40 0.83
N ASP A 2 -7.73 -15.29 1.26
CA ASP A 2 -7.98 -14.76 2.60
C ASP A 2 -8.97 -13.61 2.56
N THR A 3 -9.26 -13.04 3.72
CA THR A 3 -10.20 -11.93 3.82
C THR A 3 -9.50 -10.66 4.25
N SER A 4 -10.13 -9.52 3.99
CA SER A 4 -9.56 -8.22 4.35
C SER A 4 -9.29 -8.14 5.84
N LYS A 5 -10.01 -8.96 6.60
CA LYS A 5 -9.86 -8.98 8.06
C LYS A 5 -8.46 -9.47 8.44
N PHE A 6 -7.85 -10.26 7.58
CA PHE A 6 -6.51 -10.78 7.82
C PHE A 6 -5.45 -9.80 7.36
N TRP A 7 -5.75 -9.07 6.29
CA TRP A 7 -4.81 -8.09 5.74
C TRP A 7 -4.98 -6.74 6.41
N TYR A 8 -6.00 -6.63 7.26
CA TYR A 8 -6.27 -5.38 7.97
C TYR A 8 -5.97 -5.52 9.46
N LYS A 9 -4.91 -4.84 9.89
CA LYS A 9 -4.50 -4.88 11.30
C LYS A 9 -4.06 -3.50 11.78
N PRO A 10 -4.87 -2.90 12.67
CA PRO A 10 -4.58 -1.58 13.23
C PRO A 10 -3.37 -1.59 14.16
N HIS A 11 -3.21 -2.68 14.90
CA HIS A 11 -2.10 -2.82 15.83
C HIS A 11 -0.83 -3.25 15.11
N LEU A 12 -1.01 -3.86 13.94
CA LEU A 12 0.13 -4.33 13.14
C LEU A 12 1.14 -3.21 12.93
N SER A 13 2.40 -3.49 13.27
CA SER A 13 3.46 -2.50 13.12
C SER A 13 4.03 -2.52 11.71
N ARG A 14 4.86 -1.53 11.39
CA ARG A 14 5.47 -1.44 10.07
C ARG A 14 6.21 -2.73 9.72
N ASP A 15 7.07 -3.18 10.64
CA ASP A 15 7.84 -4.40 10.43
C ASP A 15 6.92 -5.56 10.09
N GLN A 16 5.81 -5.67 10.82
CA GLN A 16 4.86 -6.75 10.60
C GLN A 16 4.26 -6.67 9.20
N ALA A 17 4.01 -5.45 8.73
CA ALA A 17 3.45 -5.24 7.41
C ALA A 17 4.41 -5.69 6.32
N ILE A 18 5.69 -5.40 6.50
CA ILE A 18 6.72 -5.78 5.55
C ILE A 18 6.87 -7.30 5.46
N ALA A 19 6.84 -7.94 6.63
CA ALA A 19 6.97 -9.39 6.69
C ALA A 19 5.76 -10.08 6.06
N LEU A 20 4.58 -9.49 6.27
CA LEU A 20 3.34 -10.05 5.72
C LEU A 20 3.27 -9.84 4.22
N LEU A 21 3.87 -8.76 3.74
CA LEU A 21 3.88 -8.44 2.32
C LEU A 21 4.85 -9.34 1.57
N LYS A 22 6.00 -9.59 2.18
CA LYS A 22 7.02 -10.43 1.57
C LYS A 22 6.63 -11.91 1.66
N ASP A 23 5.58 -12.20 2.43
CA ASP A 23 5.11 -13.56 2.58
C ASP A 23 3.76 -13.75 1.90
N LYS A 24 3.27 -12.70 1.27
CA LYS A 24 2.00 -12.74 0.57
C LYS A 24 2.19 -12.62 -0.95
N ASP A 25 3.40 -12.96 -1.41
CA ASP A 25 3.71 -12.89 -2.83
C ASP A 25 3.69 -11.45 -3.32
N PRO A 26 4.33 -11.22 -4.48
CA PRO A 26 4.40 -9.88 -5.08
C PRO A 26 3.06 -9.41 -5.61
N GLY A 27 2.62 -8.24 -5.14
CA GLY A 27 1.35 -7.69 -5.58
C GLY A 27 0.34 -7.58 -4.45
N ALA A 28 0.63 -8.26 -3.34
CA ALA A 28 -0.26 -8.23 -2.18
C ALA A 28 -0.07 -6.94 -1.38
N PHE A 29 -1.15 -6.50 -0.73
CA PHE A 29 -1.12 -5.29 0.06
C PHE A 29 -1.83 -5.48 1.40
N LEU A 30 -1.67 -4.52 2.30
CA LEU A 30 -2.29 -4.58 3.61
C LEU A 30 -2.55 -3.19 4.17
N ILE A 31 -3.41 -3.10 5.18
CA ILE A 31 -3.74 -1.83 5.80
C ILE A 31 -3.48 -1.86 7.30
N ARG A 32 -2.96 -0.77 7.84
CA ARG A 32 -2.66 -0.68 9.26
C ARG A 32 -2.97 0.72 9.79
N ASP A 33 -3.03 0.84 11.11
CA ASP A 33 -3.32 2.13 11.74
C ASP A 33 -2.19 3.12 11.48
N SER A 34 -2.52 4.22 10.82
CA SER A 34 -1.53 5.25 10.51
C SER A 34 -1.28 6.16 11.71
N HIS A 35 -0.14 5.97 12.36
CA HIS A 35 0.22 6.77 13.52
C HIS A 35 0.57 8.21 13.11
N SER A 36 0.74 8.42 11.82
CA SER A 36 1.09 9.73 11.30
C SER A 36 0.11 10.79 11.81
N PHE A 37 -1.10 10.77 11.27
CA PHE A 37 -2.12 11.74 11.67
C PHE A 37 -3.49 11.06 11.79
N GLN A 38 -4.39 11.68 12.53
CA GLN A 38 -5.73 11.14 12.73
C GLN A 38 -6.51 11.10 11.41
N GLY A 39 -7.33 10.09 11.24
CA GLY A 39 -8.12 9.96 10.03
C GLY A 39 -7.28 9.51 8.84
N ALA A 40 -6.21 8.79 9.12
CA ALA A 40 -5.33 8.30 8.07
C ALA A 40 -5.09 6.80 8.20
N TYR A 41 -4.77 6.15 7.07
CA TYR A 41 -4.53 4.71 7.07
C TYR A 41 -3.24 4.39 6.31
N GLY A 42 -2.41 3.55 6.92
CA GLY A 42 -1.16 3.17 6.29
C GLY A 42 -1.31 1.98 5.36
N LEU A 43 -1.14 2.22 4.07
CA LEU A 43 -1.27 1.17 3.06
C LEU A 43 0.11 0.70 2.60
N ALA A 44 0.32 -0.61 2.63
CA ALA A 44 1.59 -1.19 2.20
C ALA A 44 1.39 -2.17 1.05
N LEU A 45 2.28 -2.11 0.07
CA LEU A 45 2.21 -2.99 -1.09
C LEU A 45 3.58 -3.57 -1.43
N LYS A 46 3.60 -4.85 -1.80
CA LYS A 46 4.84 -5.52 -2.15
C LYS A 46 5.02 -5.58 -3.66
N VAL A 47 6.23 -5.29 -4.13
CA VAL A 47 6.53 -5.31 -5.55
C VAL A 47 7.85 -6.02 -5.82
N ALA A 48 8.05 -6.43 -7.08
CA ALA A 48 9.27 -7.12 -7.46
C ALA A 48 9.99 -6.37 -8.58
N THR A 49 9.91 -5.04 -8.54
CA THR A 49 10.56 -4.21 -9.54
C THR A 49 11.75 -3.46 -8.95
N PRO A 50 12.93 -4.09 -9.01
CA PRO A 50 14.16 -3.49 -8.48
C PRO A 50 14.64 -2.31 -9.32
N PRO A 51 15.60 -1.55 -8.77
CA PRO A 51 16.16 -0.38 -9.45
C PRO A 51 17.00 -0.75 -10.67
N PRO A 52 17.34 0.26 -11.48
CA PRO A 52 18.14 0.05 -12.69
C PRO A 52 19.59 -0.30 -12.37
N SER A 53 20.20 0.46 -11.47
CA SER A 53 21.59 0.24 -11.08
C SER A 53 21.91 0.95 -9.78
N ALA A 54 21.87 0.21 -8.68
CA ALA A 54 22.15 0.77 -7.36
C ALA A 54 23.24 -0.03 -6.65
N GLN A 55 24.13 -0.63 -7.43
CA GLN A 55 25.22 -1.42 -6.87
C GLN A 55 24.69 -2.48 -5.92
N PRO A 56 24.00 -3.49 -6.47
CA PRO A 56 23.42 -4.58 -5.67
C PRO A 56 24.49 -5.50 -5.07
N TRP A 57 24.27 -5.93 -3.84
CA TRP A 57 25.22 -6.82 -3.17
C TRP A 57 24.58 -8.16 -2.84
N LYS A 58 24.59 -9.07 -3.80
CA LYS A 58 24.02 -10.39 -3.62
C LYS A 58 22.51 -10.30 -3.35
N GLY A 59 21.87 -9.29 -3.94
CA GLY A 59 20.45 -9.11 -3.75
C GLY A 59 20.13 -7.86 -2.96
N ASP A 60 19.08 -7.92 -2.15
CA ASP A 60 18.66 -6.78 -1.34
C ASP A 60 17.50 -7.15 -0.44
N PRO A 61 17.28 -6.36 0.63
CA PRO A 61 16.21 -6.59 1.58
C PRO A 61 14.84 -6.30 0.99
N VAL A 62 13.81 -6.99 1.51
CA VAL A 62 12.45 -6.81 1.02
C VAL A 62 11.94 -5.40 1.32
N GLU A 63 12.52 -4.76 2.34
CA GLU A 63 12.13 -3.42 2.73
C GLU A 63 12.21 -2.47 1.53
N GLN A 64 13.18 -2.69 0.66
CA GLN A 64 13.37 -1.86 -0.52
C GLN A 64 12.34 -2.20 -1.59
N LEU A 65 11.83 -3.42 -1.55
CA LEU A 65 10.84 -3.86 -2.52
C LEU A 65 9.42 -3.69 -1.96
N VAL A 66 9.28 -2.80 -0.99
CA VAL A 66 7.99 -2.54 -0.37
C VAL A 66 7.69 -1.05 -0.33
N ARG A 67 6.52 -0.67 -0.85
CA ARG A 67 6.11 0.73 -0.88
C ARG A 67 4.95 0.98 0.08
N HIS A 68 5.16 1.87 1.04
CA HIS A 68 4.12 2.21 2.01
C HIS A 68 3.75 3.69 1.94
N PHE A 69 2.47 3.96 1.76
CA PHE A 69 1.99 5.34 1.68
C PHE A 69 0.83 5.57 2.64
N LEU A 70 0.71 6.80 3.13
CA LEU A 70 -0.36 7.15 4.06
C LEU A 70 -1.52 7.82 3.32
N ILE A 71 -2.71 7.26 3.47
CA ILE A 71 -3.90 7.81 2.81
C ILE A 71 -4.72 8.63 3.80
N GLU A 72 -5.18 9.80 3.35
CA GLU A 72 -5.98 10.68 4.19
C GLU A 72 -7.37 10.88 3.59
N THR A 73 -8.40 10.75 4.43
CA THR A 73 -9.77 10.91 3.99
C THR A 73 -10.41 12.15 4.61
N GLY A 74 -10.94 13.04 3.77
CA GLY A 74 -11.56 14.24 4.27
C GLY A 74 -12.98 14.41 3.75
N PRO A 75 -13.52 15.63 3.88
CA PRO A 75 -14.87 15.96 3.43
C PRO A 75 -14.99 15.96 1.91
N LYS A 76 -13.86 15.83 1.23
CA LYS A 76 -13.83 15.82 -0.23
C LYS A 76 -13.60 14.41 -0.76
N GLY A 77 -13.45 13.46 0.16
CA GLY A 77 -13.24 12.08 -0.24
C GLY A 77 -11.95 11.51 0.33
N VAL A 78 -11.21 10.78 -0.50
CA VAL A 78 -9.95 10.17 -0.07
C VAL A 78 -8.83 10.48 -1.05
N LYS A 79 -7.63 10.68 -0.52
CA LYS A 79 -6.47 10.99 -1.35
C LYS A 79 -5.21 10.32 -0.80
N ILE A 80 -4.23 10.09 -1.67
CA ILE A 80 -2.98 9.47 -1.26
C ILE A 80 -1.91 10.52 -0.97
N LYS A 81 -1.40 10.50 0.26
CA LYS A 81 -0.36 11.45 0.66
C LYS A 81 1.00 11.00 0.18
N GLY A 82 1.37 11.44 -1.03
CA GLY A 82 2.66 11.08 -1.58
C GLY A 82 2.96 11.82 -2.87
N CYS A 83 1.93 12.08 -3.66
CA CYS A 83 2.09 12.79 -4.93
C CYS A 83 1.06 13.90 -5.06
N PRO A 84 1.35 14.87 -5.95
CA PRO A 84 0.46 16.01 -6.20
C PRO A 84 -0.83 15.60 -6.90
N SER A 85 -0.87 14.36 -7.36
CA SER A 85 -2.05 13.84 -8.06
C SER A 85 -3.32 14.09 -7.25
N GLU A 86 -3.51 13.30 -6.21
CA GLU A 86 -4.69 13.44 -5.36
C GLU A 86 -5.97 13.47 -6.20
N PRO A 87 -6.29 12.33 -6.82
CA PRO A 87 -7.49 12.20 -7.67
C PRO A 87 -8.77 12.24 -6.85
N TYR A 88 -8.64 12.46 -5.54
CA TYR A 88 -9.80 12.52 -4.65
C TYR A 88 -10.83 11.47 -5.04
N PHE A 89 -10.60 10.23 -4.62
CA PHE A 89 -11.51 9.13 -4.92
C PHE A 89 -12.59 9.03 -3.86
N GLY A 90 -13.45 8.01 -4.00
CA GLY A 90 -14.53 7.81 -3.05
C GLY A 90 -14.02 7.47 -1.66
N SER A 91 -13.50 6.26 -1.51
CA SER A 91 -12.98 5.80 -0.22
C SER A 91 -11.73 4.94 -0.41
N LEU A 92 -11.17 4.46 0.69
CA LEU A 92 -9.98 3.63 0.66
C LEU A 92 -10.18 2.45 -0.31
N SER A 93 -11.40 1.92 -0.34
CA SER A 93 -11.72 0.80 -1.21
C SER A 93 -11.70 1.22 -2.68
N ALA A 94 -12.14 2.45 -2.93
CA ALA A 94 -12.17 2.97 -4.30
C ALA A 94 -10.77 3.14 -4.85
N LEU A 95 -9.88 3.71 -4.05
CA LEU A 95 -8.50 3.94 -4.47
C LEU A 95 -7.72 2.62 -4.51
N VAL A 96 -8.10 1.69 -3.64
CA VAL A 96 -7.45 0.39 -3.59
C VAL A 96 -7.77 -0.44 -4.83
N SER A 97 -9.03 -0.40 -5.25
CA SER A 97 -9.47 -1.15 -6.42
C SER A 97 -8.92 -0.53 -7.70
N GLN A 98 -8.91 0.80 -7.75
CA GLN A 98 -8.42 1.52 -8.92
C GLN A 98 -6.90 1.42 -9.01
N HIS A 99 -6.25 1.31 -7.86
CA HIS A 99 -4.79 1.21 -7.81
C HIS A 99 -4.31 -0.06 -8.49
N SER A 100 -5.24 -1.00 -8.72
CA SER A 100 -4.91 -2.26 -9.36
C SER A 100 -4.84 -2.11 -10.87
N ILE A 101 -5.23 -0.93 -11.35
CA ILE A 101 -5.21 -0.65 -12.79
C ILE A 101 -4.45 0.62 -13.09
N SER A 102 -4.69 1.67 -12.29
CA SER A 102 -4.02 2.94 -12.48
C SER A 102 -3.48 3.47 -11.15
N PRO A 103 -2.33 2.93 -10.73
CA PRO A 103 -1.68 3.32 -9.48
C PRO A 103 -1.11 4.74 -9.55
N ILE A 104 -1.39 5.53 -8.53
CA ILE A 104 -0.89 6.90 -8.47
C ILE A 104 0.40 6.99 -7.67
N SER A 105 0.30 6.89 -6.35
CA SER A 105 1.45 6.96 -5.47
C SER A 105 1.95 5.56 -5.13
N LEU A 106 1.87 4.66 -6.10
CA LEU A 106 2.31 3.27 -5.90
C LEU A 106 3.36 2.88 -6.95
N PRO A 107 4.19 1.90 -6.60
CA PRO A 107 5.24 1.41 -7.50
C PRO A 107 4.68 0.63 -8.69
N CYS A 108 3.70 -0.22 -8.41
CA CYS A 108 3.07 -1.02 -9.47
C CYS A 108 1.61 -1.29 -9.14
N CYS A 109 0.79 -1.47 -10.17
CA CYS A 109 -0.63 -1.73 -9.99
C CYS A 109 -0.85 -2.89 -9.02
N LEU A 110 -1.69 -2.67 -8.02
CA LEU A 110 -1.99 -3.70 -7.04
C LEU A 110 -2.40 -5.01 -7.71
N ARG A 111 -1.99 -6.13 -7.11
CA ARG A 111 -2.32 -7.44 -7.66
C ARG A 111 -3.01 -8.30 -6.60
N ILE A 112 -4.19 -8.81 -6.96
CA ILE A 112 -4.95 -9.66 -6.04
C ILE A 112 -5.54 -10.86 -6.77
N PRO A 113 -4.67 -11.76 -7.23
CA PRO A 113 -5.08 -12.97 -7.94
C PRO A 113 -5.79 -13.97 -7.03
N SER A 114 -5.18 -14.26 -5.89
CA SER A 114 -5.75 -15.20 -4.93
C SER A 114 -4.88 -15.28 -3.67
N LYS A 115 -5.26 -14.52 -2.65
CA LYS A 115 -4.53 -14.50 -1.40
C LYS A 115 -3.11 -13.98 -1.60
N MET A 1 -9.46 -18.36 1.96
CA MET A 1 -8.51 -18.29 3.08
C MET A 1 -7.70 -17.00 3.02
N ASP A 2 -8.31 -15.94 2.54
CA ASP A 2 -7.64 -14.64 2.42
C ASP A 2 -8.64 -13.54 2.10
N THR A 3 -9.12 -12.87 3.14
CA THR A 3 -10.08 -11.78 2.96
C THR A 3 -9.53 -10.46 3.48
N SER A 4 -10.25 -9.37 3.23
CA SER A 4 -9.82 -8.05 3.68
C SER A 4 -9.67 -8.02 5.19
N LYS A 5 -10.43 -8.85 5.89
CA LYS A 5 -10.37 -8.92 7.34
C LYS A 5 -9.03 -9.46 7.80
N PHE A 6 -8.38 -10.25 6.96
CA PHE A 6 -7.09 -10.83 7.28
C PHE A 6 -5.95 -9.90 6.84
N TRP A 7 -6.23 -9.07 5.85
CA TRP A 7 -5.23 -8.14 5.33
C TRP A 7 -5.39 -6.76 5.97
N TYR A 8 -6.42 -6.62 6.81
CA TYR A 8 -6.68 -5.35 7.49
C TYR A 8 -6.49 -5.49 8.99
N LYS A 9 -5.43 -4.87 9.51
CA LYS A 9 -5.14 -4.93 10.94
C LYS A 9 -4.64 -3.57 11.44
N PRO A 10 -5.48 -2.91 12.25
CA PRO A 10 -5.15 -1.59 12.82
C PRO A 10 -4.03 -1.68 13.87
N HIS A 11 -4.03 -2.76 14.64
CA HIS A 11 -3.02 -2.96 15.67
C HIS A 11 -1.68 -3.35 15.05
N LEU A 12 -1.69 -3.59 13.74
CA LEU A 12 -0.47 -3.98 13.04
C LEU A 12 0.46 -2.79 12.86
N SER A 13 1.75 -3.06 12.75
CA SER A 13 2.76 -2.01 12.59
C SER A 13 3.31 -2.01 11.17
N ARG A 14 3.89 -0.89 10.76
CA ARG A 14 4.46 -0.75 9.43
C ARG A 14 5.49 -1.85 9.16
N ASP A 15 6.40 -2.05 10.12
CA ASP A 15 7.43 -3.07 9.98
C ASP A 15 6.81 -4.45 9.76
N GLN A 16 5.74 -4.74 10.49
CA GLN A 16 5.05 -6.02 10.37
C GLN A 16 4.47 -6.18 8.97
N ALA A 17 3.89 -5.11 8.44
CA ALA A 17 3.29 -5.15 7.12
C ALA A 17 4.35 -5.41 6.05
N ILE A 18 5.51 -4.78 6.20
CA ILE A 18 6.59 -4.94 5.25
C ILE A 18 7.12 -6.36 5.25
N ALA A 19 7.25 -6.93 6.45
CA ALA A 19 7.75 -8.30 6.59
C ALA A 19 6.76 -9.30 6.02
N LEU A 20 5.48 -9.02 6.19
CA LEU A 20 4.42 -9.90 5.69
C LEU A 20 4.32 -9.82 4.16
N LEU A 21 4.63 -8.64 3.63
CA LEU A 21 4.58 -8.43 2.18
C LEU A 21 5.77 -9.08 1.49
N LYS A 22 6.95 -8.95 2.11
CA LYS A 22 8.16 -9.53 1.56
C LYS A 22 8.18 -11.05 1.72
N ASP A 23 7.20 -11.56 2.46
CA ASP A 23 7.10 -13.00 2.69
C ASP A 23 5.90 -13.59 1.94
N LYS A 24 5.19 -12.73 1.21
CA LYS A 24 4.03 -13.17 0.45
C LYS A 24 4.21 -12.89 -1.03
N ASP A 25 3.25 -13.33 -1.84
CA ASP A 25 3.31 -13.13 -3.28
C ASP A 25 3.25 -11.65 -3.62
N PRO A 26 3.76 -11.29 -4.82
CA PRO A 26 3.77 -9.90 -5.29
C PRO A 26 2.38 -9.38 -5.61
N GLY A 27 2.19 -8.08 -5.45
CA GLY A 27 0.90 -7.47 -5.73
C GLY A 27 0.02 -7.39 -4.49
N ALA A 28 0.36 -8.18 -3.49
CA ALA A 28 -0.41 -8.20 -2.25
C ALA A 28 -0.21 -6.90 -1.45
N PHE A 29 -1.24 -6.51 -0.71
CA PHE A 29 -1.17 -5.29 0.09
C PHE A 29 -1.78 -5.51 1.46
N LEU A 30 -1.59 -4.55 2.35
CA LEU A 30 -2.12 -4.63 3.71
C LEU A 30 -2.43 -3.24 4.26
N ILE A 31 -3.46 -3.16 5.10
CA ILE A 31 -3.86 -1.89 5.70
C ILE A 31 -3.62 -1.90 7.21
N ARG A 32 -3.14 -0.78 7.74
CA ARG A 32 -2.88 -0.66 9.17
C ARG A 32 -3.29 0.72 9.68
N ASP A 33 -3.41 0.83 11.00
CA ASP A 33 -3.80 2.10 11.62
C ASP A 33 -2.65 3.10 11.58
N SER A 34 -2.88 4.23 10.92
CA SER A 34 -1.87 5.27 10.81
C SER A 34 -2.01 6.31 11.92
N HIS A 35 -1.30 6.08 13.02
CA HIS A 35 -1.36 6.99 14.16
C HIS A 35 -0.59 8.27 13.86
N SER A 36 0.18 8.26 12.78
CA SER A 36 0.97 9.43 12.38
C SER A 36 0.09 10.67 12.31
N PHE A 37 -1.04 10.56 11.63
CA PHE A 37 -1.96 11.68 11.49
C PHE A 37 -3.41 11.20 11.62
N GLN A 38 -4.26 12.09 12.12
CA GLN A 38 -5.68 11.76 12.30
C GLN A 38 -6.34 11.45 10.96
N GLY A 39 -7.29 10.51 10.98
CA GLY A 39 -7.97 10.15 9.76
C GLY A 39 -7.03 9.70 8.67
N ALA A 40 -6.01 8.93 9.03
CA ALA A 40 -5.03 8.45 8.08
C ALA A 40 -4.85 6.93 8.20
N TYR A 41 -4.68 6.28 7.06
CA TYR A 41 -4.51 4.83 7.04
C TYR A 41 -3.23 4.45 6.30
N GLY A 42 -2.45 3.54 6.89
CA GLY A 42 -1.22 3.10 6.27
C GLY A 42 -1.42 1.96 5.30
N LEU A 43 -1.13 2.21 4.03
CA LEU A 43 -1.29 1.19 2.99
C LEU A 43 0.07 0.71 2.49
N ALA A 44 0.28 -0.60 2.53
CA ALA A 44 1.53 -1.19 2.07
C ALA A 44 1.30 -2.13 0.89
N LEU A 45 2.18 -2.05 -0.11
CA LEU A 45 2.07 -2.89 -1.28
C LEU A 45 3.41 -3.51 -1.64
N LYS A 46 3.38 -4.78 -2.06
CA LYS A 46 4.61 -5.49 -2.43
C LYS A 46 4.80 -5.49 -3.94
N VAL A 47 6.02 -5.18 -4.38
CA VAL A 47 6.33 -5.14 -5.80
C VAL A 47 7.27 -6.28 -6.18
N ALA A 48 7.35 -6.57 -7.48
CA ALA A 48 8.23 -7.63 -7.97
C ALA A 48 9.65 -7.44 -7.48
N THR A 49 10.22 -6.26 -7.76
CA THR A 49 11.58 -5.96 -7.36
C THR A 49 11.95 -4.51 -7.70
N PRO A 50 12.98 -3.98 -7.02
CA PRO A 50 13.44 -2.61 -7.25
C PRO A 50 14.13 -2.45 -8.60
N PRO A 51 14.37 -1.19 -8.99
CA PRO A 51 15.02 -0.86 -10.26
C PRO A 51 16.50 -1.24 -10.26
N PRO A 52 17.11 -1.22 -11.46
CA PRO A 52 18.53 -1.55 -11.62
C PRO A 52 19.45 -0.50 -11.03
N SER A 53 20.73 -0.57 -11.38
CA SER A 53 21.71 0.38 -10.88
C SER A 53 23.04 0.23 -11.61
N ALA A 54 22.97 -0.19 -12.87
CA ALA A 54 24.17 -0.38 -13.68
C ALA A 54 25.12 -1.38 -13.03
N GLN A 55 24.58 -2.23 -12.16
CA GLN A 55 25.38 -3.23 -11.46
C GLN A 55 24.49 -4.26 -10.79
N PRO A 56 23.91 -5.16 -11.60
CA PRO A 56 23.03 -6.22 -11.11
C PRO A 56 23.79 -7.28 -10.32
N TRP A 57 23.07 -8.01 -9.47
CA TRP A 57 23.67 -9.05 -8.66
C TRP A 57 24.71 -8.47 -7.70
N LYS A 58 24.55 -7.19 -7.36
CA LYS A 58 25.47 -6.52 -6.45
C LYS A 58 24.89 -6.47 -5.04
N GLY A 59 23.57 -6.56 -4.94
CA GLY A 59 22.93 -6.52 -3.64
C GLY A 59 21.48 -6.98 -3.70
N ASP A 60 20.66 -6.46 -2.80
CA ASP A 60 19.25 -6.82 -2.75
C ASP A 60 18.48 -5.90 -1.80
N PRO A 61 18.25 -4.66 -2.24
CA PRO A 61 17.53 -3.65 -1.45
C PRO A 61 16.05 -3.99 -1.31
N VAL A 62 15.71 -4.80 -0.31
CA VAL A 62 14.33 -5.19 -0.07
C VAL A 62 13.52 -4.03 0.48
N GLU A 63 14.21 -3.08 1.12
CA GLU A 63 13.55 -1.91 1.70
C GLU A 63 12.71 -1.19 0.65
N GLN A 64 13.11 -1.32 -0.61
CA GLN A 64 12.39 -0.67 -1.70
C GLN A 64 11.35 -1.61 -2.30
N LEU A 65 11.56 -2.91 -2.13
CA LEU A 65 10.64 -3.91 -2.65
C LEU A 65 9.22 -3.67 -2.12
N VAL A 66 9.13 -3.02 -0.96
CA VAL A 66 7.84 -2.73 -0.36
C VAL A 66 7.59 -1.23 -0.29
N ARG A 67 6.47 -0.79 -0.85
CA ARG A 67 6.12 0.62 -0.85
C ARG A 67 4.94 0.89 0.08
N HIS A 68 5.18 1.67 1.12
CA HIS A 68 4.13 2.01 2.08
C HIS A 68 3.87 3.52 2.10
N PHE A 69 2.62 3.90 1.91
CA PHE A 69 2.24 5.30 1.91
C PHE A 69 1.03 5.55 2.81
N LEU A 70 0.91 6.76 3.32
CA LEU A 70 -0.20 7.13 4.19
C LEU A 70 -1.29 7.85 3.41
N ILE A 71 -2.51 7.34 3.51
CA ILE A 71 -3.64 7.93 2.82
C ILE A 71 -4.50 8.76 3.78
N GLU A 72 -4.92 9.95 3.32
CA GLU A 72 -5.74 10.83 4.14
C GLU A 72 -7.18 10.86 3.63
N THR A 73 -8.13 10.78 4.55
CA THR A 73 -9.54 10.80 4.20
C THR A 73 -10.27 11.96 4.88
N GLY A 74 -10.87 12.83 4.08
CA GLY A 74 -11.59 13.96 4.62
C GLY A 74 -12.93 14.18 3.96
N PRO A 75 -13.47 15.39 4.09
CA PRO A 75 -14.77 15.76 3.51
C PRO A 75 -14.71 15.85 1.99
N LYS A 76 -13.50 15.73 1.44
CA LYS A 76 -13.31 15.79 -0.01
C LYS A 76 -13.05 14.41 -0.58
N GLY A 77 -12.96 13.42 0.29
CA GLY A 77 -12.71 12.05 -0.16
C GLY A 77 -11.46 11.46 0.45
N VAL A 78 -10.83 10.54 -0.28
CA VAL A 78 -9.62 9.89 0.20
C VAL A 78 -8.53 9.91 -0.87
N LYS A 79 -7.36 10.43 -0.51
CA LYS A 79 -6.24 10.51 -1.45
C LYS A 79 -4.93 10.14 -0.75
N ILE A 80 -4.09 9.38 -1.44
CA ILE A 80 -2.82 8.95 -0.89
C ILE A 80 -1.83 10.11 -0.84
N LYS A 81 -1.41 10.48 0.37
CA LYS A 81 -0.47 11.57 0.55
C LYS A 81 0.96 11.10 0.32
N GLY A 82 1.43 11.19 -0.92
CA GLY A 82 2.78 10.78 -1.25
C GLY A 82 3.13 11.05 -2.70
N CYS A 83 2.13 10.94 -3.58
CA CYS A 83 2.34 11.17 -5.01
C CYS A 83 1.92 12.58 -5.40
N PRO A 84 2.52 13.10 -6.47
CA PRO A 84 2.23 14.44 -6.97
C PRO A 84 0.83 14.55 -7.59
N SER A 85 0.34 13.44 -8.13
CA SER A 85 -0.97 13.40 -8.75
C SER A 85 -2.03 13.97 -7.81
N GLU A 86 -1.96 13.57 -6.54
CA GLU A 86 -2.90 14.04 -5.53
C GLU A 86 -4.33 13.61 -5.88
N PRO A 87 -4.63 12.33 -5.64
CA PRO A 87 -5.95 11.76 -5.92
C PRO A 87 -7.02 12.29 -4.98
N TYR A 88 -8.15 11.60 -4.92
CA TYR A 88 -9.25 11.99 -4.05
C TYR A 88 -10.50 11.15 -4.33
N PHE A 89 -10.35 9.84 -4.18
CA PHE A 89 -11.46 8.91 -4.41
C PHE A 89 -12.55 9.11 -3.36
N GLY A 90 -13.49 8.17 -3.31
CA GLY A 90 -14.58 8.25 -2.35
C GLY A 90 -14.21 7.65 -1.00
N SER A 91 -13.85 6.37 -1.02
CA SER A 91 -13.48 5.68 0.21
C SER A 91 -12.33 4.72 -0.03
N LEU A 92 -11.80 4.14 1.04
CA LEU A 92 -10.69 3.20 0.95
C LEU A 92 -10.99 2.09 -0.06
N SER A 93 -12.25 1.66 -0.10
CA SER A 93 -12.67 0.61 -1.01
C SER A 93 -12.66 1.11 -2.45
N ALA A 94 -12.99 2.38 -2.64
CA ALA A 94 -13.00 2.99 -3.96
C ALA A 94 -11.61 3.07 -4.56
N LEU A 95 -10.65 3.52 -3.75
CA LEU A 95 -9.26 3.65 -4.19
C LEU A 95 -8.61 2.28 -4.33
N VAL A 96 -9.06 1.33 -3.50
CA VAL A 96 -8.52 -0.02 -3.54
C VAL A 96 -8.94 -0.76 -4.80
N SER A 97 -10.22 -0.60 -5.17
CA SER A 97 -10.75 -1.24 -6.36
C SER A 97 -10.20 -0.60 -7.63
N GLN A 98 -10.08 0.73 -7.59
CA GLN A 98 -9.57 1.47 -8.74
C GLN A 98 -8.07 1.24 -8.92
N HIS A 99 -7.35 1.15 -7.81
CA HIS A 99 -5.91 0.93 -7.84
C HIS A 99 -5.58 -0.40 -8.50
N SER A 100 -6.58 -1.28 -8.59
CA SER A 100 -6.39 -2.59 -9.20
C SER A 100 -6.78 -2.57 -10.67
N ILE A 101 -7.05 -1.38 -11.19
CA ILE A 101 -7.44 -1.22 -12.58
C ILE A 101 -6.64 -0.11 -13.26
N SER A 102 -6.35 0.95 -12.51
CA SER A 102 -5.59 2.07 -13.03
C SER A 102 -4.84 2.78 -11.91
N PRO A 103 -3.66 2.25 -11.57
CA PRO A 103 -2.81 2.82 -10.52
C PRO A 103 -2.20 4.16 -10.92
N ILE A 104 -2.31 5.14 -10.03
CA ILE A 104 -1.77 6.47 -10.30
C ILE A 104 -0.27 6.41 -10.58
N SER A 105 0.52 6.20 -9.53
CA SER A 105 1.96 6.12 -9.67
C SER A 105 2.50 4.81 -9.10
N LEU A 106 1.63 3.81 -9.03
CA LEU A 106 2.01 2.50 -8.50
C LEU A 106 2.73 1.68 -9.56
N PRO A 107 3.58 0.74 -9.10
CA PRO A 107 4.34 -0.13 -9.99
C PRO A 107 3.46 -1.15 -10.72
N CYS A 108 2.28 -1.39 -10.16
CA CYS A 108 1.34 -2.34 -10.76
C CYS A 108 -0.01 -2.28 -10.06
N CYS A 109 -1.04 -2.80 -10.73
CA CYS A 109 -2.39 -2.79 -10.17
C CYS A 109 -2.45 -3.61 -8.88
N LEU A 110 -3.04 -3.02 -7.85
CA LEU A 110 -3.16 -3.69 -6.56
C LEU A 110 -3.91 -5.01 -6.70
N ARG A 111 -3.38 -6.06 -6.09
CA ARG A 111 -3.99 -7.38 -6.13
C ARG A 111 -4.98 -7.57 -4.98
N ILE A 112 -6.21 -7.95 -5.31
CA ILE A 112 -7.24 -8.16 -4.30
C ILE A 112 -7.69 -9.61 -4.28
N PRO A 113 -8.27 -10.03 -3.14
CA PRO A 113 -8.76 -11.40 -2.97
C PRO A 113 -9.99 -11.70 -3.82
N SER A 114 -10.60 -12.85 -3.58
CA SER A 114 -11.79 -13.26 -4.34
C SER A 114 -12.99 -13.42 -3.41
N LYS A 115 -13.17 -12.47 -2.51
CA LYS A 115 -14.28 -12.52 -1.56
C LYS A 115 -14.32 -13.85 -0.83
N MET A 1 -7.68 -19.15 1.52
CA MET A 1 -8.22 -18.21 2.49
C MET A 1 -7.41 -16.91 2.50
N ASP A 2 -7.96 -15.87 1.89
CA ASP A 2 -7.29 -14.59 1.82
C ASP A 2 -8.28 -13.46 1.54
N THR A 3 -8.95 -13.00 2.60
CA THR A 3 -9.94 -11.93 2.47
C THR A 3 -9.40 -10.62 3.03
N SER A 4 -10.09 -9.52 2.73
CA SER A 4 -9.69 -8.21 3.20
C SER A 4 -9.60 -8.18 4.72
N LYS A 5 -10.43 -8.98 5.37
CA LYS A 5 -10.45 -9.06 6.82
C LYS A 5 -9.14 -9.62 7.36
N PHE A 6 -8.47 -10.42 6.54
CA PHE A 6 -7.20 -11.03 6.94
C PHE A 6 -6.03 -10.11 6.58
N TRP A 7 -6.22 -9.30 5.56
CA TRP A 7 -5.17 -8.37 5.12
C TRP A 7 -5.35 -7.01 5.78
N TYR A 8 -6.42 -6.86 6.54
CA TYR A 8 -6.70 -5.60 7.22
C TYR A 8 -6.58 -5.77 8.74
N LYS A 9 -5.54 -5.17 9.31
CA LYS A 9 -5.30 -5.25 10.74
C LYS A 9 -4.81 -3.91 11.29
N PRO A 10 -5.64 -3.24 12.08
CA PRO A 10 -5.31 -1.94 12.68
C PRO A 10 -4.24 -2.07 13.75
N HIS A 11 -4.28 -3.16 14.50
CA HIS A 11 -3.30 -3.40 15.56
C HIS A 11 -1.94 -3.80 14.99
N LEU A 12 -1.92 -4.01 13.67
CA LEU A 12 -0.68 -4.40 12.99
C LEU A 12 0.30 -3.23 12.93
N SER A 13 1.59 -3.54 13.02
CA SER A 13 2.62 -2.52 12.98
C SER A 13 3.24 -2.42 11.59
N ARG A 14 3.87 -1.29 11.31
CA ARG A 14 4.51 -1.07 10.01
C ARG A 14 5.53 -2.16 9.71
N ASP A 15 6.40 -2.42 10.68
CA ASP A 15 7.43 -3.43 10.53
C ASP A 15 6.81 -4.79 10.20
N GLN A 16 5.72 -5.13 10.88
CA GLN A 16 5.04 -6.39 10.66
C GLN A 16 4.50 -6.48 9.24
N ALA A 17 3.94 -5.37 8.75
CA ALA A 17 3.38 -5.33 7.41
C ALA A 17 4.48 -5.52 6.36
N ILE A 18 5.63 -4.90 6.59
CA ILE A 18 6.76 -5.01 5.67
C ILE A 18 7.29 -6.44 5.61
N ALA A 19 7.38 -7.08 6.77
CA ALA A 19 7.87 -8.45 6.85
C ALA A 19 6.89 -9.42 6.19
N LEU A 20 5.60 -9.14 6.34
CA LEU A 20 4.57 -10.00 5.75
C LEU A 20 4.51 -9.81 4.24
N LEU A 21 4.84 -8.61 3.78
CA LEU A 21 4.82 -8.31 2.34
C LEU A 21 6.04 -8.92 1.65
N LYS A 22 7.20 -8.84 2.30
CA LYS A 22 8.44 -9.38 1.75
C LYS A 22 8.43 -10.90 1.82
N ASP A 23 7.50 -11.46 2.58
CA ASP A 23 7.38 -12.91 2.71
C ASP A 23 6.14 -13.42 2.02
N LYS A 24 5.45 -12.54 1.31
CA LYS A 24 4.23 -12.90 0.59
C LYS A 24 4.40 -12.68 -0.91
N ASP A 25 3.48 -13.24 -1.69
CA ASP A 25 3.52 -13.09 -3.14
C ASP A 25 3.48 -11.62 -3.54
N PRO A 26 3.99 -11.32 -4.74
CA PRO A 26 4.03 -9.95 -5.27
C PRO A 26 2.64 -9.42 -5.61
N GLY A 27 2.47 -8.11 -5.46
CA GLY A 27 1.18 -7.50 -5.75
C GLY A 27 0.27 -7.45 -4.55
N ALA A 28 0.60 -8.24 -3.53
CA ALA A 28 -0.20 -8.27 -2.31
C ALA A 28 -0.05 -6.98 -1.52
N PHE A 29 -1.10 -6.61 -0.79
CA PHE A 29 -1.09 -5.40 0.01
C PHE A 29 -1.69 -5.65 1.40
N LEU A 30 -1.52 -4.69 2.29
CA LEU A 30 -2.03 -4.81 3.65
C LEU A 30 -2.38 -3.43 4.22
N ILE A 31 -3.43 -3.38 5.03
CA ILE A 31 -3.86 -2.13 5.65
C ILE A 31 -3.65 -2.17 7.17
N ARG A 32 -3.21 -1.05 7.72
CA ARG A 32 -2.98 -0.94 9.16
C ARG A 32 -3.36 0.44 9.68
N ASP A 33 -3.50 0.56 10.99
CA ASP A 33 -3.86 1.83 11.62
C ASP A 33 -2.74 2.85 11.45
N SER A 34 -3.05 3.95 10.79
CA SER A 34 -2.06 5.01 10.56
C SER A 34 -2.00 5.96 11.76
N HIS A 35 -1.14 5.64 12.72
CA HIS A 35 -0.99 6.47 13.91
C HIS A 35 -0.26 7.77 13.58
N SER A 36 0.32 7.83 12.38
CA SER A 36 1.05 9.01 11.94
C SER A 36 0.15 10.23 11.92
N PHE A 37 -0.76 10.27 10.96
CA PHE A 37 -1.70 11.38 10.82
C PHE A 37 -3.08 10.99 11.32
N GLN A 38 -3.83 11.98 11.82
CA GLN A 38 -5.16 11.74 12.33
C GLN A 38 -6.14 11.46 11.19
N GLY A 39 -6.87 10.35 11.29
CA GLY A 39 -7.82 10.00 10.26
C GLY A 39 -7.15 9.51 8.99
N ALA A 40 -6.10 8.71 9.15
CA ALA A 40 -5.38 8.18 8.00
C ALA A 40 -5.24 6.66 8.09
N TYR A 41 -4.88 6.04 6.97
CA TYR A 41 -4.72 4.59 6.92
C TYR A 41 -3.42 4.21 6.23
N GLY A 42 -2.67 3.30 6.87
CA GLY A 42 -1.40 2.87 6.30
C GLY A 42 -1.57 1.77 5.28
N LEU A 43 -1.20 2.05 4.04
CA LEU A 43 -1.31 1.06 2.97
C LEU A 43 0.06 0.58 2.51
N ALA A 44 0.27 -0.73 2.54
CA ALA A 44 1.54 -1.31 2.14
C ALA A 44 1.36 -2.22 0.93
N LEU A 45 2.32 -2.17 0.01
CA LEU A 45 2.26 -2.98 -1.20
C LEU A 45 3.61 -3.62 -1.47
N LYS A 46 3.59 -4.88 -1.92
CA LYS A 46 4.82 -5.60 -2.24
C LYS A 46 5.07 -5.61 -3.74
N VAL A 47 6.31 -5.29 -4.12
CA VAL A 47 6.70 -5.27 -5.53
C VAL A 47 8.03 -5.98 -5.75
N ALA A 48 8.23 -6.46 -6.97
CA ALA A 48 9.47 -7.16 -7.31
C ALA A 48 10.48 -6.21 -7.96
N THR A 49 10.44 -4.95 -7.56
CA THR A 49 11.33 -3.94 -8.09
C THR A 49 11.17 -2.61 -7.37
N PRO A 50 12.20 -1.75 -7.46
CA PRO A 50 12.19 -0.43 -6.82
C PRO A 50 11.21 0.53 -7.48
N PRO A 51 10.95 1.66 -6.81
CA PRO A 51 10.02 2.68 -7.31
C PRO A 51 10.57 3.41 -8.53
N PRO A 52 9.69 4.18 -9.21
CA PRO A 52 10.07 4.94 -10.40
C PRO A 52 10.99 6.11 -10.08
N SER A 53 12.29 5.83 -10.02
CA SER A 53 13.27 6.86 -9.71
C SER A 53 14.69 6.29 -9.77
N ALA A 54 14.85 5.08 -9.25
CA ALA A 54 16.16 4.41 -9.24
C ALA A 54 17.22 5.32 -8.63
N GLN A 55 16.84 6.03 -7.57
CA GLN A 55 17.77 6.93 -6.88
C GLN A 55 18.98 6.17 -6.36
N PRO A 56 18.73 5.20 -5.47
CA PRO A 56 19.79 4.37 -4.88
C PRO A 56 20.42 3.42 -5.89
N TRP A 57 21.75 3.33 -5.85
CA TRP A 57 22.47 2.45 -6.77
C TRP A 57 23.20 1.35 -6.00
N LYS A 58 23.51 1.62 -4.75
CA LYS A 58 24.22 0.64 -3.91
C LYS A 58 23.49 -0.70 -3.92
N GLY A 59 22.18 -0.67 -3.70
CA GLY A 59 21.40 -1.89 -3.70
C GLY A 59 19.91 -1.63 -3.67
N ASP A 60 19.14 -2.63 -3.26
CA ASP A 60 17.68 -2.50 -3.19
C ASP A 60 17.11 -3.43 -2.13
N PRO A 61 17.23 -3.03 -0.86
CA PRO A 61 16.73 -3.81 0.27
C PRO A 61 15.20 -3.83 0.32
N VAL A 62 14.67 -4.43 1.39
CA VAL A 62 13.22 -4.53 1.56
C VAL A 62 12.57 -3.14 1.48
N GLU A 63 13.36 -2.12 1.78
CA GLU A 63 12.86 -0.75 1.75
C GLU A 63 12.30 -0.40 0.37
N GLN A 64 13.00 -0.86 -0.67
CA GLN A 64 12.58 -0.59 -2.04
C GLN A 64 11.63 -1.68 -2.54
N LEU A 65 11.73 -2.87 -1.95
CA LEU A 65 10.88 -3.99 -2.33
C LEU A 65 9.47 -3.80 -1.80
N VAL A 66 9.34 -3.01 -0.74
CA VAL A 66 8.04 -2.74 -0.14
C VAL A 66 7.75 -1.25 -0.09
N ARG A 67 6.61 -0.86 -0.67
CA ARG A 67 6.22 0.56 -0.69
C ARG A 67 5.04 0.80 0.24
N HIS A 68 5.27 1.61 1.27
CA HIS A 68 4.22 1.94 2.24
C HIS A 68 3.92 3.43 2.23
N PHE A 69 2.64 3.77 2.03
CA PHE A 69 2.22 5.17 2.00
C PHE A 69 1.01 5.38 2.90
N LEU A 70 0.90 6.59 3.45
CA LEU A 70 -0.22 6.92 4.33
C LEU A 70 -1.28 7.70 3.57
N ILE A 71 -2.51 7.17 3.59
CA ILE A 71 -3.62 7.82 2.90
C ILE A 71 -4.45 8.67 3.87
N GLU A 72 -4.81 9.87 3.44
CA GLU A 72 -5.60 10.77 4.26
C GLU A 72 -6.99 10.99 3.66
N THR A 73 -7.99 11.10 4.53
CA THR A 73 -9.36 11.32 4.08
C THR A 73 -9.93 12.63 4.63
N GLY A 74 -10.35 13.50 3.73
CA GLY A 74 -10.89 14.78 4.14
C GLY A 74 -12.24 15.07 3.48
N PRO A 75 -12.68 16.33 3.57
CA PRO A 75 -13.95 16.76 2.99
C PRO A 75 -13.92 16.78 1.47
N LYS A 76 -12.74 16.55 0.90
CA LYS A 76 -12.58 16.54 -0.54
C LYS A 76 -12.34 15.11 -1.05
N GLY A 77 -12.34 14.16 -0.12
CA GLY A 77 -12.14 12.76 -0.50
C GLY A 77 -10.90 12.17 0.14
N VAL A 78 -10.61 10.91 -0.18
CA VAL A 78 -9.45 10.23 0.37
C VAL A 78 -8.41 9.98 -0.72
N LYS A 79 -7.17 10.39 -0.46
CA LYS A 79 -6.08 10.20 -1.41
C LYS A 79 -4.77 9.89 -0.68
N ILE A 80 -3.83 9.31 -1.40
CA ILE A 80 -2.53 8.97 -0.83
C ILE A 80 -1.66 10.21 -0.67
N LYS A 81 -1.06 10.35 0.51
CA LYS A 81 -0.20 11.49 0.80
C LYS A 81 0.78 11.73 -0.36
N GLY A 82 1.22 10.66 -1.00
CA GLY A 82 2.15 10.79 -2.11
C GLY A 82 1.44 10.86 -3.45
N CYS A 83 0.34 11.61 -3.49
CA CYS A 83 -0.43 11.76 -4.72
C CYS A 83 0.14 12.88 -5.59
N PRO A 84 0.50 12.53 -6.83
CA PRO A 84 1.07 13.50 -7.78
C PRO A 84 0.05 14.51 -8.26
N SER A 85 -1.11 14.03 -8.67
CA SER A 85 -2.18 14.90 -9.16
C SER A 85 -3.30 15.01 -8.14
N GLU A 86 -3.28 14.12 -7.15
CA GLU A 86 -4.30 14.11 -6.10
C GLU A 86 -5.67 13.75 -6.67
N PRO A 87 -5.94 12.45 -6.79
CA PRO A 87 -7.21 11.94 -7.32
C PRO A 87 -8.38 12.20 -6.37
N TYR A 88 -8.17 11.91 -5.09
CA TYR A 88 -9.21 12.11 -4.09
C TYR A 88 -10.45 11.27 -4.41
N PHE A 89 -10.42 10.01 -3.99
CA PHE A 89 -11.53 9.10 -4.24
C PHE A 89 -12.59 9.25 -3.15
N GLY A 90 -13.57 8.34 -3.16
CA GLY A 90 -14.63 8.38 -2.18
C GLY A 90 -14.19 7.85 -0.82
N SER A 91 -13.89 6.55 -0.77
CA SER A 91 -13.47 5.92 0.48
C SER A 91 -12.27 5.00 0.23
N LEU A 92 -11.74 4.44 1.31
CA LEU A 92 -10.60 3.53 1.22
C LEU A 92 -10.86 2.42 0.21
N SER A 93 -12.12 1.95 0.17
CA SER A 93 -12.50 0.88 -0.74
C SER A 93 -12.50 1.37 -2.18
N ALA A 94 -12.88 2.63 -2.37
CA ALA A 94 -12.93 3.23 -3.70
C ALA A 94 -11.53 3.35 -4.29
N LEU A 95 -10.59 3.84 -3.49
CA LEU A 95 -9.21 4.02 -3.93
C LEU A 95 -8.51 2.66 -4.07
N VAL A 96 -8.91 1.72 -3.23
CA VAL A 96 -8.32 0.38 -3.26
C VAL A 96 -8.73 -0.38 -4.53
N SER A 97 -9.99 -0.25 -4.89
CA SER A 97 -10.51 -0.92 -6.08
C SER A 97 -9.98 -0.26 -7.35
N GLN A 98 -9.90 1.06 -7.33
CA GLN A 98 -9.41 1.81 -8.49
C GLN A 98 -7.90 1.64 -8.65
N HIS A 99 -7.21 1.45 -7.52
CA HIS A 99 -5.76 1.28 -7.52
C HIS A 99 -5.38 -0.08 -8.11
N SER A 100 -6.38 -0.94 -8.29
CA SER A 100 -6.15 -2.27 -8.83
C SER A 100 -6.42 -2.31 -10.33
N ILE A 101 -6.73 -1.15 -10.90
CA ILE A 101 -7.01 -1.04 -12.33
C ILE A 101 -6.27 0.13 -12.95
N SER A 102 -6.17 1.23 -12.20
CA SER A 102 -5.48 2.42 -12.67
C SER A 102 -4.73 3.11 -11.54
N PRO A 103 -3.59 2.53 -11.15
CA PRO A 103 -2.75 3.08 -10.06
C PRO A 103 -2.08 4.39 -10.45
N ILE A 104 -2.17 5.38 -9.58
CA ILE A 104 -1.56 6.68 -9.83
C ILE A 104 -0.16 6.76 -9.24
N SER A 105 -0.08 6.82 -7.91
CA SER A 105 1.20 6.90 -7.22
C SER A 105 1.68 5.51 -6.80
N LEU A 106 1.40 4.51 -7.63
CA LEU A 106 1.79 3.14 -7.34
C LEU A 106 2.56 2.53 -8.51
N PRO A 107 3.31 1.46 -8.24
CA PRO A 107 4.10 0.76 -9.25
C PRO A 107 3.22 0.01 -10.25
N CYS A 108 2.17 -0.63 -9.74
CA CYS A 108 1.26 -1.39 -10.57
C CYS A 108 -0.04 -1.67 -9.84
N CYS A 109 -1.04 -2.14 -10.58
CA CYS A 109 -2.34 -2.45 -10.00
C CYS A 109 -2.21 -3.32 -8.76
N LEU A 110 -2.82 -2.89 -7.67
CA LEU A 110 -2.77 -3.63 -6.41
C LEU A 110 -3.70 -4.83 -6.44
N ARG A 111 -3.19 -5.99 -6.01
CA ARG A 111 -3.98 -7.21 -5.99
C ARG A 111 -4.99 -7.18 -4.85
N ILE A 112 -6.25 -7.46 -5.16
CA ILE A 112 -7.31 -7.47 -4.17
C ILE A 112 -7.90 -8.86 -4.00
N PRO A 113 -7.13 -9.77 -3.37
CA PRO A 113 -7.56 -11.15 -3.13
C PRO A 113 -8.68 -11.24 -2.10
N SER A 114 -9.74 -11.97 -2.45
CA SER A 114 -10.87 -12.12 -1.54
C SER A 114 -11.54 -13.47 -1.77
N LYS A 115 -10.74 -14.49 -2.08
CA LYS A 115 -11.25 -15.83 -2.31
C LYS A 115 -10.32 -16.87 -1.70
N MET A 1 -7.18 -19.05 1.73
CA MET A 1 -7.73 -18.34 2.87
C MET A 1 -7.13 -16.93 2.99
N ASP A 2 -7.33 -16.13 1.95
CA ASP A 2 -6.80 -14.77 1.93
C ASP A 2 -7.93 -13.76 1.73
N THR A 3 -8.42 -13.19 2.81
CA THR A 3 -9.50 -12.21 2.76
C THR A 3 -9.06 -10.87 3.30
N SER A 4 -9.87 -9.84 3.09
CA SER A 4 -9.56 -8.50 3.56
C SER A 4 -9.35 -8.49 5.07
N LYS A 5 -10.03 -9.40 5.76
CA LYS A 5 -9.91 -9.50 7.21
C LYS A 5 -8.51 -9.93 7.62
N PHE A 6 -7.82 -10.64 6.73
CA PHE A 6 -6.47 -11.11 7.01
C PHE A 6 -5.44 -10.06 6.57
N TRP A 7 -5.81 -9.24 5.60
CA TRP A 7 -4.92 -8.20 5.09
C TRP A 7 -5.18 -6.87 5.80
N TYR A 8 -6.20 -6.85 6.65
CA TYR A 8 -6.55 -5.64 7.38
C TYR A 8 -6.29 -5.81 8.88
N LYS A 9 -5.29 -5.11 9.39
CA LYS A 9 -4.93 -5.19 10.80
C LYS A 9 -4.56 -3.81 11.34
N PRO A 10 -5.42 -3.26 12.21
CA PRO A 10 -5.19 -1.94 12.81
C PRO A 10 -4.04 -1.96 13.82
N HIS A 11 -3.90 -3.05 14.54
CA HIS A 11 -2.84 -3.19 15.53
C HIS A 11 -1.50 -3.46 14.85
N LEU A 12 -1.55 -4.02 13.65
CA LEU A 12 -0.35 -4.33 12.89
C LEU A 12 0.52 -3.09 12.71
N SER A 13 1.81 -3.22 13.00
CA SER A 13 2.73 -2.10 12.86
C SER A 13 3.35 -2.07 11.46
N ARG A 14 3.98 -0.95 11.13
CA ARG A 14 4.62 -0.80 9.82
C ARG A 14 5.59 -1.93 9.55
N ASP A 15 6.48 -2.19 10.50
CA ASP A 15 7.46 -3.26 10.37
C ASP A 15 6.78 -4.59 10.03
N GLN A 16 5.68 -4.87 10.72
CA GLN A 16 4.95 -6.10 10.50
C GLN A 16 4.42 -6.18 9.08
N ALA A 17 3.95 -5.05 8.56
CA ALA A 17 3.41 -4.98 7.21
C ALA A 17 4.49 -5.28 6.17
N ILE A 18 5.68 -4.73 6.40
CA ILE A 18 6.79 -4.94 5.49
C ILE A 18 7.23 -6.41 5.46
N ALA A 19 7.27 -7.02 6.65
CA ALA A 19 7.65 -8.42 6.76
C ALA A 19 6.62 -9.34 6.12
N LEU A 20 5.35 -8.96 6.24
CA LEU A 20 4.26 -9.74 5.67
C LEU A 20 4.23 -9.61 4.15
N LEU A 21 4.65 -8.46 3.65
CA LEU A 21 4.68 -8.20 2.22
C LEU A 21 5.87 -8.90 1.56
N LYS A 22 7.01 -8.89 2.24
CA LYS A 22 8.22 -9.51 1.73
C LYS A 22 8.14 -11.03 1.87
N ASP A 23 7.15 -11.50 2.62
CA ASP A 23 6.96 -12.93 2.83
C ASP A 23 5.71 -13.42 2.12
N LYS A 24 5.06 -12.53 1.38
CA LYS A 24 3.85 -12.87 0.64
C LYS A 24 4.05 -12.65 -0.86
N ASP A 25 3.13 -13.20 -1.65
CA ASP A 25 3.21 -13.06 -3.10
C ASP A 25 3.22 -11.59 -3.51
N PRO A 26 3.75 -11.32 -4.71
CA PRO A 26 3.83 -9.94 -5.24
C PRO A 26 2.45 -9.38 -5.60
N GLY A 27 2.31 -8.06 -5.46
CA GLY A 27 1.05 -7.42 -5.77
C GLY A 27 0.12 -7.35 -4.58
N ALA A 28 0.43 -8.13 -3.54
CA ALA A 28 -0.38 -8.15 -2.34
C ALA A 28 -0.23 -6.84 -1.55
N PHE A 29 -1.29 -6.46 -0.85
CA PHE A 29 -1.27 -5.24 -0.05
C PHE A 29 -1.87 -5.48 1.33
N LEU A 30 -1.69 -4.51 2.22
CA LEU A 30 -2.20 -4.62 3.58
C LEU A 30 -2.49 -3.23 4.16
N ILE A 31 -3.55 -3.13 4.96
CA ILE A 31 -3.92 -1.87 5.58
C ILE A 31 -3.75 -1.94 7.10
N ARG A 32 -3.27 -0.85 7.69
CA ARG A 32 -3.06 -0.77 9.12
C ARG A 32 -3.40 0.62 9.66
N ASP A 33 -3.57 0.71 10.97
CA ASP A 33 -3.90 1.98 11.61
C ASP A 33 -2.74 2.96 11.52
N SER A 34 -2.97 4.09 10.87
CA SER A 34 -1.93 5.11 10.72
C SER A 34 -1.95 6.08 11.89
N HIS A 35 -1.17 5.77 12.92
CA HIS A 35 -1.10 6.62 14.11
C HIS A 35 -0.38 7.92 13.79
N SER A 36 0.26 7.98 12.63
CA SER A 36 0.98 9.17 12.20
C SER A 36 0.10 10.41 12.30
N PHE A 37 -1.08 10.35 11.68
CA PHE A 37 -2.01 11.46 11.69
C PHE A 37 -3.44 10.97 11.86
N GLN A 38 -4.32 11.84 12.34
CA GLN A 38 -5.71 11.49 12.55
C GLN A 38 -6.42 11.27 11.21
N GLY A 39 -7.36 10.33 11.19
CA GLY A 39 -8.09 10.03 9.97
C GLY A 39 -7.18 9.61 8.84
N ALA A 40 -6.14 8.85 9.16
CA ALA A 40 -5.19 8.38 8.16
C ALA A 40 -5.00 6.87 8.25
N TYR A 41 -4.83 6.23 7.10
CA TYR A 41 -4.64 4.78 7.05
C TYR A 41 -3.35 4.43 6.31
N GLY A 42 -2.59 3.51 6.88
CA GLY A 42 -1.34 3.09 6.26
C GLY A 42 -1.53 1.96 5.27
N LEU A 43 -1.22 2.22 4.00
CA LEU A 43 -1.36 1.21 2.96
C LEU A 43 0.00 0.75 2.46
N ALA A 44 0.22 -0.56 2.48
CA ALA A 44 1.48 -1.14 2.03
C ALA A 44 1.27 -2.10 0.86
N LEU A 45 2.17 -2.05 -0.11
CA LEU A 45 2.07 -2.91 -1.29
C LEU A 45 3.43 -3.52 -1.62
N LYS A 46 3.42 -4.79 -2.05
CA LYS A 46 4.64 -5.49 -2.40
C LYS A 46 4.85 -5.49 -3.91
N VAL A 47 6.08 -5.20 -4.34
CA VAL A 47 6.41 -5.17 -5.76
C VAL A 47 6.94 -6.52 -6.23
N ALA A 48 6.84 -6.77 -7.53
CA ALA A 48 7.32 -8.02 -8.11
C ALA A 48 8.83 -8.17 -7.94
N THR A 49 9.58 -7.21 -8.47
CA THR A 49 11.03 -7.23 -8.39
C THR A 49 11.63 -6.00 -9.04
N PRO A 50 12.78 -5.54 -8.50
CA PRO A 50 13.48 -4.37 -9.01
C PRO A 50 14.13 -4.62 -10.37
N PRO A 51 14.56 -3.55 -11.03
CA PRO A 51 15.21 -3.63 -12.35
C PRO A 51 16.59 -4.28 -12.28
N PRO A 52 17.13 -4.63 -13.45
CA PRO A 52 18.46 -5.25 -13.55
C PRO A 52 19.58 -4.30 -13.19
N SER A 53 19.30 -3.00 -13.26
CA SER A 53 20.29 -1.98 -12.95
C SER A 53 19.94 -1.24 -11.67
N ALA A 54 19.23 -1.93 -10.77
CA ALA A 54 18.82 -1.35 -9.50
C ALA A 54 20.03 -1.03 -8.63
N GLN A 55 21.11 -1.79 -8.83
CA GLN A 55 22.34 -1.59 -8.06
C GLN A 55 22.06 -1.73 -6.56
N PRO A 56 21.76 -2.96 -6.12
CA PRO A 56 21.47 -3.24 -4.72
C PRO A 56 22.71 -3.14 -3.84
N TRP A 57 22.50 -2.91 -2.55
CA TRP A 57 23.61 -2.79 -1.60
C TRP A 57 24.13 -4.17 -1.20
N LYS A 58 25.31 -4.18 -0.58
CA LYS A 58 25.92 -5.43 -0.14
C LYS A 58 24.98 -6.21 0.77
N GLY A 59 24.09 -5.48 1.45
CA GLY A 59 23.15 -6.13 2.34
C GLY A 59 21.94 -6.67 1.62
N ASP A 60 20.79 -6.69 2.31
CA ASP A 60 19.56 -7.19 1.72
C ASP A 60 18.41 -6.21 1.97
N PRO A 61 18.43 -5.09 1.24
CA PRO A 61 17.39 -4.06 1.37
C PRO A 61 16.04 -4.51 0.80
N VAL A 62 15.30 -5.26 1.61
CA VAL A 62 13.99 -5.76 1.19
C VAL A 62 12.95 -4.65 1.22
N GLU A 63 13.15 -3.68 2.11
CA GLU A 63 12.22 -2.55 2.24
C GLU A 63 12.03 -1.84 0.90
N GLN A 64 13.04 -1.94 0.04
CA GLN A 64 12.99 -1.31 -1.27
C GLN A 64 11.95 -1.97 -2.16
N LEU A 65 11.66 -3.24 -1.88
CA LEU A 65 10.68 -3.99 -2.65
C LEU A 65 9.27 -3.80 -2.07
N VAL A 66 9.17 -2.92 -1.08
CA VAL A 66 7.87 -2.65 -0.45
C VAL A 66 7.61 -1.15 -0.38
N ARG A 67 6.45 -0.74 -0.89
CA ARG A 67 6.07 0.67 -0.89
C ARG A 67 4.88 0.92 0.04
N HIS A 68 5.11 1.70 1.09
CA HIS A 68 4.04 2.00 2.05
C HIS A 68 3.82 3.52 2.14
N PHE A 69 2.57 3.93 1.93
CA PHE A 69 2.22 5.34 1.99
C PHE A 69 0.99 5.57 2.86
N LEU A 70 0.87 6.78 3.40
CA LEU A 70 -0.26 7.12 4.26
C LEU A 70 -1.33 7.87 3.48
N ILE A 71 -2.56 7.36 3.52
CA ILE A 71 -3.67 7.98 2.82
C ILE A 71 -4.59 8.71 3.80
N GLU A 72 -5.00 9.91 3.41
CA GLU A 72 -5.89 10.72 4.26
C GLU A 72 -7.26 10.85 3.61
N THR A 73 -8.30 10.63 4.42
CA THR A 73 -9.67 10.71 3.93
C THR A 73 -10.46 11.76 4.71
N GLY A 74 -10.99 12.75 4.00
CA GLY A 74 -11.76 13.80 4.64
C GLY A 74 -13.05 14.11 3.90
N PRO A 75 -13.68 15.24 4.24
CA PRO A 75 -14.94 15.67 3.62
C PRO A 75 -14.74 16.10 2.17
N LYS A 76 -13.48 16.16 1.74
CA LYS A 76 -13.17 16.56 0.37
C LYS A 76 -12.72 15.35 -0.45
N GLY A 77 -12.71 14.18 0.18
CA GLY A 77 -12.29 12.97 -0.51
C GLY A 77 -11.08 12.33 0.12
N VAL A 78 -10.63 11.21 -0.45
CA VAL A 78 -9.47 10.50 0.07
C VAL A 78 -8.34 10.49 -0.96
N LYS A 79 -7.15 10.88 -0.52
CA LYS A 79 -5.99 10.90 -1.40
C LYS A 79 -4.78 10.28 -0.71
N ILE A 80 -3.89 9.69 -1.51
CA ILE A 80 -2.69 9.06 -0.98
C ILE A 80 -1.52 10.04 -0.93
N LYS A 81 -1.02 10.29 0.28
CA LYS A 81 0.09 11.21 0.47
C LYS A 81 1.40 10.57 0.01
N GLY A 82 1.94 11.06 -1.10
CA GLY A 82 3.19 10.54 -1.63
C GLY A 82 3.45 10.95 -3.06
N CYS A 83 2.37 11.24 -3.79
CA CYS A 83 2.49 11.65 -5.18
C CYS A 83 1.53 12.80 -5.49
N PRO A 84 1.86 13.59 -6.53
CA PRO A 84 1.06 14.74 -6.94
C PRO A 84 -0.27 14.31 -7.56
N SER A 85 -0.43 13.01 -7.77
CA SER A 85 -1.65 12.48 -8.36
C SER A 85 -2.88 12.89 -7.54
N GLU A 86 -2.98 12.35 -6.34
CA GLU A 86 -4.11 12.67 -5.46
C GLU A 86 -5.40 12.81 -6.25
N PRO A 87 -5.87 11.69 -6.82
CA PRO A 87 -7.11 11.67 -7.61
C PRO A 87 -8.35 11.88 -6.77
N TYR A 88 -8.15 12.17 -5.49
CA TYR A 88 -9.25 12.39 -4.56
C TYR A 88 -10.41 11.45 -4.86
N PHE A 89 -10.30 10.22 -4.39
CA PHE A 89 -11.33 9.21 -4.60
C PHE A 89 -12.41 9.30 -3.53
N GLY A 90 -13.37 8.38 -3.58
CA GLY A 90 -14.45 8.37 -2.60
C GLY A 90 -13.98 7.94 -1.22
N SER A 91 -13.60 6.68 -1.10
CA SER A 91 -13.14 6.14 0.16
C SER A 91 -11.95 5.20 -0.03
N LEU A 92 -11.37 4.73 1.07
CA LEU A 92 -10.23 3.83 1.00
C LEU A 92 -10.53 2.62 0.11
N SER A 93 -11.77 2.15 0.17
CA SER A 93 -12.19 0.99 -0.62
C SER A 93 -12.26 1.37 -2.10
N ALA A 94 -12.65 2.59 -2.38
CA ALA A 94 -12.76 3.07 -3.76
C ALA A 94 -11.38 3.15 -4.42
N LEU A 95 -10.41 3.71 -3.70
CA LEU A 95 -9.06 3.85 -4.22
C LEU A 95 -8.35 2.50 -4.26
N VAL A 96 -8.71 1.62 -3.33
CA VAL A 96 -8.11 0.30 -3.26
C VAL A 96 -8.56 -0.57 -4.43
N SER A 97 -9.85 -0.49 -4.76
CA SER A 97 -10.41 -1.27 -5.85
C SER A 97 -9.94 -0.73 -7.19
N GLN A 98 -9.88 0.60 -7.31
CA GLN A 98 -9.44 1.24 -8.55
C GLN A 98 -7.96 0.99 -8.79
N HIS A 99 -7.20 0.85 -7.72
CA HIS A 99 -5.76 0.61 -7.82
C HIS A 99 -5.48 -0.67 -8.59
N SER A 100 -6.48 -1.55 -8.66
CA SER A 100 -6.33 -2.81 -9.37
C SER A 100 -6.77 -2.67 -10.82
N ILE A 101 -7.01 -1.44 -11.24
CA ILE A 101 -7.44 -1.17 -12.61
C ILE A 101 -6.62 -0.03 -13.23
N SER A 102 -6.31 0.97 -12.42
CA SER A 102 -5.53 2.11 -12.89
C SER A 102 -4.54 2.56 -11.82
N PRO A 103 -3.42 1.83 -11.70
CA PRO A 103 -2.37 2.13 -10.72
C PRO A 103 -1.61 3.41 -11.07
N ILE A 104 -1.42 4.27 -10.08
CA ILE A 104 -0.71 5.52 -10.28
C ILE A 104 0.71 5.44 -9.73
N SER A 105 0.82 5.44 -8.40
CA SER A 105 2.12 5.37 -7.74
C SER A 105 2.49 3.93 -7.42
N LEU A 106 2.19 3.03 -8.35
CA LEU A 106 2.48 1.60 -8.16
C LEU A 106 3.04 1.00 -9.44
N PRO A 107 3.83 -0.07 -9.29
CA PRO A 107 4.43 -0.78 -10.43
C PRO A 107 3.40 -1.54 -11.26
N CYS A 108 2.36 -2.03 -10.59
CA CYS A 108 1.30 -2.78 -11.28
C CYS A 108 -0.03 -2.61 -10.54
N CYS A 109 -1.07 -3.21 -11.11
CA CYS A 109 -2.40 -3.13 -10.51
C CYS A 109 -2.46 -3.91 -9.19
N LEU A 110 -2.94 -3.24 -8.15
CA LEU A 110 -3.05 -3.86 -6.83
C LEU A 110 -3.82 -5.18 -6.91
N ARG A 111 -3.30 -6.20 -6.22
CA ARG A 111 -3.95 -7.51 -6.21
C ARG A 111 -5.03 -7.57 -5.14
N ILE A 112 -6.25 -7.90 -5.57
CA ILE A 112 -7.37 -8.00 -4.64
C ILE A 112 -7.58 -9.44 -4.17
N PRO A 113 -7.74 -9.60 -2.86
CA PRO A 113 -7.95 -10.93 -2.25
C PRO A 113 -9.30 -11.52 -2.60
N SER A 114 -9.43 -12.84 -2.44
CA SER A 114 -10.67 -13.53 -2.75
C SER A 114 -10.76 -14.85 -1.98
N LYS A 115 -10.72 -14.76 -0.66
CA LYS A 115 -10.79 -15.94 0.20
C LYS A 115 -9.77 -16.98 -0.23
N MET A 1 -12.27 -18.42 3.94
CA MET A 1 -12.59 -17.41 4.95
C MET A 1 -13.06 -16.11 4.29
N ASP A 2 -12.24 -15.58 3.40
CA ASP A 2 -12.57 -14.34 2.69
C ASP A 2 -12.95 -13.24 3.69
N THR A 3 -12.03 -12.94 4.59
CA THR A 3 -12.26 -11.90 5.60
C THR A 3 -11.25 -10.78 5.48
N SER A 4 -11.73 -9.54 5.56
CA SER A 4 -10.86 -8.37 5.45
C SER A 4 -9.85 -8.34 6.59
N LYS A 5 -10.24 -8.90 7.74
CA LYS A 5 -9.36 -8.94 8.90
C LYS A 5 -8.08 -9.70 8.60
N PHE A 6 -8.13 -10.53 7.55
CA PHE A 6 -6.97 -11.32 7.15
C PHE A 6 -5.83 -10.43 6.69
N TRP A 7 -6.18 -9.34 6.02
CA TRP A 7 -5.19 -8.40 5.52
C TRP A 7 -5.35 -7.03 6.18
N TYR A 8 -6.37 -6.90 7.01
CA TYR A 8 -6.64 -5.65 7.71
C TYR A 8 -6.38 -5.79 9.20
N LYS A 9 -5.32 -5.14 9.67
CA LYS A 9 -4.96 -5.20 11.08
C LYS A 9 -4.46 -3.83 11.56
N PRO A 10 -5.27 -3.18 12.41
CA PRO A 10 -4.93 -1.86 12.97
C PRO A 10 -3.77 -1.93 13.95
N HIS A 11 -3.71 -3.01 14.73
CA HIS A 11 -2.65 -3.20 15.71
C HIS A 11 -1.33 -3.51 15.02
N LEU A 12 -1.40 -3.99 13.79
CA LEU A 12 -0.21 -4.33 13.02
C LEU A 12 0.66 -3.10 12.78
N SER A 13 1.95 -3.23 13.06
CA SER A 13 2.89 -2.12 12.86
C SER A 13 3.40 -2.08 11.43
N ARG A 14 3.91 -0.93 11.02
CA ARG A 14 4.43 -0.76 9.67
C ARG A 14 5.49 -1.82 9.36
N ASP A 15 6.42 -2.00 10.28
CA ASP A 15 7.49 -2.97 10.11
C ASP A 15 6.91 -4.37 9.88
N GLN A 16 5.88 -4.71 10.64
CA GLN A 16 5.24 -6.01 10.52
C GLN A 16 4.63 -6.19 9.13
N ALA A 17 3.99 -5.13 8.64
CA ALA A 17 3.36 -5.17 7.32
C ALA A 17 4.39 -5.37 6.22
N ILE A 18 5.53 -4.70 6.35
CA ILE A 18 6.61 -4.81 5.37
C ILE A 18 7.19 -6.21 5.35
N ALA A 19 7.37 -6.79 6.53
CA ALA A 19 7.92 -8.15 6.64
C ALA A 19 6.95 -9.18 6.08
N LEU A 20 5.66 -8.95 6.28
CA LEU A 20 4.64 -9.86 5.80
C LEU A 20 4.49 -9.76 4.29
N LEU A 21 4.75 -8.58 3.74
CA LEU A 21 4.64 -8.36 2.30
C LEU A 21 5.85 -8.93 1.58
N LYS A 22 7.03 -8.76 2.17
CA LYS A 22 8.26 -9.29 1.58
C LYS A 22 8.33 -10.80 1.71
N ASP A 23 7.42 -11.36 2.50
CA ASP A 23 7.39 -12.81 2.71
C ASP A 23 6.16 -13.42 2.03
N LYS A 24 5.41 -12.59 1.32
CA LYS A 24 4.21 -13.05 0.62
C LYS A 24 4.34 -12.83 -0.89
N ASP A 25 3.41 -13.39 -1.64
CA ASP A 25 3.42 -13.26 -3.09
C ASP A 25 3.34 -11.79 -3.49
N PRO A 26 3.78 -11.49 -4.72
CA PRO A 26 3.78 -10.12 -5.25
C PRO A 26 2.37 -9.63 -5.55
N GLY A 27 2.17 -8.31 -5.41
CA GLY A 27 0.86 -7.73 -5.66
C GLY A 27 0.00 -7.68 -4.41
N ALA A 28 0.39 -8.43 -3.39
CA ALA A 28 -0.35 -8.47 -2.14
C ALA A 28 -0.19 -7.15 -1.37
N PHE A 29 -1.22 -6.79 -0.62
CA PHE A 29 -1.19 -5.55 0.17
C PHE A 29 -1.77 -5.78 1.56
N LEU A 30 -1.60 -4.79 2.43
CA LEU A 30 -2.09 -4.88 3.80
C LEU A 30 -2.42 -3.50 4.35
N ILE A 31 -3.43 -3.43 5.21
CA ILE A 31 -3.85 -2.17 5.81
C ILE A 31 -3.58 -2.17 7.31
N ARG A 32 -3.10 -1.04 7.81
CA ARG A 32 -2.79 -0.90 9.23
C ARG A 32 -3.23 0.48 9.75
N ASP A 33 -3.31 0.60 11.07
CA ASP A 33 -3.72 1.86 11.68
C ASP A 33 -2.63 2.92 11.51
N SER A 34 -2.99 4.02 10.85
CA SER A 34 -2.05 5.10 10.60
C SER A 34 -2.14 6.15 11.71
N HIS A 35 -1.36 5.92 12.77
CA HIS A 35 -1.34 6.84 13.91
C HIS A 35 -0.57 8.11 13.57
N SER A 36 0.13 8.08 12.44
CA SER A 36 0.92 9.23 11.99
C SER A 36 0.04 10.48 11.90
N PHE A 37 -1.12 10.34 11.26
CA PHE A 37 -2.04 11.45 11.11
C PHE A 37 -3.47 11.02 11.42
N GLN A 38 -4.29 11.98 11.85
CA GLN A 38 -5.68 11.70 12.19
C GLN A 38 -6.47 11.31 10.95
N GLY A 39 -7.35 10.31 11.10
CA GLY A 39 -8.16 9.87 9.98
C GLY A 39 -7.32 9.41 8.81
N ALA A 40 -6.28 8.63 9.09
CA ALA A 40 -5.41 8.12 8.04
C ALA A 40 -5.24 6.61 8.14
N TYR A 41 -4.93 5.97 7.02
CA TYR A 41 -4.74 4.53 6.98
C TYR A 41 -3.46 4.16 6.25
N GLY A 42 -2.68 3.27 6.86
CA GLY A 42 -1.43 2.85 6.26
C GLY A 42 -1.62 1.72 5.24
N LEU A 43 -1.31 2.01 3.99
CA LEU A 43 -1.45 1.02 2.92
C LEU A 43 -0.09 0.54 2.43
N ALA A 44 0.15 -0.76 2.52
CA ALA A 44 1.41 -1.34 2.07
C ALA A 44 1.19 -2.32 0.92
N LEU A 45 2.08 -2.25 -0.07
CA LEU A 45 1.98 -3.13 -1.24
C LEU A 45 3.35 -3.70 -1.60
N LYS A 46 3.36 -4.96 -2.03
CA LYS A 46 4.60 -5.62 -2.41
C LYS A 46 4.75 -5.67 -3.93
N VAL A 47 5.95 -5.34 -4.42
CA VAL A 47 6.22 -5.35 -5.84
C VAL A 47 7.33 -6.33 -6.18
N ALA A 48 7.41 -6.70 -7.46
CA ALA A 48 8.44 -7.64 -7.92
C ALA A 48 9.37 -6.98 -8.93
N THR A 49 8.95 -5.83 -9.45
CA THR A 49 9.75 -5.10 -10.43
C THR A 49 10.35 -3.84 -9.81
N PRO A 50 11.57 -3.97 -9.26
CA PRO A 50 12.26 -2.84 -8.63
C PRO A 50 12.73 -1.81 -9.65
N PRO A 51 13.15 -0.63 -9.16
CA PRO A 51 13.63 0.46 -10.01
C PRO A 51 14.97 0.14 -10.66
N PRO A 52 15.35 0.97 -11.65
CA PRO A 52 16.62 0.80 -12.38
C PRO A 52 17.83 1.10 -11.51
N SER A 53 17.69 2.11 -10.64
CA SER A 53 18.79 2.51 -9.75
C SER A 53 18.27 2.79 -8.35
N ALA A 54 17.57 3.92 -8.20
CA ALA A 54 17.02 4.31 -6.90
C ALA A 54 18.11 4.80 -5.97
N GLN A 55 19.06 3.93 -5.67
CA GLN A 55 20.16 4.28 -4.77
C GLN A 55 21.10 3.10 -4.58
N PRO A 56 20.57 2.00 -4.03
CA PRO A 56 21.34 0.78 -3.78
C PRO A 56 21.73 0.06 -5.06
N TRP A 57 22.96 -0.44 -5.10
CA TRP A 57 23.45 -1.15 -6.28
C TRP A 57 23.73 -2.61 -5.96
N LYS A 58 24.11 -3.38 -6.97
CA LYS A 58 24.41 -4.80 -6.80
C LYS A 58 23.25 -5.52 -6.13
N GLY A 59 22.08 -5.46 -6.76
CA GLY A 59 20.91 -6.11 -6.22
C GLY A 59 20.41 -5.45 -4.94
N ASP A 60 19.45 -6.08 -4.28
CA ASP A 60 18.89 -5.54 -3.05
C ASP A 60 17.88 -6.51 -2.44
N PRO A 61 17.61 -6.35 -1.14
CA PRO A 61 16.65 -7.20 -0.42
C PRO A 61 15.21 -6.95 -0.85
N VAL A 62 14.30 -7.79 -0.37
CA VAL A 62 12.89 -7.67 -0.71
C VAL A 62 12.24 -6.52 0.07
N GLU A 63 12.84 -6.18 1.21
CA GLU A 63 12.32 -5.11 2.05
C GLU A 63 12.27 -3.80 1.27
N GLN A 64 13.11 -3.69 0.25
CA GLN A 64 13.18 -2.48 -0.57
C GLN A 64 12.10 -2.50 -1.65
N LEU A 65 11.51 -3.68 -1.87
CA LEU A 65 10.46 -3.84 -2.87
C LEU A 65 9.09 -3.62 -2.26
N VAL A 66 9.05 -3.05 -1.06
CA VAL A 66 7.80 -2.79 -0.37
C VAL A 66 7.51 -1.29 -0.31
N ARG A 67 6.36 -0.89 -0.85
CA ARG A 67 5.97 0.51 -0.87
C ARG A 67 4.79 0.76 0.07
N HIS A 68 5.02 1.56 1.10
CA HIS A 68 3.98 1.87 2.08
C HIS A 68 3.72 3.37 2.13
N PHE A 69 2.46 3.75 1.94
CA PHE A 69 2.07 5.15 1.95
C PHE A 69 0.86 5.37 2.86
N LEU A 70 0.74 6.57 3.41
CA LEU A 70 -0.37 6.92 4.29
C LEU A 70 -1.46 7.66 3.53
N ILE A 71 -2.67 7.13 3.59
CA ILE A 71 -3.80 7.76 2.91
C ILE A 71 -4.65 8.59 3.88
N GLU A 72 -5.02 9.79 3.45
CA GLU A 72 -5.83 10.67 4.28
C GLU A 72 -7.21 10.88 3.67
N THR A 73 -8.24 10.87 4.52
CA THR A 73 -9.60 11.05 4.06
C THR A 73 -10.22 12.31 4.67
N GLY A 74 -10.67 13.22 3.81
CA GLY A 74 -11.27 14.46 4.28
C GLY A 74 -12.59 14.75 3.60
N PRO A 75 -13.09 15.98 3.78
CA PRO A 75 -14.37 16.41 3.19
C PRO A 75 -14.28 16.56 1.68
N LYS A 76 -13.08 16.43 1.14
CA LYS A 76 -12.86 16.55 -0.30
C LYS A 76 -12.53 15.20 -0.92
N GLY A 77 -12.55 14.16 -0.09
CA GLY A 77 -12.26 12.82 -0.57
C GLY A 77 -11.03 12.23 0.08
N VAL A 78 -10.71 10.99 -0.27
CA VAL A 78 -9.56 10.30 0.28
C VAL A 78 -8.49 10.08 -0.78
N LYS A 79 -7.26 10.48 -0.47
CA LYS A 79 -6.14 10.34 -1.40
C LYS A 79 -4.89 9.86 -0.67
N ILE A 80 -3.97 9.26 -1.42
CA ILE A 80 -2.72 8.76 -0.83
C ILE A 80 -1.66 9.85 -0.81
N LYS A 81 -1.20 10.19 0.39
CA LYS A 81 -0.17 11.22 0.56
C LYS A 81 1.19 10.69 0.14
N GLY A 82 1.56 10.94 -1.11
CA GLY A 82 2.85 10.48 -1.61
C GLY A 82 3.21 11.12 -2.95
N CYS A 83 2.22 11.32 -3.80
CA CYS A 83 2.43 11.92 -5.10
C CYS A 83 1.56 13.15 -5.29
N PRO A 84 1.94 14.02 -6.25
CA PRO A 84 1.21 15.24 -6.55
C PRO A 84 -0.14 14.97 -7.19
N SER A 85 -0.38 13.72 -7.58
CA SER A 85 -1.62 13.33 -8.21
C SER A 85 -2.82 13.79 -7.38
N GLU A 86 -3.02 13.11 -6.25
CA GLU A 86 -4.13 13.45 -5.36
C GLU A 86 -5.45 13.48 -6.12
N PRO A 87 -5.90 12.30 -6.58
CA PRO A 87 -7.15 12.16 -7.34
C PRO A 87 -8.37 12.40 -6.47
N TYR A 88 -8.25 12.11 -5.18
CA TYR A 88 -9.35 12.28 -4.24
C TYR A 88 -10.53 11.38 -4.60
N PHE A 89 -10.47 10.14 -4.15
CA PHE A 89 -11.53 9.18 -4.43
C PHE A 89 -12.61 9.22 -3.35
N GLY A 90 -13.57 8.32 -3.45
CA GLY A 90 -14.64 8.27 -2.47
C GLY A 90 -14.18 7.81 -1.10
N SER A 91 -13.83 6.52 -1.01
CA SER A 91 -13.36 5.95 0.25
C SER A 91 -12.20 4.99 0.01
N LEU A 92 -11.69 4.42 1.09
CA LEU A 92 -10.56 3.49 1.00
C LEU A 92 -10.84 2.39 -0.03
N SER A 93 -12.10 1.97 -0.11
CA SER A 93 -12.50 0.92 -1.05
C SER A 93 -12.43 1.44 -2.48
N ALA A 94 -12.76 2.72 -2.67
CA ALA A 94 -12.74 3.33 -3.99
C ALA A 94 -11.31 3.43 -4.52
N LEU A 95 -10.40 3.87 -3.68
CA LEU A 95 -9.00 4.02 -4.08
C LEU A 95 -8.33 2.65 -4.20
N VAL A 96 -8.79 1.69 -3.40
CA VAL A 96 -8.24 0.34 -3.44
C VAL A 96 -8.63 -0.38 -4.72
N SER A 97 -9.88 -0.22 -5.14
CA SER A 97 -10.38 -0.86 -6.35
C SER A 97 -9.78 -0.20 -7.59
N GLN A 98 -9.67 1.13 -7.54
CA GLN A 98 -9.12 1.89 -8.67
C GLN A 98 -7.63 1.61 -8.84
N HIS A 99 -6.96 1.31 -7.73
CA HIS A 99 -5.53 1.02 -7.75
C HIS A 99 -5.25 -0.30 -8.46
N SER A 100 -6.32 -1.06 -8.73
CA SER A 100 -6.18 -2.35 -9.39
C SER A 100 -6.36 -2.20 -10.90
N ILE A 101 -6.58 -0.97 -11.35
CA ILE A 101 -6.77 -0.69 -12.76
C ILE A 101 -5.91 0.49 -13.22
N SER A 102 -5.80 1.50 -12.35
CA SER A 102 -5.01 2.67 -12.67
C SER A 102 -4.17 3.10 -11.46
N PRO A 103 -3.09 2.36 -11.22
CA PRO A 103 -2.17 2.64 -10.09
C PRO A 103 -1.38 3.93 -10.30
N ILE A 104 -1.36 4.77 -9.27
CA ILE A 104 -0.63 6.03 -9.33
C ILE A 104 0.61 6.00 -8.45
N SER A 105 0.40 6.05 -7.15
CA SER A 105 1.51 6.02 -6.19
C SER A 105 2.29 4.72 -6.29
N LEU A 106 1.62 3.68 -6.78
CA LEU A 106 2.26 2.37 -6.93
C LEU A 106 2.72 2.16 -8.37
N PRO A 107 3.73 1.29 -8.55
CA PRO A 107 4.29 0.97 -9.86
C PRO A 107 3.31 0.18 -10.73
N CYS A 108 2.64 -0.79 -10.10
CA CYS A 108 1.68 -1.62 -10.82
C CYS A 108 0.34 -1.65 -10.10
N CYS A 109 -0.62 -2.38 -10.66
CA CYS A 109 -1.94 -2.50 -10.06
C CYS A 109 -1.93 -3.43 -8.85
N LEU A 110 -2.61 -3.02 -7.79
CA LEU A 110 -2.67 -3.81 -6.57
C LEU A 110 -3.58 -5.02 -6.74
N ARG A 111 -3.30 -6.08 -6.00
CA ARG A 111 -4.09 -7.30 -6.08
C ARG A 111 -5.16 -7.33 -4.97
N ILE A 112 -6.42 -7.48 -5.38
CA ILE A 112 -7.52 -7.53 -4.44
C ILE A 112 -8.17 -8.91 -4.40
N PRO A 113 -7.48 -9.88 -3.79
CA PRO A 113 -7.97 -11.25 -3.68
C PRO A 113 -9.16 -11.37 -2.73
N SER A 114 -9.38 -10.33 -1.94
CA SER A 114 -10.48 -10.31 -0.99
C SER A 114 -11.82 -10.55 -1.70
N LYS A 115 -12.30 -9.52 -2.39
CA LYS A 115 -13.55 -9.61 -3.13
C LYS A 115 -13.67 -8.49 -4.15
N MET A 1 -6.72 -17.31 -0.17
CA MET A 1 -7.65 -17.12 0.94
C MET A 1 -7.16 -16.02 1.87
N ASP A 2 -7.47 -14.78 1.54
CA ASP A 2 -7.06 -13.64 2.35
C ASP A 2 -8.04 -12.48 2.19
N THR A 3 -9.14 -12.52 2.94
CA THR A 3 -10.14 -11.47 2.88
C THR A 3 -9.59 -10.14 3.38
N SER A 4 -10.36 -9.08 3.21
CA SER A 4 -9.94 -7.75 3.65
C SER A 4 -9.75 -7.71 5.16
N LYS A 5 -10.48 -8.57 5.86
CA LYS A 5 -10.39 -8.65 7.32
C LYS A 5 -9.03 -9.16 7.75
N PHE A 6 -8.38 -9.95 6.89
CA PHE A 6 -7.08 -10.51 7.17
C PHE A 6 -5.96 -9.56 6.73
N TRP A 7 -6.27 -8.73 5.73
CA TRP A 7 -5.30 -7.78 5.21
C TRP A 7 -5.45 -6.42 5.88
N TYR A 8 -6.47 -6.30 6.73
CA TYR A 8 -6.74 -5.05 7.43
C TYR A 8 -6.52 -5.23 8.93
N LYS A 9 -5.47 -4.60 9.46
CA LYS A 9 -5.15 -4.69 10.88
C LYS A 9 -4.69 -3.34 11.42
N PRO A 10 -5.53 -2.71 12.26
CA PRO A 10 -5.21 -1.42 12.86
C PRO A 10 -4.07 -1.51 13.88
N HIS A 11 -4.03 -2.61 14.62
CA HIS A 11 -3.01 -2.82 15.63
C HIS A 11 -1.68 -3.24 14.98
N LEU A 12 -1.77 -3.80 13.78
CA LEU A 12 -0.59 -4.24 13.05
C LEU A 12 0.46 -3.13 12.98
N SER A 13 1.72 -3.51 13.11
CA SER A 13 2.82 -2.54 13.06
C SER A 13 3.44 -2.50 11.67
N ARG A 14 4.14 -1.41 11.37
CA ARG A 14 4.79 -1.25 10.08
C ARG A 14 5.72 -2.42 9.79
N ASP A 15 6.54 -2.78 10.78
CA ASP A 15 7.48 -3.87 10.64
C ASP A 15 6.76 -5.17 10.27
N GLN A 16 5.63 -5.41 10.93
CA GLN A 16 4.84 -6.61 10.68
C GLN A 16 4.33 -6.64 9.25
N ALA A 17 3.87 -5.48 8.77
CA ALA A 17 3.35 -5.37 7.41
C ALA A 17 4.43 -5.64 6.38
N ILE A 18 5.64 -5.13 6.64
CA ILE A 18 6.76 -5.32 5.73
C ILE A 18 7.17 -6.79 5.66
N ALA A 19 7.19 -7.45 6.82
CA ALA A 19 7.55 -8.86 6.88
C ALA A 19 6.50 -9.73 6.19
N LEU A 20 5.24 -9.35 6.32
CA LEU A 20 4.15 -10.09 5.71
C LEU A 20 4.14 -9.90 4.19
N LEU A 21 4.58 -8.73 3.75
CA LEU A 21 4.63 -8.41 2.33
C LEU A 21 5.80 -9.12 1.65
N LYS A 22 6.93 -9.14 2.33
CA LYS A 22 8.14 -9.78 1.80
C LYS A 22 8.00 -11.30 1.85
N ASP A 23 7.01 -11.78 2.59
CA ASP A 23 6.77 -13.21 2.71
C ASP A 23 5.50 -13.62 1.98
N LYS A 24 4.90 -12.67 1.27
CA LYS A 24 3.67 -12.93 0.52
C LYS A 24 3.89 -12.68 -0.97
N ASP A 25 3.02 -13.26 -1.79
CA ASP A 25 3.11 -13.10 -3.23
C ASP A 25 3.16 -11.63 -3.61
N PRO A 26 3.73 -11.34 -4.80
CA PRO A 26 3.85 -9.97 -5.30
C PRO A 26 2.50 -9.36 -5.67
N GLY A 27 2.33 -8.08 -5.37
CA GLY A 27 1.09 -7.41 -5.69
C GLY A 27 0.16 -7.30 -4.49
N ALA A 28 0.43 -8.10 -3.47
CA ALA A 28 -0.38 -8.10 -2.26
C ALA A 28 -0.13 -6.84 -1.43
N PHE A 29 -1.15 -6.38 -0.72
CA PHE A 29 -1.03 -5.19 0.11
C PHE A 29 -1.87 -5.33 1.38
N LEU A 30 -1.67 -4.40 2.31
CA LEU A 30 -2.39 -4.42 3.58
C LEU A 30 -2.55 -3.02 4.14
N ILE A 31 -3.55 -2.83 4.99
CA ILE A 31 -3.81 -1.53 5.60
C ILE A 31 -3.69 -1.60 7.13
N ARG A 32 -3.10 -0.57 7.71
CA ARG A 32 -2.93 -0.50 9.16
C ARG A 32 -3.17 0.91 9.68
N ASP A 33 -3.35 1.02 10.99
CA ASP A 33 -3.59 2.32 11.61
C ASP A 33 -2.37 3.22 11.48
N SER A 34 -2.55 4.36 10.82
CA SER A 34 -1.46 5.31 10.62
C SER A 34 -1.30 6.21 11.84
N HIS A 35 -0.26 5.94 12.64
CA HIS A 35 0.01 6.72 13.83
C HIS A 35 0.47 8.13 13.46
N SER A 36 0.79 8.33 12.19
CA SER A 36 1.25 9.63 11.72
C SER A 36 0.28 10.73 12.12
N PHE A 37 -0.88 10.75 11.47
CA PHE A 37 -1.90 11.76 11.77
C PHE A 37 -3.30 11.13 11.80
N GLN A 38 -4.22 11.82 12.45
CA GLN A 38 -5.59 11.33 12.57
C GLN A 38 -6.27 11.28 11.20
N GLY A 39 -7.14 10.30 11.00
CA GLY A 39 -7.83 10.18 9.73
C GLY A 39 -6.92 9.73 8.60
N ALA A 40 -5.86 9.01 8.95
CA ALA A 40 -4.91 8.52 7.96
C ALA A 40 -4.68 7.02 8.11
N TYR A 41 -4.54 6.33 6.98
CA TYR A 41 -4.33 4.89 6.98
C TYR A 41 -3.07 4.53 6.21
N GLY A 42 -2.23 3.69 6.81
CA GLY A 42 -1.00 3.28 6.18
C GLY A 42 -1.18 2.07 5.28
N LEU A 43 -0.96 2.25 3.99
CA LEU A 43 -1.10 1.17 3.02
C LEU A 43 0.25 0.70 2.51
N ALA A 44 0.52 -0.59 2.63
CA ALA A 44 1.78 -1.16 2.17
C ALA A 44 1.55 -2.19 1.08
N LEU A 45 2.38 -2.15 0.04
CA LEU A 45 2.27 -3.07 -1.07
C LEU A 45 3.63 -3.66 -1.43
N LYS A 46 3.63 -4.94 -1.83
CA LYS A 46 4.87 -5.62 -2.20
C LYS A 46 5.04 -5.64 -3.72
N VAL A 47 6.26 -5.37 -4.17
CA VAL A 47 6.55 -5.38 -5.60
C VAL A 47 7.28 -6.66 -6.01
N ALA A 48 7.28 -6.93 -7.31
CA ALA A 48 7.93 -8.13 -7.83
C ALA A 48 9.09 -7.76 -8.75
N THR A 49 9.77 -6.67 -8.43
CA THR A 49 10.91 -6.20 -9.23
C THR A 49 11.60 -5.02 -8.56
N PRO A 50 12.86 -4.78 -8.95
CA PRO A 50 13.65 -3.69 -8.40
C PRO A 50 13.16 -2.32 -8.85
N PRO A 51 13.67 -1.26 -8.21
CA PRO A 51 13.28 0.13 -8.53
C PRO A 51 13.81 0.57 -9.89
N PRO A 52 13.31 1.71 -10.37
CA PRO A 52 13.72 2.27 -11.66
C PRO A 52 15.15 2.80 -11.64
N SER A 53 15.74 2.85 -10.45
CA SER A 53 17.10 3.35 -10.28
C SER A 53 18.09 2.19 -10.24
N ALA A 54 18.12 1.48 -9.11
CA ALA A 54 19.03 0.35 -8.94
C ALA A 54 18.85 -0.30 -7.57
N GLN A 55 19.16 0.45 -6.52
CA GLN A 55 19.04 -0.05 -5.16
C GLN A 55 19.86 -1.33 -4.97
N PRO A 56 21.19 -1.16 -4.90
CA PRO A 56 22.12 -2.29 -4.72
C PRO A 56 22.02 -2.89 -3.32
N TRP A 57 22.45 -4.14 -3.20
CA TRP A 57 22.41 -4.84 -1.92
C TRP A 57 23.29 -4.13 -0.89
N LYS A 58 22.67 -3.28 -0.09
CA LYS A 58 23.39 -2.54 0.95
C LYS A 58 22.77 -2.76 2.32
N GLY A 59 22.11 -3.90 2.48
CA GLY A 59 21.47 -4.21 3.76
C GLY A 59 19.97 -3.99 3.72
N ASP A 60 19.21 -5.05 3.96
CA ASP A 60 17.76 -4.97 3.96
C ASP A 60 17.26 -4.33 2.67
N PRO A 61 17.42 -5.06 1.55
CA PRO A 61 16.99 -4.59 0.23
C PRO A 61 15.47 -4.55 0.10
N VAL A 62 14.78 -5.23 1.01
CA VAL A 62 13.33 -5.27 0.99
C VAL A 62 12.73 -3.88 1.15
N GLU A 63 13.50 -2.99 1.78
CA GLU A 63 13.04 -1.62 1.99
C GLU A 63 12.60 -0.97 0.68
N GLN A 64 13.20 -1.41 -0.42
CA GLN A 64 12.87 -0.87 -1.74
C GLN A 64 11.82 -1.75 -2.43
N LEU A 65 11.76 -3.02 -2.04
CA LEU A 65 10.81 -3.96 -2.62
C LEU A 65 9.43 -3.76 -2.01
N VAL A 66 9.33 -2.86 -1.05
CA VAL A 66 8.06 -2.58 -0.38
C VAL A 66 7.74 -1.09 -0.40
N ARG A 67 6.58 -0.75 -0.96
CA ARG A 67 6.14 0.63 -1.05
C ARG A 67 5.01 0.93 -0.07
N HIS A 68 5.29 1.81 0.89
CA HIS A 68 4.30 2.17 1.89
C HIS A 68 3.95 3.65 1.81
N PHE A 69 2.66 3.96 1.66
CA PHE A 69 2.20 5.33 1.55
C PHE A 69 1.03 5.59 2.50
N LEU A 70 0.91 6.82 2.97
CA LEU A 70 -0.16 7.20 3.88
C LEU A 70 -1.30 7.87 3.12
N ILE A 71 -2.52 7.36 3.33
CA ILE A 71 -3.70 7.92 2.67
C ILE A 71 -4.53 8.75 3.64
N GLU A 72 -4.98 9.91 3.18
CA GLU A 72 -5.80 10.79 4.01
C GLU A 72 -7.24 10.80 3.54
N THR A 73 -8.17 10.71 4.51
CA THR A 73 -9.59 10.71 4.19
C THR A 73 -10.32 11.83 4.90
N GLY A 74 -10.96 12.70 4.13
CA GLY A 74 -11.68 13.82 4.71
C GLY A 74 -13.05 14.02 4.08
N PRO A 75 -13.62 15.21 4.26
CA PRO A 75 -14.95 15.54 3.72
C PRO A 75 -14.94 15.68 2.20
N LYS A 76 -13.74 15.61 1.61
CA LYS A 76 -13.59 15.71 0.16
C LYS A 76 -13.31 14.34 -0.45
N GLY A 77 -13.18 13.33 0.40
CA GLY A 77 -12.90 11.99 -0.09
C GLY A 77 -11.62 11.42 0.49
N VAL A 78 -11.00 10.51 -0.26
CA VAL A 78 -9.77 9.87 0.18
C VAL A 78 -8.71 9.92 -0.91
N LYS A 79 -7.53 10.44 -0.58
CA LYS A 79 -6.44 10.54 -1.54
C LYS A 79 -5.10 10.24 -0.87
N ILE A 80 -4.24 9.52 -1.57
CA ILE A 80 -2.93 9.17 -1.06
C ILE A 80 -2.02 10.38 -0.97
N LYS A 81 -1.61 10.72 0.24
CA LYS A 81 -0.73 11.87 0.46
C LYS A 81 0.72 11.49 0.23
N GLY A 82 1.36 12.14 -0.74
CA GLY A 82 2.75 11.87 -1.04
C GLY A 82 3.02 11.82 -2.53
N CYS A 83 1.96 11.88 -3.33
CA CYS A 83 2.08 11.84 -4.78
C CYS A 83 1.63 13.16 -5.40
N PRO A 84 2.19 13.49 -6.58
CA PRO A 84 1.86 14.71 -7.30
C PRO A 84 0.45 14.70 -7.86
N SER A 85 0.00 13.52 -8.30
CA SER A 85 -1.33 13.37 -8.88
C SER A 85 -2.39 13.95 -7.94
N GLU A 86 -2.31 13.58 -6.67
CA GLU A 86 -3.26 14.07 -5.68
C GLU A 86 -4.67 13.62 -6.01
N PRO A 87 -4.96 12.33 -5.77
CA PRO A 87 -6.29 11.75 -6.04
C PRO A 87 -7.36 12.27 -5.10
N TYR A 88 -8.47 11.55 -5.00
CA TYR A 88 -9.56 11.94 -4.13
C TYR A 88 -10.80 11.07 -4.37
N PHE A 89 -10.63 9.77 -4.19
CA PHE A 89 -11.71 8.82 -4.39
C PHE A 89 -12.79 8.98 -3.31
N GLY A 90 -13.70 8.03 -3.24
CA GLY A 90 -14.78 8.09 -2.26
C GLY A 90 -14.38 7.44 -0.95
N SER A 91 -14.01 6.16 -1.01
CA SER A 91 -13.63 5.42 0.19
C SER A 91 -12.42 4.53 -0.10
N LEU A 92 -11.93 3.88 0.95
CA LEU A 92 -10.77 2.99 0.81
C LEU A 92 -11.01 1.95 -0.26
N SER A 93 -12.25 1.47 -0.35
CA SER A 93 -12.61 0.46 -1.34
C SER A 93 -12.59 1.05 -2.75
N ALA A 94 -12.98 2.31 -2.87
CA ALA A 94 -13.02 2.99 -4.15
C ALA A 94 -11.60 3.16 -4.71
N LEU A 95 -10.68 3.61 -3.85
CA LEU A 95 -9.30 3.81 -4.27
C LEU A 95 -8.58 2.48 -4.47
N VAL A 96 -8.99 1.48 -3.71
CA VAL A 96 -8.39 0.16 -3.81
C VAL A 96 -8.75 -0.52 -5.14
N SER A 97 -10.01 -0.38 -5.55
CA SER A 97 -10.49 -0.96 -6.78
C SER A 97 -9.92 -0.21 -7.99
N GLN A 98 -9.85 1.10 -7.87
CA GLN A 98 -9.33 1.94 -8.96
C GLN A 98 -7.82 1.80 -9.07
N HIS A 99 -7.17 1.53 -7.95
CA HIS A 99 -5.72 1.37 -7.92
C HIS A 99 -5.31 0.00 -8.48
N SER A 100 -6.30 -0.81 -8.80
CA SER A 100 -6.05 -2.14 -9.34
C SER A 100 -6.05 -2.13 -10.86
N ILE A 101 -6.44 -0.99 -11.43
CA ILE A 101 -6.48 -0.83 -12.88
C ILE A 101 -5.80 0.46 -13.32
N SER A 102 -5.97 1.50 -12.52
CA SER A 102 -5.37 2.81 -12.83
C SER A 102 -4.29 3.16 -11.81
N PRO A 103 -3.11 2.55 -11.97
CA PRO A 103 -1.97 2.77 -11.08
C PRO A 103 -1.38 4.17 -11.25
N ILE A 104 -1.39 4.95 -10.17
CA ILE A 104 -0.85 6.30 -10.20
C ILE A 104 0.59 6.33 -9.71
N SER A 105 0.81 5.78 -8.52
CA SER A 105 2.15 5.74 -7.93
C SER A 105 2.50 4.33 -7.46
N LEU A 106 1.85 3.34 -8.06
CA LEU A 106 2.09 1.95 -7.71
C LEU A 106 3.00 1.28 -8.73
N PRO A 107 3.60 0.15 -8.34
CA PRO A 107 4.50 -0.61 -9.20
C PRO A 107 3.77 -1.29 -10.36
N CYS A 108 2.57 -1.78 -10.09
CA CYS A 108 1.77 -2.45 -11.11
C CYS A 108 0.37 -2.78 -10.57
N CYS A 109 -0.33 -1.75 -10.11
CA CYS A 109 -1.67 -1.93 -9.56
C CYS A 109 -1.65 -2.79 -8.31
N LEU A 110 -2.64 -2.61 -7.45
CA LEU A 110 -2.72 -3.37 -6.21
C LEU A 110 -3.68 -4.57 -6.37
N ARG A 111 -3.18 -5.76 -6.05
CA ARG A 111 -3.97 -6.97 -6.17
C ARG A 111 -4.92 -7.10 -4.97
N ILE A 112 -6.19 -7.39 -5.26
CA ILE A 112 -7.19 -7.55 -4.21
C ILE A 112 -7.70 -8.99 -4.15
N PRO A 113 -6.85 -9.87 -3.59
CA PRO A 113 -7.19 -11.29 -3.46
C PRO A 113 -8.28 -11.54 -2.42
N SER A 114 -9.53 -11.40 -2.84
CA SER A 114 -10.66 -11.59 -1.94
C SER A 114 -11.13 -13.05 -1.96
N LYS A 115 -10.78 -13.76 -3.03
CA LYS A 115 -11.15 -15.16 -3.18
C LYS A 115 -9.95 -16.02 -3.54
N MET A 1 -5.60 -17.97 -0.28
CA MET A 1 -6.95 -17.66 0.19
C MET A 1 -6.90 -16.74 1.40
N ASP A 2 -7.49 -15.56 1.26
CA ASP A 2 -7.51 -14.59 2.35
C ASP A 2 -8.53 -13.48 2.06
N THR A 3 -9.03 -12.85 3.13
CA THR A 3 -10.01 -11.78 2.99
C THR A 3 -9.47 -10.47 3.54
N SER A 4 -10.20 -9.38 3.32
CA SER A 4 -9.80 -8.06 3.79
C SER A 4 -9.64 -8.06 5.31
N LYS A 5 -10.42 -8.90 5.98
CA LYS A 5 -10.36 -8.99 7.44
C LYS A 5 -9.02 -9.55 7.89
N PHE A 6 -8.38 -10.35 7.03
CA PHE A 6 -7.09 -10.95 7.34
C PHE A 6 -5.95 -10.03 6.92
N TRP A 7 -6.22 -9.17 5.94
CA TRP A 7 -5.21 -8.24 5.44
C TRP A 7 -5.35 -6.88 6.12
N TYR A 8 -6.37 -6.74 6.95
CA TYR A 8 -6.61 -5.49 7.66
C TYR A 8 -6.37 -5.65 9.16
N LYS A 9 -5.30 -5.05 9.64
CA LYS A 9 -4.95 -5.12 11.06
C LYS A 9 -4.43 -3.78 11.57
N PRO A 10 -5.22 -3.12 12.43
CA PRO A 10 -4.85 -1.82 13.01
C PRO A 10 -3.70 -1.93 13.99
N HIS A 11 -3.67 -3.03 14.74
CA HIS A 11 -2.62 -3.25 15.73
C HIS A 11 -1.31 -3.61 15.05
N LEU A 12 -1.36 -3.82 13.74
CA LEU A 12 -0.18 -4.17 12.96
C LEU A 12 0.70 -2.94 12.72
N SER A 13 2.01 -3.14 12.78
CA SER A 13 2.96 -2.04 12.56
C SER A 13 3.45 -2.03 11.12
N ARG A 14 3.96 -0.88 10.69
CA ARG A 14 4.47 -0.74 9.33
C ARG A 14 5.53 -1.79 9.03
N ASP A 15 6.48 -1.95 9.94
CA ASP A 15 7.55 -2.92 9.78
C ASP A 15 6.98 -4.33 9.59
N GLN A 16 5.96 -4.66 10.37
CA GLN A 16 5.33 -5.97 10.29
C GLN A 16 4.70 -6.18 8.92
N ALA A 17 4.05 -5.14 8.41
CA ALA A 17 3.39 -5.21 7.11
C ALA A 17 4.41 -5.42 5.99
N ILE A 18 5.54 -4.74 6.09
CA ILE A 18 6.60 -4.87 5.10
C ILE A 18 7.19 -6.27 5.09
N ALA A 19 7.41 -6.83 6.28
CA ALA A 19 7.96 -8.17 6.42
C ALA A 19 7.00 -9.21 5.90
N LEU A 20 5.71 -8.99 6.12
CA LEU A 20 4.68 -9.93 5.67
C LEU A 20 4.50 -9.86 4.16
N LEU A 21 4.74 -8.68 3.60
CA LEU A 21 4.60 -8.47 2.16
C LEU A 21 5.79 -9.06 1.42
N LYS A 22 6.98 -8.93 2.02
CA LYS A 22 8.20 -9.45 1.42
C LYS A 22 8.32 -10.95 1.65
N ASP A 23 7.36 -11.52 2.35
CA ASP A 23 7.36 -12.95 2.64
C ASP A 23 6.28 -13.67 1.84
N LYS A 24 5.39 -12.89 1.22
CA LYS A 24 4.31 -13.46 0.43
C LYS A 24 4.49 -13.13 -1.05
N ASP A 25 3.47 -13.41 -1.85
CA ASP A 25 3.51 -13.14 -3.28
C ASP A 25 3.42 -11.65 -3.55
N PRO A 26 3.93 -11.22 -4.72
CA PRO A 26 3.91 -9.82 -5.13
C PRO A 26 2.51 -9.32 -5.45
N GLY A 27 2.30 -8.01 -5.33
CA GLY A 27 1.00 -7.43 -5.61
C GLY A 27 0.11 -7.37 -4.39
N ALA A 28 0.46 -8.16 -3.36
CA ALA A 28 -0.32 -8.19 -2.13
C ALA A 28 -0.16 -6.89 -1.34
N PHE A 29 -1.20 -6.52 -0.61
CA PHE A 29 -1.17 -5.30 0.19
C PHE A 29 -1.75 -5.54 1.58
N LEU A 30 -1.54 -4.59 2.48
CA LEU A 30 -2.05 -4.70 3.84
C LEU A 30 -2.39 -3.32 4.41
N ILE A 31 -3.39 -3.29 5.28
CA ILE A 31 -3.82 -2.03 5.90
C ILE A 31 -3.53 -2.03 7.39
N ARG A 32 -3.03 -0.90 7.90
CA ARG A 32 -2.72 -0.77 9.32
C ARG A 32 -3.20 0.58 9.86
N ASP A 33 -3.27 0.68 11.18
CA ASP A 33 -3.71 1.91 11.83
C ASP A 33 -2.63 2.98 11.74
N SER A 34 -2.97 4.11 11.10
CA SER A 34 -2.03 5.21 10.94
C SER A 34 -2.24 6.25 12.03
N HIS A 35 -1.56 6.06 13.16
CA HIS A 35 -1.67 6.99 14.28
C HIS A 35 -0.93 8.29 13.97
N SER A 36 -0.13 8.29 12.91
CA SER A 36 0.63 9.47 12.52
C SER A 36 -0.28 10.69 12.41
N PHE A 37 -1.41 10.52 11.73
CA PHE A 37 -2.36 11.61 11.55
C PHE A 37 -3.80 11.10 11.68
N GLN A 38 -4.68 11.97 12.17
CA GLN A 38 -6.08 11.61 12.35
C GLN A 38 -6.73 11.26 11.01
N GLY A 39 -7.66 10.32 11.03
CA GLY A 39 -8.34 9.91 9.82
C GLY A 39 -7.37 9.47 8.74
N ALA A 40 -6.32 8.75 9.14
CA ALA A 40 -5.33 8.26 8.19
C ALA A 40 -5.09 6.77 8.36
N TYR A 41 -4.81 6.09 7.25
CA TYR A 41 -4.57 4.66 7.28
C TYR A 41 -3.30 4.31 6.51
N GLY A 42 -2.50 3.40 7.08
CA GLY A 42 -1.27 3.00 6.44
C GLY A 42 -1.48 1.89 5.43
N LEU A 43 -1.22 2.19 4.16
CA LEU A 43 -1.38 1.21 3.10
C LEU A 43 -0.02 0.74 2.57
N ALA A 44 0.21 -0.57 2.65
CA ALA A 44 1.46 -1.14 2.18
C ALA A 44 1.23 -2.07 0.99
N LEU A 45 2.11 -1.98 0.00
CA LEU A 45 2.00 -2.81 -1.20
C LEU A 45 3.35 -3.41 -1.57
N LYS A 46 3.34 -4.65 -2.02
CA LYS A 46 4.58 -5.34 -2.41
C LYS A 46 4.74 -5.31 -3.93
N VAL A 47 5.95 -4.99 -4.37
CA VAL A 47 6.25 -4.92 -5.80
C VAL A 47 7.00 -6.16 -6.26
N ALA A 48 7.00 -6.41 -7.57
CA ALA A 48 7.68 -7.56 -8.14
C ALA A 48 9.17 -7.54 -7.81
N THR A 49 9.79 -6.38 -7.99
CA THR A 49 11.21 -6.22 -7.72
C THR A 49 11.64 -4.78 -7.90
N PRO A 50 12.79 -4.41 -7.28
CA PRO A 50 13.34 -3.07 -7.36
C PRO A 50 13.87 -2.73 -8.75
N PRO A 51 14.16 -1.44 -8.98
CA PRO A 51 14.67 -0.96 -10.26
C PRO A 51 16.10 -1.42 -10.53
N PRO A 52 16.56 -1.25 -11.77
CA PRO A 52 17.92 -1.65 -12.18
C PRO A 52 18.99 -0.75 -11.55
N SER A 53 19.30 -1.01 -10.28
CA SER A 53 20.31 -0.24 -9.58
C SER A 53 20.53 -0.80 -8.17
N ALA A 54 19.44 -0.98 -7.43
CA ALA A 54 19.51 -1.52 -6.08
C ALA A 54 20.14 -2.89 -6.06
N GLN A 55 19.78 -3.72 -7.02
CA GLN A 55 20.31 -5.08 -7.11
C GLN A 55 19.93 -5.90 -5.89
N PRO A 56 19.99 -7.23 -6.03
CA PRO A 56 19.65 -8.16 -4.94
C PRO A 56 20.68 -8.13 -3.82
N TRP A 57 20.22 -8.38 -2.60
CA TRP A 57 21.10 -8.39 -1.44
C TRP A 57 20.54 -9.27 -0.33
N LYS A 58 21.15 -9.19 0.85
CA LYS A 58 20.71 -9.99 1.99
C LYS A 58 19.71 -9.22 2.84
N GLY A 59 19.90 -7.90 2.91
CA GLY A 59 19.00 -7.07 3.70
C GLY A 59 19.37 -5.59 3.62
N ASP A 60 18.67 -4.85 2.77
CA ASP A 60 18.92 -3.43 2.60
C ASP A 60 17.98 -2.82 1.57
N PRO A 61 18.07 -3.31 0.33
CA PRO A 61 17.23 -2.83 -0.77
C PRO A 61 15.77 -3.24 -0.62
N VAL A 62 15.51 -4.16 0.32
CA VAL A 62 14.16 -4.63 0.57
C VAL A 62 13.21 -3.46 0.80
N GLU A 63 13.74 -2.38 1.37
CA GLU A 63 12.93 -1.19 1.65
C GLU A 63 12.25 -0.69 0.39
N GLN A 64 12.86 -0.94 -0.76
CA GLN A 64 12.32 -0.52 -2.03
C GLN A 64 11.31 -1.53 -2.56
N LEU A 65 11.48 -2.79 -2.16
CA LEU A 65 10.58 -3.85 -2.60
C LEU A 65 9.18 -3.65 -2.04
N VAL A 66 9.08 -2.92 -0.94
CA VAL A 66 7.79 -2.65 -0.30
C VAL A 66 7.54 -1.15 -0.19
N ARG A 67 6.42 -0.69 -0.73
CA ARG A 67 6.06 0.72 -0.69
C ARG A 67 4.88 0.96 0.24
N HIS A 68 5.11 1.71 1.31
CA HIS A 68 4.06 2.00 2.28
C HIS A 68 3.81 3.51 2.36
N PHE A 69 2.57 3.92 2.16
CA PHE A 69 2.20 5.33 2.21
C PHE A 69 0.97 5.54 3.09
N LEU A 70 0.83 6.75 3.62
CA LEU A 70 -0.29 7.08 4.48
C LEU A 70 -1.39 7.79 3.69
N ILE A 71 -2.60 7.23 3.71
CA ILE A 71 -3.72 7.81 3.00
C ILE A 71 -4.64 8.57 3.96
N GLU A 72 -5.05 9.76 3.55
CA GLU A 72 -5.94 10.59 4.37
C GLU A 72 -7.30 10.77 3.70
N THR A 73 -8.36 10.56 4.48
CA THR A 73 -9.71 10.69 3.96
C THR A 73 -10.48 11.77 4.72
N GLY A 74 -10.97 12.77 3.98
CA GLY A 74 -11.72 13.85 4.60
C GLY A 74 -12.97 14.21 3.81
N PRO A 75 -13.56 15.37 4.13
CA PRO A 75 -14.77 15.86 3.46
C PRO A 75 -14.51 16.26 2.02
N LYS A 76 -13.25 16.26 1.63
CA LYS A 76 -12.87 16.63 0.27
C LYS A 76 -12.45 15.41 -0.53
N GLY A 77 -12.50 14.24 0.10
CA GLY A 77 -12.13 13.01 -0.56
C GLY A 77 -10.94 12.33 0.09
N VAL A 78 -10.53 11.20 -0.47
CA VAL A 78 -9.39 10.46 0.08
C VAL A 78 -8.23 10.44 -0.91
N LYS A 79 -7.05 10.83 -0.43
CA LYS A 79 -5.86 10.87 -1.26
C LYS A 79 -4.71 10.12 -0.59
N ILE A 80 -3.84 9.53 -1.41
CA ILE A 80 -2.70 8.79 -0.88
C ILE A 80 -1.45 9.65 -0.84
N LYS A 81 -0.94 9.88 0.37
CA LYS A 81 0.26 10.69 0.55
C LYS A 81 1.50 9.96 0.05
N GLY A 82 2.01 10.38 -1.09
CA GLY A 82 3.20 9.76 -1.65
C GLY A 82 3.50 10.23 -3.06
N CYS A 83 2.46 10.62 -3.78
CA CYS A 83 2.61 11.09 -5.16
C CYS A 83 1.78 12.36 -5.39
N PRO A 84 2.20 13.16 -6.38
CA PRO A 84 1.52 14.41 -6.73
C PRO A 84 0.14 14.17 -7.35
N SER A 85 -0.10 12.93 -7.78
CA SER A 85 -1.37 12.58 -8.40
C SER A 85 -2.54 13.02 -7.52
N GLU A 86 -2.79 12.27 -6.45
CA GLU A 86 -3.88 12.57 -5.53
C GLU A 86 -5.18 12.78 -6.29
N PRO A 87 -5.71 11.69 -6.88
CA PRO A 87 -6.96 11.72 -7.64
C PRO A 87 -8.18 11.95 -6.75
N TYR A 88 -7.93 12.19 -5.47
CA TYR A 88 -9.01 12.43 -4.51
C TYR A 88 -10.20 11.52 -4.81
N PHE A 89 -10.12 10.27 -4.36
CA PHE A 89 -11.19 9.31 -4.57
C PHE A 89 -12.31 9.52 -3.57
N GLY A 90 -13.31 8.64 -3.61
CA GLY A 90 -14.44 8.75 -2.71
C GLY A 90 -14.13 8.19 -1.33
N SER A 91 -13.79 6.90 -1.29
CA SER A 91 -13.49 6.23 -0.03
C SER A 91 -12.36 5.22 -0.21
N LEU A 92 -11.89 4.66 0.89
CA LEU A 92 -10.81 3.68 0.86
C LEU A 92 -11.14 2.54 -0.12
N SER A 93 -12.40 2.15 -0.16
CA SER A 93 -12.85 1.08 -1.03
C SER A 93 -12.80 1.53 -2.49
N ALA A 94 -13.10 2.80 -2.72
CA ALA A 94 -13.09 3.36 -4.07
C ALA A 94 -11.68 3.37 -4.65
N LEU A 95 -10.72 3.83 -3.85
CA LEU A 95 -9.33 3.90 -4.28
C LEU A 95 -8.71 2.50 -4.36
N VAL A 96 -9.19 1.60 -3.52
CA VAL A 96 -8.69 0.23 -3.50
C VAL A 96 -9.12 -0.53 -4.74
N SER A 97 -10.38 -0.35 -5.13
CA SER A 97 -10.92 -1.03 -6.30
C SER A 97 -10.35 -0.43 -7.59
N GLN A 98 -10.19 0.90 -7.60
CA GLN A 98 -9.66 1.59 -8.77
C GLN A 98 -8.16 1.33 -8.91
N HIS A 99 -7.49 1.09 -7.79
CA HIS A 99 -6.06 0.82 -7.80
C HIS A 99 -5.76 -0.50 -8.50
N SER A 100 -6.80 -1.29 -8.76
CA SER A 100 -6.65 -2.57 -9.42
C SER A 100 -6.62 -2.41 -10.93
N ILE A 101 -6.87 -1.19 -11.39
CA ILE A 101 -6.87 -0.90 -12.82
C ILE A 101 -6.00 0.32 -13.13
N SER A 102 -6.14 1.36 -12.31
CA SER A 102 -5.37 2.58 -12.50
C SER A 102 -4.37 2.78 -11.36
N PRO A 103 -3.25 2.05 -11.42
CA PRO A 103 -2.20 2.12 -10.40
C PRO A 103 -1.44 3.45 -10.44
N ILE A 104 -1.80 4.36 -9.54
CA ILE A 104 -1.15 5.67 -9.49
C ILE A 104 0.32 5.53 -9.12
N SER A 105 0.59 5.00 -7.93
CA SER A 105 1.95 4.82 -7.47
C SER A 105 2.27 3.34 -7.25
N LEU A 106 1.51 2.48 -7.93
CA LEU A 106 1.71 1.04 -7.82
C LEU A 106 2.48 0.50 -9.02
N PRO A 107 3.13 -0.66 -8.84
CA PRO A 107 3.90 -1.31 -9.89
C PRO A 107 3.02 -1.87 -11.00
N CYS A 108 1.98 -2.61 -10.61
CA CYS A 108 1.07 -3.21 -11.56
C CYS A 108 -0.30 -3.46 -10.93
N CYS A 109 -0.91 -2.40 -10.44
CA CYS A 109 -2.22 -2.50 -9.80
C CYS A 109 -2.14 -3.33 -8.53
N LEU A 110 -3.05 -3.07 -7.60
CA LEU A 110 -3.08 -3.80 -6.33
C LEU A 110 -3.86 -5.11 -6.47
N ARG A 111 -3.44 -6.11 -5.71
CA ARG A 111 -4.09 -7.41 -5.75
C ARG A 111 -5.18 -7.51 -4.68
N ILE A 112 -6.44 -7.56 -5.12
CA ILE A 112 -7.56 -7.65 -4.21
C ILE A 112 -7.77 -9.08 -3.73
N PRO A 113 -7.95 -9.25 -2.40
CA PRO A 113 -8.17 -10.56 -1.79
C PRO A 113 -9.52 -11.15 -2.15
N SER A 114 -9.87 -12.26 -1.49
CA SER A 114 -11.15 -12.92 -1.75
C SER A 114 -12.25 -12.31 -0.89
N LYS A 115 -12.40 -10.99 -0.96
CA LYS A 115 -13.42 -10.29 -0.20
C LYS A 115 -13.67 -8.90 -0.78
N MET A 1 -6.76 -17.83 -0.01
CA MET A 1 -5.46 -17.61 0.60
C MET A 1 -5.31 -16.17 1.07
N ASP A 2 -6.04 -15.27 0.41
CA ASP A 2 -5.99 -13.85 0.76
C ASP A 2 -7.28 -13.42 1.46
N THR A 3 -7.21 -13.24 2.77
CA THR A 3 -8.37 -12.83 3.55
C THR A 3 -8.24 -11.38 4.02
N SER A 4 -9.35 -10.66 4.01
CA SER A 4 -9.35 -9.26 4.43
C SER A 4 -9.03 -9.14 5.91
N LYS A 5 -9.58 -10.05 6.71
CA LYS A 5 -9.35 -10.05 8.15
C LYS A 5 -7.90 -10.35 8.47
N PHE A 6 -7.24 -11.09 7.59
CA PHE A 6 -5.84 -11.45 7.78
C PHE A 6 -4.93 -10.36 7.22
N TRP A 7 -5.40 -9.66 6.20
CA TRP A 7 -4.63 -8.59 5.57
C TRP A 7 -4.92 -7.25 6.24
N TYR A 8 -5.87 -7.25 7.16
CA TYR A 8 -6.24 -6.02 7.87
C TYR A 8 -5.88 -6.13 9.34
N LYS A 9 -4.89 -5.36 9.76
CA LYS A 9 -4.45 -5.36 11.15
C LYS A 9 -4.12 -3.95 11.61
N PRO A 10 -4.95 -3.41 12.52
CA PRO A 10 -4.76 -2.06 13.08
C PRO A 10 -3.55 -1.97 13.99
N HIS A 11 -3.29 -3.04 14.74
CA HIS A 11 -2.15 -3.07 15.65
C HIS A 11 -0.86 -3.34 14.89
N LEU A 12 -0.98 -3.98 13.73
CA LEU A 12 0.19 -4.30 12.91
C LEU A 12 1.00 -3.04 12.61
N SER A 13 2.24 -3.03 13.07
CA SER A 13 3.12 -1.88 12.85
C SER A 13 3.61 -1.85 11.41
N ARG A 14 4.13 -0.69 10.99
CA ARG A 14 4.64 -0.53 9.63
C ARG A 14 5.70 -1.58 9.32
N ASP A 15 6.66 -1.73 10.23
CA ASP A 15 7.74 -2.70 10.06
C ASP A 15 7.18 -4.10 9.86
N GLN A 16 6.16 -4.45 10.65
CA GLN A 16 5.55 -5.76 10.56
C GLN A 16 4.90 -5.97 9.18
N ALA A 17 4.25 -4.92 8.69
CA ALA A 17 3.59 -4.99 7.39
C ALA A 17 4.61 -5.20 6.26
N ILE A 18 5.74 -4.52 6.36
CA ILE A 18 6.79 -4.63 5.35
C ILE A 18 7.38 -6.04 5.34
N ALA A 19 7.60 -6.59 6.53
CA ALA A 19 8.17 -7.92 6.67
C ALA A 19 7.20 -8.99 6.16
N LEU A 20 5.91 -8.76 6.38
CA LEU A 20 4.88 -9.68 5.95
C LEU A 20 4.70 -9.63 4.43
N LEU A 21 4.93 -8.46 3.85
CA LEU A 21 4.80 -8.27 2.42
C LEU A 21 5.99 -8.87 1.67
N LYS A 22 7.18 -8.67 2.24
CA LYS A 22 8.40 -9.19 1.63
C LYS A 22 8.49 -10.71 1.82
N ASP A 23 7.58 -11.26 2.60
CA ASP A 23 7.56 -12.70 2.86
C ASP A 23 6.36 -13.35 2.18
N LYS A 24 5.58 -12.55 1.48
CA LYS A 24 4.40 -13.05 0.78
C LYS A 24 4.54 -12.87 -0.73
N ASP A 25 3.50 -13.26 -1.46
CA ASP A 25 3.51 -13.14 -2.92
C ASP A 25 3.38 -11.68 -3.34
N PRO A 26 3.92 -11.36 -4.54
CA PRO A 26 3.89 -10.00 -5.08
C PRO A 26 2.48 -9.58 -5.49
N GLY A 27 2.23 -8.27 -5.47
CA GLY A 27 0.92 -7.76 -5.84
C GLY A 27 -0.04 -7.71 -4.66
N ALA A 28 0.34 -8.36 -3.56
CA ALA A 28 -0.49 -8.39 -2.37
C ALA A 28 -0.43 -7.06 -1.62
N PHE A 29 -1.52 -6.72 -0.95
CA PHE A 29 -1.59 -5.47 -0.20
C PHE A 29 -2.23 -5.70 1.18
N LEU A 30 -2.00 -4.77 2.09
CA LEU A 30 -2.54 -4.88 3.44
C LEU A 30 -2.88 -3.49 3.99
N ILE A 31 -3.68 -3.46 5.05
CA ILE A 31 -4.07 -2.20 5.68
C ILE A 31 -3.78 -2.23 7.18
N ARG A 32 -3.30 -1.10 7.71
CA ARG A 32 -2.99 -0.99 9.12
C ARG A 32 -3.38 0.38 9.66
N ASP A 33 -3.43 0.50 10.98
CA ASP A 33 -3.80 1.76 11.62
C ASP A 33 -2.69 2.79 11.44
N SER A 34 -3.04 3.91 10.79
CA SER A 34 -2.07 4.97 10.55
C SER A 34 -2.00 5.93 11.74
N HIS A 35 -1.12 5.62 12.68
CA HIS A 35 -0.95 6.44 13.87
C HIS A 35 -0.31 7.79 13.51
N SER A 36 0.19 7.89 12.29
CA SER A 36 0.83 9.11 11.82
C SER A 36 -0.07 10.32 12.05
N PHE A 37 -1.28 10.26 11.47
CA PHE A 37 -2.24 11.34 11.60
C PHE A 37 -3.65 10.79 11.79
N GLN A 38 -4.54 11.62 12.34
CA GLN A 38 -5.92 11.22 12.56
C GLN A 38 -6.65 11.01 11.25
N GLY A 39 -7.56 10.04 11.24
CA GLY A 39 -8.32 9.74 10.03
C GLY A 39 -7.44 9.34 8.88
N ALA A 40 -6.40 8.55 9.17
CA ALA A 40 -5.47 8.09 8.15
C ALA A 40 -5.30 6.57 8.21
N TYR A 41 -5.05 5.97 7.06
CA TYR A 41 -4.87 4.51 6.98
C TYR A 41 -3.57 4.17 6.27
N GLY A 42 -2.80 3.26 6.86
CA GLY A 42 -1.53 2.86 6.28
C GLY A 42 -1.69 1.71 5.30
N LEU A 43 -1.50 2.00 4.02
CA LEU A 43 -1.62 0.98 2.98
C LEU A 43 -0.25 0.45 2.57
N ALA A 44 -0.12 -0.87 2.50
CA ALA A 44 1.13 -1.49 2.12
C ALA A 44 0.97 -2.30 0.84
N LEU A 45 1.93 -2.16 -0.08
CA LEU A 45 1.90 -2.87 -1.35
C LEU A 45 3.23 -3.57 -1.61
N LYS A 46 3.16 -4.84 -2.00
CA LYS A 46 4.36 -5.61 -2.29
C LYS A 46 4.63 -5.65 -3.79
N VAL A 47 5.87 -5.43 -4.17
CA VAL A 47 6.26 -5.45 -5.57
C VAL A 47 6.80 -6.82 -5.98
N ALA A 48 6.84 -7.06 -7.29
CA ALA A 48 7.32 -8.34 -7.81
C ALA A 48 8.71 -8.17 -8.43
N THR A 49 9.40 -7.10 -8.05
CA THR A 49 10.73 -6.83 -8.57
C THR A 49 11.29 -5.53 -8.01
N PRO A 50 12.62 -5.48 -7.83
CA PRO A 50 13.30 -4.29 -7.30
C PRO A 50 13.29 -3.12 -8.28
N PRO A 51 13.66 -1.94 -7.79
CA PRO A 51 13.71 -0.72 -8.60
C PRO A 51 14.83 -0.76 -9.63
N PRO A 52 14.79 0.19 -10.60
CA PRO A 52 15.80 0.28 -11.65
C PRO A 52 17.15 0.75 -11.12
N SER A 53 17.91 -0.19 -10.57
CA SER A 53 19.23 0.12 -10.01
C SER A 53 19.90 -1.15 -9.46
N ALA A 54 19.27 -1.73 -8.45
CA ALA A 54 19.81 -2.94 -7.83
C ALA A 54 21.24 -2.74 -7.36
N GLN A 55 21.42 -1.84 -6.40
CA GLN A 55 22.74 -1.55 -5.86
C GLN A 55 22.67 -0.49 -4.77
N PRO A 56 22.19 0.71 -5.14
CA PRO A 56 22.06 1.84 -4.21
C PRO A 56 20.96 1.61 -3.18
N TRP A 57 21.07 2.30 -2.04
CA TRP A 57 20.08 2.17 -0.98
C TRP A 57 19.37 3.49 -0.73
N LYS A 58 18.11 3.57 -1.15
CA LYS A 58 17.31 4.78 -0.97
C LYS A 58 16.34 4.62 0.19
N GLY A 59 16.88 4.64 1.41
CA GLY A 59 16.04 4.50 2.59
C GLY A 59 16.24 3.18 3.29
N ASP A 60 16.03 2.09 2.57
CA ASP A 60 16.20 0.75 3.14
C ASP A 60 16.20 -0.31 2.04
N PRO A 61 16.74 -1.50 2.37
CA PRO A 61 16.81 -2.61 1.42
C PRO A 61 15.45 -3.21 1.11
N VAL A 62 14.67 -3.47 2.16
CA VAL A 62 13.34 -4.05 1.99
C VAL A 62 12.34 -2.99 1.54
N GLU A 63 12.62 -1.73 1.88
CA GLU A 63 11.75 -0.62 1.51
C GLU A 63 11.54 -0.59 0.00
N GLN A 64 12.51 -1.12 -0.75
CA GLN A 64 12.42 -1.14 -2.20
C GLN A 64 11.46 -2.22 -2.68
N LEU A 65 11.28 -3.25 -1.86
CA LEU A 65 10.39 -4.35 -2.19
C LEU A 65 8.98 -4.10 -1.67
N VAL A 66 8.90 -3.37 -0.57
CA VAL A 66 7.61 -3.04 0.04
C VAL A 66 7.41 -1.53 0.13
N ARG A 67 6.32 -1.04 -0.46
CA ARG A 67 6.02 0.39 -0.45
C ARG A 67 4.83 0.68 0.46
N HIS A 68 5.07 1.49 1.49
CA HIS A 68 4.02 1.85 2.43
C HIS A 68 3.68 3.33 2.33
N PHE A 69 2.41 3.64 2.12
CA PHE A 69 1.96 5.02 2.00
C PHE A 69 0.75 5.29 2.90
N LEU A 70 0.67 6.49 3.43
CA LEU A 70 -0.44 6.87 4.31
C LEU A 70 -1.51 7.65 3.53
N ILE A 71 -2.73 7.13 3.55
CA ILE A 71 -3.84 7.78 2.85
C ILE A 71 -4.73 8.54 3.83
N GLU A 72 -5.11 9.75 3.45
CA GLU A 72 -5.97 10.58 4.30
C GLU A 72 -7.34 10.80 3.64
N THR A 73 -8.39 10.61 4.41
CA THR A 73 -9.75 10.78 3.91
C THR A 73 -10.49 11.87 4.67
N GLY A 74 -11.12 12.79 3.94
CA GLY A 74 -11.85 13.87 4.56
C GLY A 74 -13.10 14.24 3.78
N PRO A 75 -13.70 15.40 4.14
CA PRO A 75 -14.92 15.89 3.49
C PRO A 75 -14.66 16.35 2.06
N LYS A 76 -13.39 16.39 1.67
CA LYS A 76 -13.00 16.81 0.33
C LYS A 76 -12.55 15.61 -0.50
N GLY A 77 -12.61 14.42 0.09
CA GLY A 77 -12.19 13.22 -0.62
C GLY A 77 -11.01 12.55 0.04
N VAL A 78 -10.61 11.40 -0.51
CA VAL A 78 -9.48 10.65 0.03
C VAL A 78 -8.32 10.62 -0.95
N LYS A 79 -7.13 10.97 -0.48
CA LYS A 79 -5.94 10.98 -1.32
C LYS A 79 -4.81 10.20 -0.67
N ILE A 80 -4.00 9.53 -1.49
CA ILE A 80 -2.89 8.75 -1.00
C ILE A 80 -1.61 9.57 -0.96
N LYS A 81 -1.05 9.76 0.22
CA LYS A 81 0.19 10.52 0.39
C LYS A 81 1.38 9.76 -0.17
N GLY A 82 1.93 10.27 -1.27
CA GLY A 82 3.07 9.63 -1.90
C GLY A 82 3.37 10.19 -3.28
N CYS A 83 2.34 10.70 -3.94
CA CYS A 83 2.50 11.26 -5.28
C CYS A 83 1.68 12.54 -5.43
N PRO A 84 2.09 13.40 -6.37
CA PRO A 84 1.41 14.67 -6.64
C PRO A 84 0.04 14.47 -7.29
N SER A 85 -0.22 13.25 -7.73
CA SER A 85 -1.49 12.92 -8.38
C SER A 85 -2.67 13.35 -7.50
N GLU A 86 -2.91 12.59 -6.44
CA GLU A 86 -4.01 12.89 -5.53
C GLU A 86 -5.31 13.09 -6.29
N PRO A 87 -5.83 12.00 -6.88
CA PRO A 87 -7.07 12.04 -7.65
C PRO A 87 -8.30 12.24 -6.77
N TYR A 88 -8.05 12.46 -5.48
CA TYR A 88 -9.14 12.67 -4.52
C TYR A 88 -10.32 11.76 -4.83
N PHE A 89 -10.23 10.51 -4.41
CA PHE A 89 -11.29 9.54 -4.64
C PHE A 89 -12.44 9.74 -3.64
N GLY A 90 -13.45 8.88 -3.74
CA GLY A 90 -14.59 8.98 -2.84
C GLY A 90 -14.27 8.47 -1.45
N SER A 91 -13.94 7.19 -1.36
CA SER A 91 -13.62 6.57 -0.08
C SER A 91 -12.51 5.53 -0.23
N LEU A 92 -12.14 4.91 0.88
CA LEU A 92 -11.10 3.89 0.87
C LEU A 92 -11.39 2.82 -0.18
N SER A 93 -12.66 2.51 -0.36
CA SER A 93 -13.07 1.51 -1.34
C SER A 93 -12.86 2.00 -2.77
N ALA A 94 -13.06 3.31 -2.96
CA ALA A 94 -12.87 3.91 -4.28
C ALA A 94 -11.41 3.87 -4.70
N LEU A 95 -10.52 4.24 -3.78
CA LEU A 95 -9.09 4.26 -4.07
C LEU A 95 -8.54 2.84 -4.15
N VAL A 96 -9.16 1.92 -3.40
CA VAL A 96 -8.72 0.53 -3.39
C VAL A 96 -9.05 -0.15 -4.71
N SER A 97 -10.25 0.11 -5.23
CA SER A 97 -10.68 -0.47 -6.49
C SER A 97 -9.94 0.14 -7.67
N GLN A 98 -9.70 1.44 -7.59
CA GLN A 98 -8.99 2.16 -8.65
C GLN A 98 -7.50 1.82 -8.64
N HIS A 99 -6.98 1.51 -7.45
CA HIS A 99 -5.57 1.17 -7.30
C HIS A 99 -5.28 -0.22 -7.89
N SER A 100 -6.34 -0.93 -8.24
CA SER A 100 -6.20 -2.27 -8.81
C SER A 100 -6.12 -2.21 -10.33
N ILE A 101 -6.31 -1.01 -10.88
CA ILE A 101 -6.25 -0.81 -12.32
C ILE A 101 -5.29 0.32 -12.68
N SER A 102 -5.29 1.37 -11.87
CA SER A 102 -4.43 2.52 -12.11
C SER A 102 -3.52 2.78 -10.90
N PRO A 103 -2.46 1.97 -10.77
CA PRO A 103 -1.50 2.09 -9.68
C PRO A 103 -0.65 3.36 -9.78
N ILE A 104 -1.18 4.46 -9.25
CA ILE A 104 -0.47 5.73 -9.28
C ILE A 104 0.54 5.83 -8.14
N SER A 105 0.03 5.96 -6.92
CA SER A 105 0.88 6.06 -5.74
C SER A 105 1.65 4.77 -5.51
N LEU A 106 1.11 3.67 -6.04
CA LEU A 106 1.75 2.36 -5.89
C LEU A 106 2.53 1.99 -7.15
N PRO A 107 3.53 1.11 -6.98
CA PRO A 107 4.36 0.64 -8.10
C PRO A 107 3.60 -0.25 -9.07
N CYS A 108 2.68 -1.05 -8.53
CA CYS A 108 1.89 -1.95 -9.36
C CYS A 108 0.47 -2.09 -8.80
N CYS A 109 -0.49 -2.30 -9.69
CA CYS A 109 -1.88 -2.45 -9.28
C CYS A 109 -2.03 -3.48 -8.17
N LEU A 110 -2.93 -3.22 -7.24
CA LEU A 110 -3.15 -4.13 -6.12
C LEU A 110 -4.05 -5.29 -6.54
N ARG A 111 -3.69 -6.49 -6.12
CA ARG A 111 -4.47 -7.69 -6.46
C ARG A 111 -5.65 -7.85 -5.50
N ILE A 112 -6.82 -8.14 -6.07
CA ILE A 112 -8.03 -8.32 -5.28
C ILE A 112 -8.37 -7.06 -4.49
N PRO A 113 -8.96 -6.07 -5.18
CA PRO A 113 -9.35 -4.80 -4.57
C PRO A 113 -10.52 -4.95 -3.60
N SER A 114 -11.55 -5.64 -4.04
CA SER A 114 -12.73 -5.86 -3.20
C SER A 114 -12.73 -7.26 -2.62
N LYS A 115 -13.04 -8.25 -3.44
CA LYS A 115 -13.07 -9.64 -3.01
C LYS A 115 -12.50 -10.56 -4.08
#